data_2QSK
# 
_entry.id   2QSK 
# 
_audit_conform.dict_name       mmcif_pdbx.dic 
_audit_conform.dict_version    5.397 
_audit_conform.dict_location   http://mmcif.pdb.org/dictionaries/ascii/mmcif_pdbx.dic 
# 
loop_
_database_2.database_id 
_database_2.database_code 
_database_2.pdbx_database_accession 
_database_2.pdbx_DOI 
PDB   2QSK         pdb_00002qsk 10.2210/pdb2qsk/pdb 
RCSB  RCSB044001   ?            ?                   
WWPDB D_1000044001 ?            ?                   
# 
loop_
_pdbx_audit_revision_history.ordinal 
_pdbx_audit_revision_history.data_content_type 
_pdbx_audit_revision_history.major_revision 
_pdbx_audit_revision_history.minor_revision 
_pdbx_audit_revision_history.revision_date 
1 'Structure model' 1 0 2007-11-27 
2 'Structure model' 1 1 2011-07-13 
3 'Structure model' 1 2 2017-10-25 
4 'Structure model' 1 3 2023-08-30 
5 'Structure model' 1 4 2024-10-30 
# 
_pdbx_audit_revision_details.ordinal             1 
_pdbx_audit_revision_details.revision_ordinal    1 
_pdbx_audit_revision_details.data_content_type   'Structure model' 
_pdbx_audit_revision_details.provider            repository 
_pdbx_audit_revision_details.type                'Initial release' 
_pdbx_audit_revision_details.description         ? 
_pdbx_audit_revision_details.details             ? 
# 
loop_
_pdbx_audit_revision_group.ordinal 
_pdbx_audit_revision_group.revision_ordinal 
_pdbx_audit_revision_group.data_content_type 
_pdbx_audit_revision_group.group 
1 2 'Structure model' 'Non-polymer description'   
2 2 'Structure model' 'Version format compliance' 
3 3 'Structure model' 'Refinement description'    
4 4 'Structure model' 'Data collection'           
5 4 'Structure model' 'Database references'       
6 4 'Structure model' 'Derived calculations'      
7 4 'Structure model' 'Refinement description'    
8 5 'Structure model' 'Structure summary'         
# 
loop_
_pdbx_audit_revision_category.ordinal 
_pdbx_audit_revision_category.revision_ordinal 
_pdbx_audit_revision_category.data_content_type 
_pdbx_audit_revision_category.category 
1 3 'Structure model' software                      
2 4 'Structure model' chem_comp_atom                
3 4 'Structure model' chem_comp_bond                
4 4 'Structure model' database_2                    
5 4 'Structure model' pdbx_initial_refinement_model 
6 4 'Structure model' struct_site                   
7 5 'Structure model' pdbx_entry_details            
8 5 'Structure model' pdbx_modification_feature     
# 
loop_
_pdbx_audit_revision_item.ordinal 
_pdbx_audit_revision_item.revision_ordinal 
_pdbx_audit_revision_item.data_content_type 
_pdbx_audit_revision_item.item 
1 4 'Structure model' '_database_2.pdbx_DOI'                
2 4 'Structure model' '_database_2.pdbx_database_accession' 
3 4 'Structure model' '_struct_site.pdbx_auth_asym_id'      
4 4 'Structure model' '_struct_site.pdbx_auth_comp_id'      
5 4 'Structure model' '_struct_site.pdbx_auth_seq_id'       
# 
_pdbx_database_status.entry_id                        2QSK 
_pdbx_database_status.deposit_site                    RCSB 
_pdbx_database_status.process_site                    RCSB 
_pdbx_database_status.recvd_initial_deposition_date   2007-07-31 
_pdbx_database_status.status_code                     REL 
_pdbx_database_status.status_code_sf                  REL 
_pdbx_database_status.status_code_mr                  ? 
_pdbx_database_status.SG_entry                        ? 
_pdbx_database_status.pdb_format_compatible           Y 
_pdbx_database_status.status_code_cs                  ? 
_pdbx_database_status.methods_development_category    ? 
_pdbx_database_status.status_code_nmr_data            ? 
# 
_pdbx_database_related.db_name        PDB 
_pdbx_database_related.db_id          2QT4 
_pdbx_database_related.details        'Atomic-resolution crystal structure of the natural form of scytovirin' 
_pdbx_database_related.content_type   unspecified 
# 
loop_
_audit_author.name 
_audit_author.pdbx_ordinal 
'Moulaei, T.'      1 
'Botos, I.'        2 
'Ziolkowska, N.E.' 3 
'Dauter, Z.'       4 
'Wlodawer, A.'     5 
# 
_citation.id                        primary 
_citation.title                     'Atomic-resolution crystal structure of the antiviral lectin scytovirin.' 
_citation.journal_abbrev            'Protein Sci.' 
_citation.journal_volume            16 
_citation.page_first                2756 
_citation.page_last                 2760 
_citation.year                      2007 
_citation.journal_id_ASTM           PRCIEI 
_citation.country                   US 
_citation.journal_id_ISSN           0961-8368 
_citation.journal_id_CSD            0795 
_citation.book_publisher            ? 
_citation.pdbx_database_id_PubMed   17965185 
_citation.pdbx_database_id_DOI      10.1110/ps.073157507 
# 
loop_
_citation_author.citation_id 
_citation_author.name 
_citation_author.ordinal 
_citation_author.identifier_ORCID 
primary 'Moulaei, T.'      1 ? 
primary 'Botos, I.'        2 ? 
primary 'Ziolkowska, N.E.' 3 ? 
primary 'Bokesch, H.R.'    4 ? 
primary 'Krumpe, L.R.'     5 ? 
primary 'McKee, T.C.'      6 ? 
primary 
;O'Keefe, B.R.
;
7 ? 
primary 'Dauter, Z.'       8 ? 
primary 'Wlodawer, A.'     9 ? 
# 
loop_
_entity.id 
_entity.type 
_entity.src_method 
_entity.pdbx_description 
_entity.formula_weight 
_entity.pdbx_number_of_molecules 
_entity.pdbx_ec 
_entity.pdbx_mutation 
_entity.pdbx_fragment 
_entity.details 
1 polymer     man scytovirin     9733.502 1   ? ? ? ? 
2 non-polymer syn 'CHLORIDE ION' 35.453   3   ? ? ? ? 
3 non-polymer syn GLYCEROL       92.094   1   ? ? ? ? 
4 water       nat water          18.015   129 ? ? ? ? 
# 
_entity_poly.entity_id                      1 
_entity_poly.type                           'polypeptide(L)' 
_entity_poly.nstd_linkage                   no 
_entity_poly.nstd_monomer                   no 
_entity_poly.pdbx_seq_one_letter_code       
;GSGPTYCWNEANNPGGPNRCSNNKQCDGARTCSSSGFCQGTSRKPDPGPKGPTYCWDEAKNPGGPNRCSNSKQCDGARTC
SSSGFCQGTAGHAAA
;
_entity_poly.pdbx_seq_one_letter_code_can   
;GSGPTYCWNEANNPGGPNRCSNNKQCDGARTCSSSGFCQGTSRKPDPGPKGPTYCWDEAKNPGGPNRCSNSKQCDGARTC
SSSGFCQGTAGHAAA
;
_entity_poly.pdbx_strand_id                 A 
_entity_poly.pdbx_target_identifier         ? 
# 
loop_
_pdbx_entity_nonpoly.entity_id 
_pdbx_entity_nonpoly.name 
_pdbx_entity_nonpoly.comp_id 
2 'CHLORIDE ION' CL  
3 GLYCEROL       GOL 
4 water          HOH 
# 
loop_
_entity_poly_seq.entity_id 
_entity_poly_seq.num 
_entity_poly_seq.mon_id 
_entity_poly_seq.hetero 
1 1  GLY n 
1 2  SER n 
1 3  GLY n 
1 4  PRO n 
1 5  THR n 
1 6  TYR n 
1 7  CYS n 
1 8  TRP n 
1 9  ASN n 
1 10 GLU n 
1 11 ALA n 
1 12 ASN n 
1 13 ASN n 
1 14 PRO n 
1 15 GLY n 
1 16 GLY n 
1 17 PRO n 
1 18 ASN n 
1 19 ARG n 
1 20 CYS n 
1 21 SER n 
1 22 ASN n 
1 23 ASN n 
1 24 LYS n 
1 25 GLN n 
1 26 CYS n 
1 27 ASP n 
1 28 GLY n 
1 29 ALA n 
1 30 ARG n 
1 31 THR n 
1 32 CYS n 
1 33 SER n 
1 34 SER n 
1 35 SER n 
1 36 GLY n 
1 37 PHE n 
1 38 CYS n 
1 39 GLN n 
1 40 GLY n 
1 41 THR n 
1 42 SER n 
1 43 ARG n 
1 44 LYS n 
1 45 PRO n 
1 46 ASP n 
1 47 PRO n 
1 48 GLY n 
1 49 PRO n 
1 50 LYS n 
1 51 GLY n 
1 52 PRO n 
1 53 THR n 
1 54 TYR n 
1 55 CYS n 
1 56 TRP n 
1 57 ASP n 
1 58 GLU n 
1 59 ALA n 
1 60 LYS n 
1 61 ASN n 
1 62 PRO n 
1 63 GLY n 
1 64 GLY n 
1 65 PRO n 
1 66 ASN n 
1 67 ARG n 
1 68 CYS n 
1 69 SER n 
1 70 ASN n 
1 71 SER n 
1 72 LYS n 
1 73 GLN n 
1 74 CYS n 
1 75 ASP n 
1 76 GLY n 
1 77 ALA n 
1 78 ARG n 
1 79 THR n 
1 80 CYS n 
1 81 SER n 
1 82 SER n 
1 83 SER n 
1 84 GLY n 
1 85 PHE n 
1 86 CYS n 
1 87 GLN n 
1 88 GLY n 
1 89 THR n 
1 90 ALA n 
1 91 GLY n 
1 92 HIS n 
1 93 ALA n 
1 94 ALA n 
1 95 ALA n 
# 
_entity_src_gen.entity_id                          1 
_entity_src_gen.pdbx_src_id                        1 
_entity_src_gen.pdbx_alt_source_flag               sample 
_entity_src_gen.pdbx_seq_type                      ? 
_entity_src_gen.pdbx_beg_seq_num                   ? 
_entity_src_gen.pdbx_end_seq_num                   ? 
_entity_src_gen.gene_src_common_name               ? 
_entity_src_gen.gene_src_genus                     Scytonema 
_entity_src_gen.pdbx_gene_src_gene                 ? 
_entity_src_gen.gene_src_species                   ? 
_entity_src_gen.gene_src_strain                    ? 
_entity_src_gen.gene_src_tissue                    ? 
_entity_src_gen.gene_src_tissue_fraction           ? 
_entity_src_gen.gene_src_details                   ? 
_entity_src_gen.pdbx_gene_src_fragment             ? 
_entity_src_gen.pdbx_gene_src_scientific_name      'Scytonema varium' 
_entity_src_gen.pdbx_gene_src_ncbi_taxonomy_id     423208 
_entity_src_gen.pdbx_gene_src_variant              ? 
_entity_src_gen.pdbx_gene_src_cell_line            ? 
_entity_src_gen.pdbx_gene_src_atcc                 ? 
_entity_src_gen.pdbx_gene_src_organ                ? 
_entity_src_gen.pdbx_gene_src_organelle            ? 
_entity_src_gen.pdbx_gene_src_cell                 ? 
_entity_src_gen.pdbx_gene_src_cellular_location    ? 
_entity_src_gen.host_org_common_name               ? 
_entity_src_gen.pdbx_host_org_scientific_name      'Escherichia coli' 
_entity_src_gen.pdbx_host_org_ncbi_taxonomy_id     562 
_entity_src_gen.host_org_genus                     Escherichia 
_entity_src_gen.pdbx_host_org_gene                 ? 
_entity_src_gen.pdbx_host_org_organ                ? 
_entity_src_gen.host_org_species                   ? 
_entity_src_gen.pdbx_host_org_tissue               ? 
_entity_src_gen.pdbx_host_org_tissue_fraction      ? 
_entity_src_gen.pdbx_host_org_strain               ? 
_entity_src_gen.pdbx_host_org_variant              ? 
_entity_src_gen.pdbx_host_org_cell_line            ? 
_entity_src_gen.pdbx_host_org_atcc                 ? 
_entity_src_gen.pdbx_host_org_culture_collection   ? 
_entity_src_gen.pdbx_host_org_cell                 ? 
_entity_src_gen.pdbx_host_org_organelle            ? 
_entity_src_gen.pdbx_host_org_cellular_location    ? 
_entity_src_gen.pdbx_host_org_vector_type          pet32 
_entity_src_gen.pdbx_host_org_vector               ? 
_entity_src_gen.host_org_details                   ? 
_entity_src_gen.expression_system_id               ? 
_entity_src_gen.plasmid_name                       ? 
_entity_src_gen.plasmid_details                    ? 
_entity_src_gen.pdbx_description                   ? 
# 
loop_
_chem_comp.id 
_chem_comp.type 
_chem_comp.mon_nstd_flag 
_chem_comp.name 
_chem_comp.pdbx_synonyms 
_chem_comp.formula 
_chem_comp.formula_weight 
ALA 'L-peptide linking' y ALANINE         ?                               'C3 H7 N O2'     89.093  
ARG 'L-peptide linking' y ARGININE        ?                               'C6 H15 N4 O2 1' 175.209 
ASN 'L-peptide linking' y ASPARAGINE      ?                               'C4 H8 N2 O3'    132.118 
ASP 'L-peptide linking' y 'ASPARTIC ACID' ?                               'C4 H7 N O4'     133.103 
CL  non-polymer         . 'CHLORIDE ION'  ?                               'Cl -1'          35.453  
CYS 'L-peptide linking' y CYSTEINE        ?                               'C3 H7 N O2 S'   121.158 
GLN 'L-peptide linking' y GLUTAMINE       ?                               'C5 H10 N2 O3'   146.144 
GLU 'L-peptide linking' y 'GLUTAMIC ACID' ?                               'C5 H9 N O4'     147.129 
GLY 'peptide linking'   y GLYCINE         ?                               'C2 H5 N O2'     75.067  
GOL non-polymer         . GLYCEROL        'GLYCERIN; PROPANE-1,2,3-TRIOL' 'C3 H8 O3'       92.094  
HIS 'L-peptide linking' y HISTIDINE       ?                               'C6 H10 N3 O2 1' 156.162 
HOH non-polymer         . WATER           ?                               'H2 O'           18.015  
LYS 'L-peptide linking' y LYSINE          ?                               'C6 H15 N2 O2 1' 147.195 
PHE 'L-peptide linking' y PHENYLALANINE   ?                               'C9 H11 N O2'    165.189 
PRO 'L-peptide linking' y PROLINE         ?                               'C5 H9 N O2'     115.130 
SER 'L-peptide linking' y SERINE          ?                               'C3 H7 N O3'     105.093 
THR 'L-peptide linking' y THREONINE       ?                               'C4 H9 N O3'     119.119 
TRP 'L-peptide linking' y TRYPTOPHAN      ?                               'C11 H12 N2 O2'  204.225 
TYR 'L-peptide linking' y TYROSINE        ?                               'C9 H11 N O3'    181.189 
# 
loop_
_pdbx_poly_seq_scheme.asym_id 
_pdbx_poly_seq_scheme.entity_id 
_pdbx_poly_seq_scheme.seq_id 
_pdbx_poly_seq_scheme.mon_id 
_pdbx_poly_seq_scheme.ndb_seq_num 
_pdbx_poly_seq_scheme.pdb_seq_num 
_pdbx_poly_seq_scheme.auth_seq_num 
_pdbx_poly_seq_scheme.pdb_mon_id 
_pdbx_poly_seq_scheme.auth_mon_id 
_pdbx_poly_seq_scheme.pdb_strand_id 
_pdbx_poly_seq_scheme.pdb_ins_code 
_pdbx_poly_seq_scheme.hetero 
A 1 1  GLY 1  1  1  GLY GLY A . n 
A 1 2  SER 2  2  2  SER SER A . n 
A 1 3  GLY 3  3  3  GLY GLY A . n 
A 1 4  PRO 4  4  4  PRO PRO A . n 
A 1 5  THR 5  5  5  THR THR A . n 
A 1 6  TYR 6  6  6  TYR TYR A . n 
A 1 7  CYS 7  7  7  CYS CYS A . n 
A 1 8  TRP 8  8  8  TRP TRP A . n 
A 1 9  ASN 9  9  9  ASN ASN A . n 
A 1 10 GLU 10 10 10 GLU GLU A . n 
A 1 11 ALA 11 11 11 ALA ALA A . n 
A 1 12 ASN 12 12 12 ASN ASN A . n 
A 1 13 ASN 13 13 13 ASN ASN A . n 
A 1 14 PRO 14 14 14 PRO PRO A . n 
A 1 15 GLY 15 15 15 GLY GLY A . n 
A 1 16 GLY 16 16 16 GLY GLY A . n 
A 1 17 PRO 17 17 17 PRO PRO A . n 
A 1 18 ASN 18 18 18 ASN ASN A . n 
A 1 19 ARG 19 19 19 ARG ARG A . n 
A 1 20 CYS 20 20 20 CYS CYS A . n 
A 1 21 SER 21 21 21 SER SER A . n 
A 1 22 ASN 22 22 22 ASN ASN A . n 
A 1 23 ASN 23 23 23 ASN ASN A . n 
A 1 24 LYS 24 24 24 LYS LYS A . n 
A 1 25 GLN 25 25 25 GLN GLN A . n 
A 1 26 CYS 26 26 26 CYS CYS A . n 
A 1 27 ASP 27 27 27 ASP ASP A . n 
A 1 28 GLY 28 28 28 GLY GLY A . n 
A 1 29 ALA 29 29 29 ALA ALA A . n 
A 1 30 ARG 30 30 30 ARG ARG A . n 
A 1 31 THR 31 31 31 THR THR A . n 
A 1 32 CYS 32 32 32 CYS CYS A . n 
A 1 33 SER 33 33 33 SER SER A . n 
A 1 34 SER 34 34 34 SER SER A . n 
A 1 35 SER 35 35 35 SER SER A . n 
A 1 36 GLY 36 36 36 GLY GLY A . n 
A 1 37 PHE 37 37 37 PHE PHE A . n 
A 1 38 CYS 38 38 38 CYS CYS A . n 
A 1 39 GLN 39 39 39 GLN GLN A . n 
A 1 40 GLY 40 40 40 GLY GLY A . n 
A 1 41 THR 41 41 41 THR THR A . n 
A 1 42 SER 42 42 42 SER SER A . n 
A 1 43 ARG 43 43 43 ARG ARG A . n 
A 1 44 LYS 44 44 44 LYS LYS A . n 
A 1 45 PRO 45 45 45 PRO PRO A . n 
A 1 46 ASP 46 46 46 ASP ASP A . n 
A 1 47 PRO 47 47 47 PRO PRO A . n 
A 1 48 GLY 48 48 48 GLY GLY A . n 
A 1 49 PRO 49 49 49 PRO PRO A . n 
A 1 50 LYS 50 50 50 LYS LYS A . n 
A 1 51 GLY 51 51 51 GLY GLY A . n 
A 1 52 PRO 52 52 52 PRO PRO A . n 
A 1 53 THR 53 53 53 THR THR A . n 
A 1 54 TYR 54 54 54 TYR TYR A . n 
A 1 55 CYS 55 55 55 CYS CYS A . n 
A 1 56 TRP 56 56 56 TRP TRP A . n 
A 1 57 ASP 57 57 57 ASP ASP A . n 
A 1 58 GLU 58 58 58 GLU GLU A . n 
A 1 59 ALA 59 59 59 ALA ALA A . n 
A 1 60 LYS 60 60 60 LYS LYS A . n 
A 1 61 ASN 61 61 61 ASN ASN A . n 
A 1 62 PRO 62 62 62 PRO PRO A . n 
A 1 63 GLY 63 63 63 GLY GLY A . n 
A 1 64 GLY 64 64 64 GLY GLY A . n 
A 1 65 PRO 65 65 65 PRO PRO A . n 
A 1 66 ASN 66 66 66 ASN ASN A . n 
A 1 67 ARG 67 67 67 ARG ARG A . n 
A 1 68 CYS 68 68 68 CYS CYS A . n 
A 1 69 SER 69 69 69 SER SER A . n 
A 1 70 ASN 70 70 70 ASN ASN A . n 
A 1 71 SER 71 71 71 SER SER A . n 
A 1 72 LYS 72 72 72 LYS LYS A . n 
A 1 73 GLN 73 73 73 GLN GLN A . n 
A 1 74 CYS 74 74 74 CYS CYS A . n 
A 1 75 ASP 75 75 75 ASP ASP A . n 
A 1 76 GLY 76 76 76 GLY GLY A . n 
A 1 77 ALA 77 77 77 ALA ALA A . n 
A 1 78 ARG 78 78 78 ARG ARG A . n 
A 1 79 THR 79 79 79 THR THR A . n 
A 1 80 CYS 80 80 80 CYS CYS A . n 
A 1 81 SER 81 81 81 SER SER A . n 
A 1 82 SER 82 82 82 SER SER A . n 
A 1 83 SER 83 83 83 SER SER A . n 
A 1 84 GLY 84 84 84 GLY GLY A . n 
A 1 85 PHE 85 85 85 PHE PHE A . n 
A 1 86 CYS 86 86 86 CYS CYS A . n 
A 1 87 GLN 87 87 87 GLN GLN A . n 
A 1 88 GLY 88 88 88 GLY GLY A . n 
A 1 89 THR 89 89 89 THR THR A . n 
A 1 90 ALA 90 90 90 ALA ALA A . n 
A 1 91 GLY 91 91 91 GLY GLY A . n 
A 1 92 HIS 92 92 92 HIS HIS A . n 
A 1 93 ALA 93 93 93 ALA ALA A . n 
A 1 94 ALA 94 94 94 ALA ALA A . n 
A 1 95 ALA 95 95 95 ALA ALA A . n 
# 
loop_
_pdbx_nonpoly_scheme.asym_id 
_pdbx_nonpoly_scheme.entity_id 
_pdbx_nonpoly_scheme.mon_id 
_pdbx_nonpoly_scheme.ndb_seq_num 
_pdbx_nonpoly_scheme.pdb_seq_num 
_pdbx_nonpoly_scheme.auth_seq_num 
_pdbx_nonpoly_scheme.pdb_mon_id 
_pdbx_nonpoly_scheme.auth_mon_id 
_pdbx_nonpoly_scheme.pdb_strand_id 
_pdbx_nonpoly_scheme.pdb_ins_code 
B 2 CL  1   96  1   CL  CL  A . 
C 2 CL  1   97  2   CL  CL  A . 
D 2 CL  1   98  3   CL  CL  A . 
E 3 GOL 1   99  4   GOL GOL A . 
F 4 HOH 1   100 1   HOH HOH A . 
F 4 HOH 2   101 2   HOH HOH A . 
F 4 HOH 3   102 3   HOH HOH A . 
F 4 HOH 4   103 4   HOH HOH A . 
F 4 HOH 5   104 5   HOH HOH A . 
F 4 HOH 6   105 6   HOH HOH A . 
F 4 HOH 7   106 7   HOH HOH A . 
F 4 HOH 8   107 8   HOH HOH A . 
F 4 HOH 9   108 9   HOH HOH A . 
F 4 HOH 10  109 10  HOH HOH A . 
F 4 HOH 11  110 11  HOH HOH A . 
F 4 HOH 12  111 12  HOH HOH A . 
F 4 HOH 13  112 13  HOH HOH A . 
F 4 HOH 14  113 14  HOH HOH A . 
F 4 HOH 15  114 15  HOH HOH A . 
F 4 HOH 16  115 16  HOH HOH A . 
F 4 HOH 17  116 17  HOH HOH A . 
F 4 HOH 18  117 18  HOH HOH A . 
F 4 HOH 19  118 19  HOH HOH A . 
F 4 HOH 20  119 20  HOH HOH A . 
F 4 HOH 21  120 21  HOH HOH A . 
F 4 HOH 22  121 22  HOH HOH A . 
F 4 HOH 23  122 23  HOH HOH A . 
F 4 HOH 24  123 24  HOH HOH A . 
F 4 HOH 25  124 25  HOH HOH A . 
F 4 HOH 26  125 26  HOH HOH A . 
F 4 HOH 27  126 27  HOH HOH A . 
F 4 HOH 28  127 28  HOH HOH A . 
F 4 HOH 29  128 29  HOH HOH A . 
F 4 HOH 30  129 30  HOH HOH A . 
F 4 HOH 31  130 31  HOH HOH A . 
F 4 HOH 32  131 32  HOH HOH A . 
F 4 HOH 33  132 33  HOH HOH A . 
F 4 HOH 34  133 34  HOH HOH A . 
F 4 HOH 35  134 35  HOH HOH A . 
F 4 HOH 36  135 36  HOH HOH A . 
F 4 HOH 37  136 37  HOH HOH A . 
F 4 HOH 38  137 38  HOH HOH A . 
F 4 HOH 39  138 39  HOH HOH A . 
F 4 HOH 40  139 40  HOH HOH A . 
F 4 HOH 41  140 41  HOH HOH A . 
F 4 HOH 42  141 42  HOH HOH A . 
F 4 HOH 43  142 43  HOH HOH A . 
F 4 HOH 44  143 44  HOH HOH A . 
F 4 HOH 45  144 45  HOH HOH A . 
F 4 HOH 46  145 46  HOH HOH A . 
F 4 HOH 47  146 47  HOH HOH A . 
F 4 HOH 48  147 48  HOH HOH A . 
F 4 HOH 49  148 49  HOH HOH A . 
F 4 HOH 50  149 50  HOH HOH A . 
F 4 HOH 51  150 51  HOH HOH A . 
F 4 HOH 52  151 52  HOH HOH A . 
F 4 HOH 53  152 53  HOH HOH A . 
F 4 HOH 54  153 54  HOH HOH A . 
F 4 HOH 55  154 55  HOH HOH A . 
F 4 HOH 56  155 56  HOH HOH A . 
F 4 HOH 57  156 57  HOH HOH A . 
F 4 HOH 58  157 58  HOH HOH A . 
F 4 HOH 59  158 59  HOH HOH A . 
F 4 HOH 60  159 60  HOH HOH A . 
F 4 HOH 61  160 61  HOH HOH A . 
F 4 HOH 62  161 62  HOH HOH A . 
F 4 HOH 63  162 63  HOH HOH A . 
F 4 HOH 64  163 64  HOH HOH A . 
F 4 HOH 65  164 65  HOH HOH A . 
F 4 HOH 66  165 66  HOH HOH A . 
F 4 HOH 67  166 67  HOH HOH A . 
F 4 HOH 68  167 68  HOH HOH A . 
F 4 HOH 69  168 69  HOH HOH A . 
F 4 HOH 70  169 70  HOH HOH A . 
F 4 HOH 71  170 72  HOH HOH A . 
F 4 HOH 72  171 73  HOH HOH A . 
F 4 HOH 73  172 74  HOH HOH A . 
F 4 HOH 74  173 75  HOH HOH A . 
F 4 HOH 75  174 76  HOH HOH A . 
F 4 HOH 76  175 77  HOH HOH A . 
F 4 HOH 77  176 78  HOH HOH A . 
F 4 HOH 78  177 80  HOH HOH A . 
F 4 HOH 79  178 81  HOH HOH A . 
F 4 HOH 80  179 82  HOH HOH A . 
F 4 HOH 81  180 83  HOH HOH A . 
F 4 HOH 82  181 84  HOH HOH A . 
F 4 HOH 83  182 85  HOH HOH A . 
F 4 HOH 84  183 87  HOH HOH A . 
F 4 HOH 85  184 88  HOH HOH A . 
F 4 HOH 86  185 89  HOH HOH A . 
F 4 HOH 87  186 90  HOH HOH A . 
F 4 HOH 88  187 91  HOH HOH A . 
F 4 HOH 89  188 92  HOH HOH A . 
F 4 HOH 90  189 94  HOH HOH A . 
F 4 HOH 91  190 96  HOH HOH A . 
F 4 HOH 92  191 97  HOH HOH A . 
F 4 HOH 93  192 98  HOH HOH A . 
F 4 HOH 94  193 99  HOH HOH A . 
F 4 HOH 95  194 100 HOH HOH A . 
F 4 HOH 96  195 101 HOH HOH A . 
F 4 HOH 97  196 102 HOH HOH A . 
F 4 HOH 98  197 104 HOH HOH A . 
F 4 HOH 99  198 105 HOH HOH A . 
F 4 HOH 100 199 106 HOH HOH A . 
F 4 HOH 101 200 107 HOH HOH A . 
F 4 HOH 102 201 108 HOH HOH A . 
F 4 HOH 103 202 110 HOH HOH A . 
F 4 HOH 104 203 111 HOH HOH A . 
F 4 HOH 105 204 112 HOH HOH A . 
F 4 HOH 106 205 114 HOH HOH A . 
F 4 HOH 107 206 115 HOH HOH A . 
F 4 HOH 108 207 116 HOH HOH A . 
F 4 HOH 109 208 118 HOH HOH A . 
F 4 HOH 110 209 120 HOH HOH A . 
F 4 HOH 111 210 127 HOH HOH A . 
F 4 HOH 112 211 128 HOH HOH A . 
F 4 HOH 113 212 130 HOH HOH A . 
F 4 HOH 114 213 139 HOH HOH A . 
F 4 HOH 115 214 140 HOH HOH A . 
F 4 HOH 116 215 141 HOH HOH A . 
F 4 HOH 117 216 142 HOH HOH A . 
F 4 HOH 118 217 145 HOH HOH A . 
F 4 HOH 119 218 156 HOH HOH A . 
F 4 HOH 120 219 163 HOH HOH A . 
F 4 HOH 121 220 165 HOH HOH A . 
F 4 HOH 122 221 166 HOH HOH A . 
F 4 HOH 123 222 167 HOH HOH A . 
F 4 HOH 124 223 168 HOH HOH A . 
F 4 HOH 125 224 170 HOH HOH A . 
F 4 HOH 126 225 180 HOH HOH A . 
F 4 HOH 127 226 182 HOH HOH A . 
F 4 HOH 128 227 183 HOH HOH A . 
F 4 HOH 129 228 184 HOH HOH A . 
# 
loop_
_software.name 
_software.version 
_software.date 
_software.type 
_software.contact_author 
_software.contact_author_email 
_software.classification 
_software.location 
_software.language 
_software.citation_id 
_software.pdbx_ordinal 
DENZO       .     ?              package 'Zbyszek Otwinowski' zbyszek@mix.swmed.edu    'data reduction'  
http://www.lnls.br/infra/linhasluz/denzo-hkl.htm ?          ? 1 
SCALEPACK   .     ?              package 'Zbyszek Otwinowski' zbyszek@mix.swmed.edu    'data scaling'    
http://www.lnls.br/infra/linhasluz/denzo-hkl.htm ?          ? 2 
REFMAC      .     ?              program 'Murshudov, G.N.'    ccp4@dl.ac.uk            refinement        
http://www.ccp4.ac.uk/main.html                  Fortran_77 ? 3 
PDB_EXTRACT 3.000 'July 2, 2007' package PDB                  sw-help@rcsb.rutgers.edu 'data extraction' 
http://pdb.rutgers.edu/software/                 C++        ? 4 
HKL-2000    .     ?              ?       ?                    ?                        'data collection' ? ?          ? 5 
SHELXS      .     ?              ?       ?                    ?                        phasing           ? ?          ? 6 
# 
_cell.length_a           38.200 
_cell.length_b           38.790 
_cell.length_c           59.870 
_cell.angle_alpha        90.000 
_cell.angle_beta         90.000 
_cell.angle_gamma        90.000 
_cell.entry_id           2QSK 
_cell.pdbx_unique_axis   ? 
_cell.Z_PDB              4 
_cell.length_a_esd       ? 
_cell.length_b_esd       ? 
_cell.length_c_esd       ? 
_cell.angle_alpha_esd    ? 
_cell.angle_beta_esd     ? 
_cell.angle_gamma_esd    ? 
# 
_symmetry.space_group_name_H-M             'P 21 21 21' 
_symmetry.entry_id                         2QSK 
_symmetry.Int_Tables_number                19 
_symmetry.pdbx_full_space_group_name_H-M   ? 
_symmetry.cell_setting                     ? 
_symmetry.space_group_name_Hall            ? 
# 
_exptl.crystals_number   1 
_exptl.entry_id          2QSK 
_exptl.method            'X-RAY DIFFRACTION' 
# 
_exptl_crystal.id                    1 
_exptl_crystal.density_Matthews      2.28 
_exptl_crystal.density_meas          ? 
_exptl_crystal.density_percent_sol   46.02 
_exptl_crystal.description           ? 
_exptl_crystal.F_000                 ? 
_exptl_crystal.preparation           ? 
# 
_exptl_crystal_grow.crystal_id      1 
_exptl_crystal_grow.method          'VAPOR DIFFUSION, HANGING DROP' 
_exptl_crystal_grow.pH              8.0 
_exptl_crystal_grow.temp            293 
_exptl_crystal_grow.pdbx_details    
;1M sodium citrate, 0.1 M imidazole pH 8.0, protein concentration 32 MG/ML
VAPOR DIFFUSION, HANGING DROP, temperature 293K
;
_exptl_crystal_grow.temp_details    ? 
_exptl_crystal_grow.pdbx_pH_range   . 
# 
_diffrn.id                     1 
_diffrn.ambient_temp           100 
_diffrn.ambient_temp_details   ? 
_diffrn.crystal_id             1 
# 
_diffrn_detector.diffrn_id              1 
_diffrn_detector.detector               CCD 
_diffrn_detector.type                   'MARMOSAIC 300 mm CCD' 
_diffrn_detector.pdbx_collection_date   2007-07-06 
_diffrn_detector.details                ? 
# 
_diffrn_radiation.diffrn_id                        1 
_diffrn_radiation.pdbx_diffrn_protocol             'SINGLE WAVELENGTH' 
_diffrn_radiation.monochromator                    ? 
_diffrn_radiation.wavelength_id                    1 
_diffrn_radiation.pdbx_monochromatic_or_laue_m_l   M 
_diffrn_radiation.pdbx_scattering_type             x-ray 
# 
_diffrn_radiation_wavelength.id           1 
_diffrn_radiation_wavelength.wavelength   0.979 
_diffrn_radiation_wavelength.wt           1.0 
# 
_diffrn_source.diffrn_id                   1 
_diffrn_source.source                      SYNCHROTRON 
_diffrn_source.type                        'APS BEAMLINE 22-ID' 
_diffrn_source.pdbx_wavelength_list        0.979 
_diffrn_source.pdbx_wavelength             ? 
_diffrn_source.pdbx_synchrotron_site       APS 
_diffrn_source.pdbx_synchrotron_beamline   22-ID 
# 
_reflns.entry_id                     2QSK 
_reflns.d_resolution_high            1.000 
_reflns.d_resolution_low             50.000 
_reflns.number_obs                   48018 
_reflns.pdbx_Rmerge_I_obs            0.057 
_reflns.pdbx_netI_over_sigmaI        19.300 
_reflns.pdbx_chi_squared             0.956 
_reflns.pdbx_redundancy              4.600 
_reflns.percent_possible_obs         98.800 
_reflns.observed_criterion_sigma_F   ? 
_reflns.observed_criterion_sigma_I   -3.0 
_reflns.number_all                   48601 
_reflns.pdbx_Rsym_value              ? 
_reflns.B_iso_Wilson_estimate        ? 
_reflns.R_free_details               ? 
_reflns.limit_h_max                  ? 
_reflns.limit_h_min                  ? 
_reflns.limit_k_max                  ? 
_reflns.limit_k_min                  ? 
_reflns.limit_l_max                  ? 
_reflns.limit_l_min                  ? 
_reflns.observed_criterion_F_max     ? 
_reflns.observed_criterion_F_min     ? 
_reflns.pdbx_scaling_rejects         ? 
_reflns.pdbx_ordinal                 1 
_reflns.pdbx_diffrn_id               1 
# 
_reflns_shell.d_res_high             1.00 
_reflns_shell.d_res_low              1.02 
_reflns_shell.number_measured_obs    ? 
_reflns_shell.number_measured_all    ? 
_reflns_shell.number_unique_obs      ? 
_reflns_shell.Rmerge_I_obs           0.404 
_reflns_shell.meanI_over_sigI_obs    1.9 
_reflns_shell.pdbx_Rsym_value        ? 
_reflns_shell.pdbx_chi_squared       0.650 
_reflns_shell.pdbx_redundancy        2.20 
_reflns_shell.percent_possible_obs   ? 
_reflns_shell.number_unique_all      2030 
_reflns_shell.percent_possible_all   85.30 
_reflns_shell.pdbx_ordinal           1 
_reflns_shell.pdbx_diffrn_id         1 
# 
_refine.entry_id                                 2QSK 
_refine.ls_d_res_high                            1.000 
_refine.ls_d_res_low                             30.000 
_refine.pdbx_ls_sigma_F                          0.00 
_refine.ls_percent_reflns_obs                    98.560 
_refine.ls_number_reflns_obs                     47944 
_refine.pdbx_ls_cross_valid_method               THROUGHOUT 
_refine.pdbx_R_Free_selection_details            RANDOM 
_refine.details                                  'HYDROGENS HAVE BEEN ADDED IN THE RIDING POSITIONS' 
_refine.ls_R_factor_obs                          0.129 
_refine.ls_R_factor_R_work                       0.128 
_refine.ls_R_factor_R_free                       0.147 
_refine.ls_percent_reflns_R_free                 2.000 
_refine.ls_number_reflns_R_free                  980 
_refine.B_iso_mean                               10.180 
_refine.aniso_B[1][1]                            0.240 
_refine.aniso_B[2][2]                            -0.120 
_refine.aniso_B[3][3]                            -0.130 
_refine.aniso_B[1][2]                            0.000 
_refine.aniso_B[1][3]                            0.000 
_refine.aniso_B[2][3]                            0.000 
_refine.correlation_coeff_Fo_to_Fc               0.979 
_refine.correlation_coeff_Fo_to_Fc_free          0.972 
_refine.pdbx_overall_ESU_R                       0.019 
_refine.pdbx_overall_ESU_R_Free                  0.020 
_refine.overall_SU_ML                            0.012 
_refine.overall_SU_B                             0.490 
_refine.solvent_model_details                    MASK 
_refine.pdbx_solvent_vdw_probe_radii             1.200 
_refine.pdbx_solvent_ion_probe_radii             0.800 
_refine.pdbx_solvent_shrinkage_radii             0.800 
_refine.pdbx_method_to_determine_struct          'SAD/DIRECT REFINEMENT' 
_refine.pdbx_stereochemistry_target_values       'MAXIMUM LIKELIHOOD' 
_refine.pdbx_ls_sigma_I                          ? 
_refine.ls_number_reflns_all                     ? 
_refine.ls_R_factor_all                          ? 
_refine.ls_redundancy_reflns_obs                 ? 
_refine.pdbx_data_cutoff_high_absF               ? 
_refine.pdbx_data_cutoff_low_absF                ? 
_refine.ls_number_parameters                     ? 
_refine.ls_number_restraints                     ? 
_refine.ls_R_factor_R_free_error                 ? 
_refine.ls_R_factor_R_free_error_details         ? 
_refine.pdbx_starting_model                      'PDB ENTRY 2QT4' 
_refine.pdbx_stereochem_target_val_spec_case     ? 
_refine.solvent_model_param_bsol                 ? 
_refine.solvent_model_param_ksol                 ? 
_refine.occupancy_max                            ? 
_refine.occupancy_min                            ? 
_refine.pdbx_isotropic_thermal_model             ? 
_refine.B_iso_min                                ? 
_refine.B_iso_max                                ? 
_refine.overall_SU_R_Cruickshank_DPI             ? 
_refine.overall_SU_R_free                        ? 
_refine.pdbx_data_cutoff_high_rms_absF           ? 
_refine.ls_wR_factor_R_free                      ? 
_refine.ls_wR_factor_R_work                      ? 
_refine.overall_FOM_free_R_set                   ? 
_refine.overall_FOM_work_R_set                   ? 
_refine.pdbx_refine_id                           'X-RAY DIFFRACTION' 
_refine.pdbx_diffrn_id                           1 
_refine.pdbx_TLS_residual_ADP_flag               ? 
_refine.pdbx_overall_phase_error                 ? 
_refine.pdbx_overall_SU_R_free_Cruickshank_DPI   ? 
_refine.pdbx_overall_SU_R_Blow_DPI               ? 
_refine.pdbx_overall_SU_R_free_Blow_DPI          ? 
# 
_refine_hist.pdbx_refine_id                   'X-RAY DIFFRACTION' 
_refine_hist.cycle_id                         LAST 
_refine_hist.pdbx_number_atoms_protein        674 
_refine_hist.pdbx_number_atoms_nucleic_acid   0 
_refine_hist.pdbx_number_atoms_ligand         9 
_refine_hist.number_atoms_solvent             129 
_refine_hist.number_atoms_total               812 
_refine_hist.d_res_high                       1.000 
_refine_hist.d_res_low                        30.000 
# 
loop_
_refine_ls_restr.type 
_refine_ls_restr.number 
_refine_ls_restr.dev_ideal 
_refine_ls_restr.dev_ideal_target 
_refine_ls_restr.weight 
_refine_ls_restr.pdbx_refine_id 
_refine_ls_restr.pdbx_restraint_function 
r_bond_refined_d         761  0.010  0.021  ? 'X-RAY DIFFRACTION' ? 
r_bond_other_d           590  0.002  0.020  ? 'X-RAY DIFFRACTION' ? 
r_angle_refined_deg      1050 1.392  1.944  ? 'X-RAY DIFFRACTION' ? 
r_angle_other_deg        1433 0.885  3.000  ? 'X-RAY DIFFRACTION' ? 
r_dihedral_angle_1_deg   117  5.854  5.000  ? 'X-RAY DIFFRACTION' ? 
r_dihedral_angle_2_deg   32   33.829 24.688 ? 'X-RAY DIFFRACTION' ? 
r_dihedral_angle_3_deg   113  10.879 15.000 ? 'X-RAY DIFFRACTION' ? 
r_dihedral_angle_4_deg   5    6.269  15.000 ? 'X-RAY DIFFRACTION' ? 
r_chiral_restr           99   0.088  0.200  ? 'X-RAY DIFFRACTION' ? 
r_gen_planes_refined     923  0.010  0.020  ? 'X-RAY DIFFRACTION' ? 
r_gen_planes_other       148  0.001  0.020  ? 'X-RAY DIFFRACTION' ? 
r_nbd_refined            172  0.196  0.200  ? 'X-RAY DIFFRACTION' ? 
r_nbd_other              614  0.204  0.200  ? 'X-RAY DIFFRACTION' ? 
r_nbtor_refined          375  0.170  0.200  ? 'X-RAY DIFFRACTION' ? 
r_nbtor_other            401  0.089  0.200  ? 'X-RAY DIFFRACTION' ? 
r_xyhbond_nbd_refined    66   0.260  0.200  ? 'X-RAY DIFFRACTION' ? 
r_symmetry_vdw_refined   6    0.132  0.200  ? 'X-RAY DIFFRACTION' ? 
r_symmetry_vdw_other     28   0.255  0.200  ? 'X-RAY DIFFRACTION' ? 
r_symmetry_hbond_refined 10   0.148  0.200  ? 'X-RAY DIFFRACTION' ? 
r_mcbond_it              659  2.565  2.000  ? 'X-RAY DIFFRACTION' ? 
r_mcbond_other           211  1.203  2.000  ? 'X-RAY DIFFRACTION' ? 
r_mcangle_it             817  3.178  3.000  ? 'X-RAY DIFFRACTION' ? 
r_scbond_it              319  3.501  2.000  ? 'X-RAY DIFFRACTION' ? 
r_scangle_it             220  3.687  3.000  ? 'X-RAY DIFFRACTION' ? 
r_rigid_bond_restr       1698 1.584  3.000  ? 'X-RAY DIFFRACTION' ? 
r_sphericity_free        132  12.036 3.000  ? 'X-RAY DIFFRACTION' ? 
r_sphericity_bonded      1317 4.858  3.000  ? 'X-RAY DIFFRACTION' ? 
# 
_refine_ls_shell.d_res_high                       1.00 
_refine_ls_shell.d_res_low                        1.027 
_refine_ls_shell.pdbx_total_number_of_bins_used   20 
_refine_ls_shell.percent_reflns_obs               85.090 
_refine_ls_shell.number_reflns_R_work             2944 
_refine_ls_shell.R_factor_all                     ? 
_refine_ls_shell.R_factor_R_work                  0.235 
_refine_ls_shell.R_factor_R_free                  0.260 
_refine_ls_shell.percent_reflns_R_free            ? 
_refine_ls_shell.number_reflns_R_free             69 
_refine_ls_shell.R_factor_R_free_error            ? 
_refine_ls_shell.number_reflns_all                3013 
_refine_ls_shell.number_reflns_obs                2944 
_refine_ls_shell.redundancy_reflns_obs            ? 
_refine_ls_shell.pdbx_refine_id                   'X-RAY DIFFRACTION' 
# 
_struct.entry_id                  2QSK 
_struct.title                     'Atomic-resolution crystal structure of the Recombinant form of Scytovirin' 
_struct.pdbx_model_details        ? 
_struct.pdbx_CASP_flag            ? 
_struct.pdbx_model_type_details   ? 
# 
_struct_keywords.entry_id        2QSK 
_struct_keywords.text            'lectin, sugar binding protein' 
_struct_keywords.pdbx_keywords   'SUGAR BINDING PROTEIN' 
# 
loop_
_struct_asym.id 
_struct_asym.pdbx_blank_PDB_chainid_flag 
_struct_asym.pdbx_modified 
_struct_asym.entity_id 
_struct_asym.details 
A N N 1 ? 
B N N 2 ? 
C N N 2 ? 
D N N 2 ? 
E N N 3 ? 
F N N 4 ? 
# 
_struct_ref.id                         1 
_struct_ref.entity_id                  1 
_struct_ref.db_name                    PDB 
_struct_ref.db_code                    2QSK 
_struct_ref.pdbx_db_accession          2QSK 
_struct_ref.pdbx_db_isoform            ? 
_struct_ref.pdbx_seq_one_letter_code   ? 
_struct_ref.pdbx_align_begin           ? 
# 
_struct_ref_seq.align_id                      1 
_struct_ref_seq.ref_id                        1 
_struct_ref_seq.pdbx_PDB_id_code              2QSK 
_struct_ref_seq.pdbx_strand_id                A 
_struct_ref_seq.seq_align_beg                 1 
_struct_ref_seq.pdbx_seq_align_beg_ins_code   ? 
_struct_ref_seq.seq_align_end                 95 
_struct_ref_seq.pdbx_seq_align_end_ins_code   ? 
_struct_ref_seq.pdbx_db_accession             2QSK 
_struct_ref_seq.db_align_beg                  1 
_struct_ref_seq.pdbx_db_align_beg_ins_code    ? 
_struct_ref_seq.db_align_end                  95 
_struct_ref_seq.pdbx_db_align_end_ins_code    ? 
_struct_ref_seq.pdbx_auth_seq_align_beg       1 
_struct_ref_seq.pdbx_auth_seq_align_end       95 
# 
_pdbx_struct_assembly.id                   1 
_pdbx_struct_assembly.details              author_defined_assembly 
_pdbx_struct_assembly.method_details       ? 
_pdbx_struct_assembly.oligomeric_details   monomeric 
_pdbx_struct_assembly.oligomeric_count     1 
# 
_pdbx_struct_assembly_gen.assembly_id       1 
_pdbx_struct_assembly_gen.oper_expression   1 
_pdbx_struct_assembly_gen.asym_id_list      A,B,C,D,E,F 
# 
_pdbx_struct_oper_list.id                   1 
_pdbx_struct_oper_list.type                 'identity operation' 
_pdbx_struct_oper_list.name                 1_555 
_pdbx_struct_oper_list.symmetry_operation   x,y,z 
_pdbx_struct_oper_list.matrix[1][1]         1.0000000000 
_pdbx_struct_oper_list.matrix[1][2]         0.0000000000 
_pdbx_struct_oper_list.matrix[1][3]         0.0000000000 
_pdbx_struct_oper_list.vector[1]            0.0000000000 
_pdbx_struct_oper_list.matrix[2][1]         0.0000000000 
_pdbx_struct_oper_list.matrix[2][2]         1.0000000000 
_pdbx_struct_oper_list.matrix[2][3]         0.0000000000 
_pdbx_struct_oper_list.vector[2]            0.0000000000 
_pdbx_struct_oper_list.matrix[3][1]         0.0000000000 
_pdbx_struct_oper_list.matrix[3][2]         0.0000000000 
_pdbx_struct_oper_list.matrix[3][3]         1.0000000000 
_pdbx_struct_oper_list.vector[3]            0.0000000000 
# 
_struct_biol.id   1 
# 
loop_
_struct_conf.conf_type_id 
_struct_conf.id 
_struct_conf.pdbx_PDB_helix_id 
_struct_conf.beg_label_comp_id 
_struct_conf.beg_label_asym_id 
_struct_conf.beg_label_seq_id 
_struct_conf.pdbx_beg_PDB_ins_code 
_struct_conf.end_label_comp_id 
_struct_conf.end_label_asym_id 
_struct_conf.end_label_seq_id 
_struct_conf.pdbx_end_PDB_ins_code 
_struct_conf.beg_auth_comp_id 
_struct_conf.beg_auth_asym_id 
_struct_conf.beg_auth_seq_id 
_struct_conf.end_auth_comp_id 
_struct_conf.end_auth_asym_id 
_struct_conf.end_auth_seq_id 
_struct_conf.pdbx_PDB_helix_class 
_struct_conf.details 
_struct_conf.pdbx_PDB_helix_length 
HELX_P HELX_P1 1 ASN A 9  ? ASN A 13 ? ASN A 9  ASN A 13 5 ? 5 
HELX_P HELX_P2 2 ASN A 22 ? CYS A 26 ? ASN A 22 CYS A 26 5 ? 5 
HELX_P HELX_P3 3 ASP A 57 ? ASN A 61 ? ASP A 57 ASN A 61 5 ? 5 
HELX_P HELX_P4 4 ASN A 70 ? CYS A 74 ? ASN A 70 CYS A 74 5 ? 5 
# 
_struct_conf_type.id          HELX_P 
_struct_conf_type.criteria    ? 
_struct_conf_type.reference   ? 
# 
loop_
_struct_conn.id 
_struct_conn.conn_type_id 
_struct_conn.pdbx_leaving_atom_flag 
_struct_conn.pdbx_PDB_id 
_struct_conn.ptnr1_label_asym_id 
_struct_conn.ptnr1_label_comp_id 
_struct_conn.ptnr1_label_seq_id 
_struct_conn.ptnr1_label_atom_id 
_struct_conn.pdbx_ptnr1_label_alt_id 
_struct_conn.pdbx_ptnr1_PDB_ins_code 
_struct_conn.pdbx_ptnr1_standard_comp_id 
_struct_conn.ptnr1_symmetry 
_struct_conn.ptnr2_label_asym_id 
_struct_conn.ptnr2_label_comp_id 
_struct_conn.ptnr2_label_seq_id 
_struct_conn.ptnr2_label_atom_id 
_struct_conn.pdbx_ptnr2_label_alt_id 
_struct_conn.pdbx_ptnr2_PDB_ins_code 
_struct_conn.ptnr1_auth_asym_id 
_struct_conn.ptnr1_auth_comp_id 
_struct_conn.ptnr1_auth_seq_id 
_struct_conn.ptnr2_auth_asym_id 
_struct_conn.ptnr2_auth_comp_id 
_struct_conn.ptnr2_auth_seq_id 
_struct_conn.ptnr2_symmetry 
_struct_conn.pdbx_ptnr3_label_atom_id 
_struct_conn.pdbx_ptnr3_label_seq_id 
_struct_conn.pdbx_ptnr3_label_comp_id 
_struct_conn.pdbx_ptnr3_label_asym_id 
_struct_conn.pdbx_ptnr3_label_alt_id 
_struct_conn.pdbx_ptnr3_PDB_ins_code 
_struct_conn.details 
_struct_conn.pdbx_dist_value 
_struct_conn.pdbx_value_order 
_struct_conn.pdbx_role 
disulf1 disulf ? ? A CYS 7  SG ? ? ? 1_555 A CYS 55 SG ? ? A CYS 7  A CYS 55 1_555 ? ? ? ? ? ? ? 2.044 ? ? 
disulf2 disulf ? ? A CYS 20 SG A ? ? 1_555 A CYS 32 SG A ? A CYS 20 A CYS 32 1_555 ? ? ? ? ? ? ? 2.065 ? ? 
disulf3 disulf ? ? A CYS 26 SG A ? ? 1_555 A CYS 38 SG A ? A CYS 26 A CYS 38 1_555 ? ? ? ? ? ? ? 2.037 ? ? 
disulf4 disulf ? ? A CYS 68 SG A ? ? 1_555 A CYS 80 SG A ? A CYS 68 A CYS 80 1_555 ? ? ? ? ? ? ? 2.068 ? ? 
disulf5 disulf ? ? A CYS 74 SG A ? ? 1_555 A CYS 86 SG A ? A CYS 74 A CYS 86 1_555 ? ? ? ? ? ? ? 2.113 ? ? 
# 
_struct_conn_type.id          disulf 
_struct_conn_type.criteria    ? 
_struct_conn_type.reference   ? 
# 
loop_
_pdbx_modification_feature.ordinal 
_pdbx_modification_feature.label_comp_id 
_pdbx_modification_feature.label_asym_id 
_pdbx_modification_feature.label_seq_id 
_pdbx_modification_feature.label_alt_id 
_pdbx_modification_feature.modified_residue_label_comp_id 
_pdbx_modification_feature.modified_residue_label_asym_id 
_pdbx_modification_feature.modified_residue_label_seq_id 
_pdbx_modification_feature.modified_residue_label_alt_id 
_pdbx_modification_feature.auth_comp_id 
_pdbx_modification_feature.auth_asym_id 
_pdbx_modification_feature.auth_seq_id 
_pdbx_modification_feature.PDB_ins_code 
_pdbx_modification_feature.symmetry 
_pdbx_modification_feature.modified_residue_auth_comp_id 
_pdbx_modification_feature.modified_residue_auth_asym_id 
_pdbx_modification_feature.modified_residue_auth_seq_id 
_pdbx_modification_feature.modified_residue_PDB_ins_code 
_pdbx_modification_feature.modified_residue_symmetry 
_pdbx_modification_feature.comp_id_linking_atom 
_pdbx_modification_feature.modified_residue_id_linking_atom 
_pdbx_modification_feature.modified_residue_id 
_pdbx_modification_feature.ref_pcm_id 
_pdbx_modification_feature.ref_comp_id 
_pdbx_modification_feature.type 
_pdbx_modification_feature.category 
1 CYS A 7  ? CYS A 55 ? CYS A 7  ? 1_555 CYS A 55 ? 1_555 SG SG . . . None 'Disulfide bridge' 
2 CYS A 20 A CYS A 32 A CYS A 20 ? 1_555 CYS A 32 ? 1_555 SG SG . . . None 'Disulfide bridge' 
3 CYS A 26 A CYS A 38 A CYS A 26 ? 1_555 CYS A 38 ? 1_555 SG SG . . . None 'Disulfide bridge' 
4 CYS A 68 A CYS A 80 A CYS A 68 ? 1_555 CYS A 80 ? 1_555 SG SG . . . None 'Disulfide bridge' 
5 CYS A 74 A CYS A 86 A CYS A 74 ? 1_555 CYS A 86 ? 1_555 SG SG . . . None 'Disulfide bridge' 
# 
loop_
_struct_mon_prot_cis.pdbx_id 
_struct_mon_prot_cis.label_comp_id 
_struct_mon_prot_cis.label_seq_id 
_struct_mon_prot_cis.label_asym_id 
_struct_mon_prot_cis.label_alt_id 
_struct_mon_prot_cis.pdbx_PDB_ins_code 
_struct_mon_prot_cis.auth_comp_id 
_struct_mon_prot_cis.auth_seq_id 
_struct_mon_prot_cis.auth_asym_id 
_struct_mon_prot_cis.pdbx_label_comp_id_2 
_struct_mon_prot_cis.pdbx_label_seq_id_2 
_struct_mon_prot_cis.pdbx_label_asym_id_2 
_struct_mon_prot_cis.pdbx_PDB_ins_code_2 
_struct_mon_prot_cis.pdbx_auth_comp_id_2 
_struct_mon_prot_cis.pdbx_auth_seq_id_2 
_struct_mon_prot_cis.pdbx_auth_asym_id_2 
_struct_mon_prot_cis.pdbx_PDB_model_num 
_struct_mon_prot_cis.pdbx_omega_angle 
1 LYS 44 A . ? LYS 44 A PRO 45 A ? PRO 45 A 1 -4.45 
2 LYS 44 A . ? LYS 44 A PRO 45 A ? PRO 45 A 1 -3.62 
3 ASP 46 A . ? ASP 46 A PRO 47 A ? PRO 47 A 1 -2.01 
# 
loop_
_struct_sheet.id 
_struct_sheet.type 
_struct_sheet.number_strands 
_struct_sheet.details 
A ? 2 ? 
B ? 2 ? 
# 
loop_
_struct_sheet_order.sheet_id 
_struct_sheet_order.range_id_1 
_struct_sheet_order.range_id_2 
_struct_sheet_order.offset 
_struct_sheet_order.sense 
A 1 2 ? anti-parallel 
B 1 2 ? anti-parallel 
# 
loop_
_struct_sheet_range.sheet_id 
_struct_sheet_range.id 
_struct_sheet_range.beg_label_comp_id 
_struct_sheet_range.beg_label_asym_id 
_struct_sheet_range.beg_label_seq_id 
_struct_sheet_range.pdbx_beg_PDB_ins_code 
_struct_sheet_range.end_label_comp_id 
_struct_sheet_range.end_label_asym_id 
_struct_sheet_range.end_label_seq_id 
_struct_sheet_range.pdbx_end_PDB_ins_code 
_struct_sheet_range.beg_auth_comp_id 
_struct_sheet_range.beg_auth_asym_id 
_struct_sheet_range.beg_auth_seq_id 
_struct_sheet_range.end_auth_comp_id 
_struct_sheet_range.end_auth_asym_id 
_struct_sheet_range.end_auth_seq_id 
A 1 THR A 31 ? CYS A 32 ? THR A 31 CYS A 32 
A 2 CYS A 38 ? GLN A 39 ? CYS A 38 GLN A 39 
B 1 THR A 79 ? CYS A 80 ? THR A 79 CYS A 80 
B 2 CYS A 86 ? GLN A 87 ? CYS A 86 GLN A 87 
# 
loop_
_pdbx_struct_sheet_hbond.sheet_id 
_pdbx_struct_sheet_hbond.range_id_1 
_pdbx_struct_sheet_hbond.range_id_2 
_pdbx_struct_sheet_hbond.range_1_label_atom_id 
_pdbx_struct_sheet_hbond.range_1_label_comp_id 
_pdbx_struct_sheet_hbond.range_1_label_asym_id 
_pdbx_struct_sheet_hbond.range_1_label_seq_id 
_pdbx_struct_sheet_hbond.range_1_PDB_ins_code 
_pdbx_struct_sheet_hbond.range_1_auth_atom_id 
_pdbx_struct_sheet_hbond.range_1_auth_comp_id 
_pdbx_struct_sheet_hbond.range_1_auth_asym_id 
_pdbx_struct_sheet_hbond.range_1_auth_seq_id 
_pdbx_struct_sheet_hbond.range_2_label_atom_id 
_pdbx_struct_sheet_hbond.range_2_label_comp_id 
_pdbx_struct_sheet_hbond.range_2_label_asym_id 
_pdbx_struct_sheet_hbond.range_2_label_seq_id 
_pdbx_struct_sheet_hbond.range_2_PDB_ins_code 
_pdbx_struct_sheet_hbond.range_2_auth_atom_id 
_pdbx_struct_sheet_hbond.range_2_auth_comp_id 
_pdbx_struct_sheet_hbond.range_2_auth_asym_id 
_pdbx_struct_sheet_hbond.range_2_auth_seq_id 
A 1 2 N THR A 31 ? N THR A 31 O GLN A 39 ? O GLN A 39 
B 1 2 N THR A 79 ? N THR A 79 O GLN A 87 ? O GLN A 87 
# 
loop_
_struct_site.id 
_struct_site.pdbx_evidence_code 
_struct_site.pdbx_auth_asym_id 
_struct_site.pdbx_auth_comp_id 
_struct_site.pdbx_auth_seq_id 
_struct_site.pdbx_auth_ins_code 
_struct_site.pdbx_num_residues 
_struct_site.details 
AC1 Software A CL  96 ? 3 'BINDING SITE FOR RESIDUE CL A 96'  
AC2 Software A CL  97 ? 5 'BINDING SITE FOR RESIDUE CL A 97'  
AC3 Software A CL  98 ? 1 'BINDING SITE FOR RESIDUE CL A 98'  
AC4 Software A GOL 99 ? 8 'BINDING SITE FOR RESIDUE GOL A 99' 
# 
loop_
_struct_site_gen.id 
_struct_site_gen.site_id 
_struct_site_gen.pdbx_num_res 
_struct_site_gen.label_comp_id 
_struct_site_gen.label_asym_id 
_struct_site_gen.label_seq_id 
_struct_site_gen.pdbx_auth_ins_code 
_struct_site_gen.auth_comp_id 
_struct_site_gen.auth_asym_id 
_struct_site_gen.auth_seq_id 
_struct_site_gen.label_atom_id 
_struct_site_gen.label_alt_id 
_struct_site_gen.symmetry 
_struct_site_gen.details 
1  AC1 3 GLY A 15 ? GLY A 15  . ? 1_555 ? 
2  AC1 3 GLN A 39 ? GLN A 39  . ? 3_654 ? 
3  AC1 3 ARG A 67 ? ARG A 67  . ? 2_664 ? 
4  AC2 5 GLY A 3  ? GLY A 3   . ? 1_555 ? 
5  AC2 5 PRO A 4  ? PRO A 4   . ? 1_555 ? 
6  AC2 5 THR A 5  ? THR A 5   . ? 1_555 ? 
7  AC2 5 HOH F .  ? HOH A 157 . ? 1_555 ? 
8  AC2 5 HOH F .  ? HOH A 160 . ? 1_555 ? 
9  AC3 1 LYS A 50 ? LYS A 50  . ? 1_555 ? 
10 AC4 8 GLU A 10 ? GLU A 10  . ? 1_555 ? 
11 AC4 8 ASN A 18 ? ASN A 18  . ? 1_555 ? 
12 AC4 8 ASP A 27 ? ASP A 27  . ? 1_555 ? 
13 AC4 8 SER A 42 ? SER A 42  . ? 1_555 ? 
14 AC4 8 ASP A 46 ? ASP A 46  . ? 1_555 ? 
15 AC4 8 HOH F .  ? HOH A 126 . ? 1_555 ? 
16 AC4 8 HOH F .  ? HOH A 196 . ? 1_555 ? 
17 AC4 8 HOH F .  ? HOH A 202 . ? 1_555 ? 
# 
_pdbx_entry_details.entry_id                   2QSK 
_pdbx_entry_details.compound_details           ? 
_pdbx_entry_details.source_details             ? 
_pdbx_entry_details.nonpolymer_details         ? 
_pdbx_entry_details.sequence_details           ? 
_pdbx_entry_details.has_ligand_of_interest     ? 
_pdbx_entry_details.has_protein_modification   Y 
# 
loop_
_pdbx_validate_close_contact.id 
_pdbx_validate_close_contact.PDB_model_num 
_pdbx_validate_close_contact.auth_atom_id_1 
_pdbx_validate_close_contact.auth_asym_id_1 
_pdbx_validate_close_contact.auth_comp_id_1 
_pdbx_validate_close_contact.auth_seq_id_1 
_pdbx_validate_close_contact.PDB_ins_code_1 
_pdbx_validate_close_contact.label_alt_id_1 
_pdbx_validate_close_contact.auth_atom_id_2 
_pdbx_validate_close_contact.auth_asym_id_2 
_pdbx_validate_close_contact.auth_comp_id_2 
_pdbx_validate_close_contact.auth_seq_id_2 
_pdbx_validate_close_contact.PDB_ins_code_2 
_pdbx_validate_close_contact.label_alt_id_2 
_pdbx_validate_close_contact.dist 
1 1 OG A SER 82  ? ? O A HOH 211 ? ? 1.84 
2 1 O  A HOH 211 ? ? O A HOH 214 ? ? 1.91 
3 1 O  A HOH 165 ? ? O A HOH 201 ? ? 1.97 
# 
_pdbx_database_remark.id     999 
_pdbx_database_remark.text   
;SEQUENCE
The sequence of this protein was not available at UNP 
database during the time of processing this entry
;
# 
loop_
_chem_comp_atom.comp_id 
_chem_comp_atom.atom_id 
_chem_comp_atom.type_symbol 
_chem_comp_atom.pdbx_aromatic_flag 
_chem_comp_atom.pdbx_stereo_config 
_chem_comp_atom.pdbx_ordinal 
ALA N    N  N N 1   
ALA CA   C  N S 2   
ALA C    C  N N 3   
ALA O    O  N N 4   
ALA CB   C  N N 5   
ALA OXT  O  N N 6   
ALA H    H  N N 7   
ALA H2   H  N N 8   
ALA HA   H  N N 9   
ALA HB1  H  N N 10  
ALA HB2  H  N N 11  
ALA HB3  H  N N 12  
ALA HXT  H  N N 13  
ARG N    N  N N 14  
ARG CA   C  N S 15  
ARG C    C  N N 16  
ARG O    O  N N 17  
ARG CB   C  N N 18  
ARG CG   C  N N 19  
ARG CD   C  N N 20  
ARG NE   N  N N 21  
ARG CZ   C  N N 22  
ARG NH1  N  N N 23  
ARG NH2  N  N N 24  
ARG OXT  O  N N 25  
ARG H    H  N N 26  
ARG H2   H  N N 27  
ARG HA   H  N N 28  
ARG HB2  H  N N 29  
ARG HB3  H  N N 30  
ARG HG2  H  N N 31  
ARG HG3  H  N N 32  
ARG HD2  H  N N 33  
ARG HD3  H  N N 34  
ARG HE   H  N N 35  
ARG HH11 H  N N 36  
ARG HH12 H  N N 37  
ARG HH21 H  N N 38  
ARG HH22 H  N N 39  
ARG HXT  H  N N 40  
ASN N    N  N N 41  
ASN CA   C  N S 42  
ASN C    C  N N 43  
ASN O    O  N N 44  
ASN CB   C  N N 45  
ASN CG   C  N N 46  
ASN OD1  O  N N 47  
ASN ND2  N  N N 48  
ASN OXT  O  N N 49  
ASN H    H  N N 50  
ASN H2   H  N N 51  
ASN HA   H  N N 52  
ASN HB2  H  N N 53  
ASN HB3  H  N N 54  
ASN HD21 H  N N 55  
ASN HD22 H  N N 56  
ASN HXT  H  N N 57  
ASP N    N  N N 58  
ASP CA   C  N S 59  
ASP C    C  N N 60  
ASP O    O  N N 61  
ASP CB   C  N N 62  
ASP CG   C  N N 63  
ASP OD1  O  N N 64  
ASP OD2  O  N N 65  
ASP OXT  O  N N 66  
ASP H    H  N N 67  
ASP H2   H  N N 68  
ASP HA   H  N N 69  
ASP HB2  H  N N 70  
ASP HB3  H  N N 71  
ASP HD2  H  N N 72  
ASP HXT  H  N N 73  
CL  CL   CL N N 74  
CYS N    N  N N 75  
CYS CA   C  N R 76  
CYS C    C  N N 77  
CYS O    O  N N 78  
CYS CB   C  N N 79  
CYS SG   S  N N 80  
CYS OXT  O  N N 81  
CYS H    H  N N 82  
CYS H2   H  N N 83  
CYS HA   H  N N 84  
CYS HB2  H  N N 85  
CYS HB3  H  N N 86  
CYS HG   H  N N 87  
CYS HXT  H  N N 88  
GLN N    N  N N 89  
GLN CA   C  N S 90  
GLN C    C  N N 91  
GLN O    O  N N 92  
GLN CB   C  N N 93  
GLN CG   C  N N 94  
GLN CD   C  N N 95  
GLN OE1  O  N N 96  
GLN NE2  N  N N 97  
GLN OXT  O  N N 98  
GLN H    H  N N 99  
GLN H2   H  N N 100 
GLN HA   H  N N 101 
GLN HB2  H  N N 102 
GLN HB3  H  N N 103 
GLN HG2  H  N N 104 
GLN HG3  H  N N 105 
GLN HE21 H  N N 106 
GLN HE22 H  N N 107 
GLN HXT  H  N N 108 
GLU N    N  N N 109 
GLU CA   C  N S 110 
GLU C    C  N N 111 
GLU O    O  N N 112 
GLU CB   C  N N 113 
GLU CG   C  N N 114 
GLU CD   C  N N 115 
GLU OE1  O  N N 116 
GLU OE2  O  N N 117 
GLU OXT  O  N N 118 
GLU H    H  N N 119 
GLU H2   H  N N 120 
GLU HA   H  N N 121 
GLU HB2  H  N N 122 
GLU HB3  H  N N 123 
GLU HG2  H  N N 124 
GLU HG3  H  N N 125 
GLU HE2  H  N N 126 
GLU HXT  H  N N 127 
GLY N    N  N N 128 
GLY CA   C  N N 129 
GLY C    C  N N 130 
GLY O    O  N N 131 
GLY OXT  O  N N 132 
GLY H    H  N N 133 
GLY H2   H  N N 134 
GLY HA2  H  N N 135 
GLY HA3  H  N N 136 
GLY HXT  H  N N 137 
GOL C1   C  N N 138 
GOL O1   O  N N 139 
GOL C2   C  N N 140 
GOL O2   O  N N 141 
GOL C3   C  N N 142 
GOL O3   O  N N 143 
GOL H11  H  N N 144 
GOL H12  H  N N 145 
GOL HO1  H  N N 146 
GOL H2   H  N N 147 
GOL HO2  H  N N 148 
GOL H31  H  N N 149 
GOL H32  H  N N 150 
GOL HO3  H  N N 151 
HIS N    N  N N 152 
HIS CA   C  N S 153 
HIS C    C  N N 154 
HIS O    O  N N 155 
HIS CB   C  N N 156 
HIS CG   C  Y N 157 
HIS ND1  N  Y N 158 
HIS CD2  C  Y N 159 
HIS CE1  C  Y N 160 
HIS NE2  N  Y N 161 
HIS OXT  O  N N 162 
HIS H    H  N N 163 
HIS H2   H  N N 164 
HIS HA   H  N N 165 
HIS HB2  H  N N 166 
HIS HB3  H  N N 167 
HIS HD1  H  N N 168 
HIS HD2  H  N N 169 
HIS HE1  H  N N 170 
HIS HE2  H  N N 171 
HIS HXT  H  N N 172 
HOH O    O  N N 173 
HOH H1   H  N N 174 
HOH H2   H  N N 175 
LYS N    N  N N 176 
LYS CA   C  N S 177 
LYS C    C  N N 178 
LYS O    O  N N 179 
LYS CB   C  N N 180 
LYS CG   C  N N 181 
LYS CD   C  N N 182 
LYS CE   C  N N 183 
LYS NZ   N  N N 184 
LYS OXT  O  N N 185 
LYS H    H  N N 186 
LYS H2   H  N N 187 
LYS HA   H  N N 188 
LYS HB2  H  N N 189 
LYS HB3  H  N N 190 
LYS HG2  H  N N 191 
LYS HG3  H  N N 192 
LYS HD2  H  N N 193 
LYS HD3  H  N N 194 
LYS HE2  H  N N 195 
LYS HE3  H  N N 196 
LYS HZ1  H  N N 197 
LYS HZ2  H  N N 198 
LYS HZ3  H  N N 199 
LYS HXT  H  N N 200 
PHE N    N  N N 201 
PHE CA   C  N S 202 
PHE C    C  N N 203 
PHE O    O  N N 204 
PHE CB   C  N N 205 
PHE CG   C  Y N 206 
PHE CD1  C  Y N 207 
PHE CD2  C  Y N 208 
PHE CE1  C  Y N 209 
PHE CE2  C  Y N 210 
PHE CZ   C  Y N 211 
PHE OXT  O  N N 212 
PHE H    H  N N 213 
PHE H2   H  N N 214 
PHE HA   H  N N 215 
PHE HB2  H  N N 216 
PHE HB3  H  N N 217 
PHE HD1  H  N N 218 
PHE HD2  H  N N 219 
PHE HE1  H  N N 220 
PHE HE2  H  N N 221 
PHE HZ   H  N N 222 
PHE HXT  H  N N 223 
PRO N    N  N N 224 
PRO CA   C  N S 225 
PRO C    C  N N 226 
PRO O    O  N N 227 
PRO CB   C  N N 228 
PRO CG   C  N N 229 
PRO CD   C  N N 230 
PRO OXT  O  N N 231 
PRO H    H  N N 232 
PRO HA   H  N N 233 
PRO HB2  H  N N 234 
PRO HB3  H  N N 235 
PRO HG2  H  N N 236 
PRO HG3  H  N N 237 
PRO HD2  H  N N 238 
PRO HD3  H  N N 239 
PRO HXT  H  N N 240 
SER N    N  N N 241 
SER CA   C  N S 242 
SER C    C  N N 243 
SER O    O  N N 244 
SER CB   C  N N 245 
SER OG   O  N N 246 
SER OXT  O  N N 247 
SER H    H  N N 248 
SER H2   H  N N 249 
SER HA   H  N N 250 
SER HB2  H  N N 251 
SER HB3  H  N N 252 
SER HG   H  N N 253 
SER HXT  H  N N 254 
THR N    N  N N 255 
THR CA   C  N S 256 
THR C    C  N N 257 
THR O    O  N N 258 
THR CB   C  N R 259 
THR OG1  O  N N 260 
THR CG2  C  N N 261 
THR OXT  O  N N 262 
THR H    H  N N 263 
THR H2   H  N N 264 
THR HA   H  N N 265 
THR HB   H  N N 266 
THR HG1  H  N N 267 
THR HG21 H  N N 268 
THR HG22 H  N N 269 
THR HG23 H  N N 270 
THR HXT  H  N N 271 
TRP N    N  N N 272 
TRP CA   C  N S 273 
TRP C    C  N N 274 
TRP O    O  N N 275 
TRP CB   C  N N 276 
TRP CG   C  Y N 277 
TRP CD1  C  Y N 278 
TRP CD2  C  Y N 279 
TRP NE1  N  Y N 280 
TRP CE2  C  Y N 281 
TRP CE3  C  Y N 282 
TRP CZ2  C  Y N 283 
TRP CZ3  C  Y N 284 
TRP CH2  C  Y N 285 
TRP OXT  O  N N 286 
TRP H    H  N N 287 
TRP H2   H  N N 288 
TRP HA   H  N N 289 
TRP HB2  H  N N 290 
TRP HB3  H  N N 291 
TRP HD1  H  N N 292 
TRP HE1  H  N N 293 
TRP HE3  H  N N 294 
TRP HZ2  H  N N 295 
TRP HZ3  H  N N 296 
TRP HH2  H  N N 297 
TRP HXT  H  N N 298 
TYR N    N  N N 299 
TYR CA   C  N S 300 
TYR C    C  N N 301 
TYR O    O  N N 302 
TYR CB   C  N N 303 
TYR CG   C  Y N 304 
TYR CD1  C  Y N 305 
TYR CD2  C  Y N 306 
TYR CE1  C  Y N 307 
TYR CE2  C  Y N 308 
TYR CZ   C  Y N 309 
TYR OH   O  N N 310 
TYR OXT  O  N N 311 
TYR H    H  N N 312 
TYR H2   H  N N 313 
TYR HA   H  N N 314 
TYR HB2  H  N N 315 
TYR HB3  H  N N 316 
TYR HD1  H  N N 317 
TYR HD2  H  N N 318 
TYR HE1  H  N N 319 
TYR HE2  H  N N 320 
TYR HH   H  N N 321 
TYR HXT  H  N N 322 
# 
loop_
_chem_comp_bond.comp_id 
_chem_comp_bond.atom_id_1 
_chem_comp_bond.atom_id_2 
_chem_comp_bond.value_order 
_chem_comp_bond.pdbx_aromatic_flag 
_chem_comp_bond.pdbx_stereo_config 
_chem_comp_bond.pdbx_ordinal 
ALA N   CA   sing N N 1   
ALA N   H    sing N N 2   
ALA N   H2   sing N N 3   
ALA CA  C    sing N N 4   
ALA CA  CB   sing N N 5   
ALA CA  HA   sing N N 6   
ALA C   O    doub N N 7   
ALA C   OXT  sing N N 8   
ALA CB  HB1  sing N N 9   
ALA CB  HB2  sing N N 10  
ALA CB  HB3  sing N N 11  
ALA OXT HXT  sing N N 12  
ARG N   CA   sing N N 13  
ARG N   H    sing N N 14  
ARG N   H2   sing N N 15  
ARG CA  C    sing N N 16  
ARG CA  CB   sing N N 17  
ARG CA  HA   sing N N 18  
ARG C   O    doub N N 19  
ARG C   OXT  sing N N 20  
ARG CB  CG   sing N N 21  
ARG CB  HB2  sing N N 22  
ARG CB  HB3  sing N N 23  
ARG CG  CD   sing N N 24  
ARG CG  HG2  sing N N 25  
ARG CG  HG3  sing N N 26  
ARG CD  NE   sing N N 27  
ARG CD  HD2  sing N N 28  
ARG CD  HD3  sing N N 29  
ARG NE  CZ   sing N N 30  
ARG NE  HE   sing N N 31  
ARG CZ  NH1  sing N N 32  
ARG CZ  NH2  doub N N 33  
ARG NH1 HH11 sing N N 34  
ARG NH1 HH12 sing N N 35  
ARG NH2 HH21 sing N N 36  
ARG NH2 HH22 sing N N 37  
ARG OXT HXT  sing N N 38  
ASN N   CA   sing N N 39  
ASN N   H    sing N N 40  
ASN N   H2   sing N N 41  
ASN CA  C    sing N N 42  
ASN CA  CB   sing N N 43  
ASN CA  HA   sing N N 44  
ASN C   O    doub N N 45  
ASN C   OXT  sing N N 46  
ASN CB  CG   sing N N 47  
ASN CB  HB2  sing N N 48  
ASN CB  HB3  sing N N 49  
ASN CG  OD1  doub N N 50  
ASN CG  ND2  sing N N 51  
ASN ND2 HD21 sing N N 52  
ASN ND2 HD22 sing N N 53  
ASN OXT HXT  sing N N 54  
ASP N   CA   sing N N 55  
ASP N   H    sing N N 56  
ASP N   H2   sing N N 57  
ASP CA  C    sing N N 58  
ASP CA  CB   sing N N 59  
ASP CA  HA   sing N N 60  
ASP C   O    doub N N 61  
ASP C   OXT  sing N N 62  
ASP CB  CG   sing N N 63  
ASP CB  HB2  sing N N 64  
ASP CB  HB3  sing N N 65  
ASP CG  OD1  doub N N 66  
ASP CG  OD2  sing N N 67  
ASP OD2 HD2  sing N N 68  
ASP OXT HXT  sing N N 69  
CYS N   CA   sing N N 70  
CYS N   H    sing N N 71  
CYS N   H2   sing N N 72  
CYS CA  C    sing N N 73  
CYS CA  CB   sing N N 74  
CYS CA  HA   sing N N 75  
CYS C   O    doub N N 76  
CYS C   OXT  sing N N 77  
CYS CB  SG   sing N N 78  
CYS CB  HB2  sing N N 79  
CYS CB  HB3  sing N N 80  
CYS SG  HG   sing N N 81  
CYS OXT HXT  sing N N 82  
GLN N   CA   sing N N 83  
GLN N   H    sing N N 84  
GLN N   H2   sing N N 85  
GLN CA  C    sing N N 86  
GLN CA  CB   sing N N 87  
GLN CA  HA   sing N N 88  
GLN C   O    doub N N 89  
GLN C   OXT  sing N N 90  
GLN CB  CG   sing N N 91  
GLN CB  HB2  sing N N 92  
GLN CB  HB3  sing N N 93  
GLN CG  CD   sing N N 94  
GLN CG  HG2  sing N N 95  
GLN CG  HG3  sing N N 96  
GLN CD  OE1  doub N N 97  
GLN CD  NE2  sing N N 98  
GLN NE2 HE21 sing N N 99  
GLN NE2 HE22 sing N N 100 
GLN OXT HXT  sing N N 101 
GLU N   CA   sing N N 102 
GLU N   H    sing N N 103 
GLU N   H2   sing N N 104 
GLU CA  C    sing N N 105 
GLU CA  CB   sing N N 106 
GLU CA  HA   sing N N 107 
GLU C   O    doub N N 108 
GLU C   OXT  sing N N 109 
GLU CB  CG   sing N N 110 
GLU CB  HB2  sing N N 111 
GLU CB  HB3  sing N N 112 
GLU CG  CD   sing N N 113 
GLU CG  HG2  sing N N 114 
GLU CG  HG3  sing N N 115 
GLU CD  OE1  doub N N 116 
GLU CD  OE2  sing N N 117 
GLU OE2 HE2  sing N N 118 
GLU OXT HXT  sing N N 119 
GLY N   CA   sing N N 120 
GLY N   H    sing N N 121 
GLY N   H2   sing N N 122 
GLY CA  C    sing N N 123 
GLY CA  HA2  sing N N 124 
GLY CA  HA3  sing N N 125 
GLY C   O    doub N N 126 
GLY C   OXT  sing N N 127 
GLY OXT HXT  sing N N 128 
GOL C1  O1   sing N N 129 
GOL C1  C2   sing N N 130 
GOL C1  H11  sing N N 131 
GOL C1  H12  sing N N 132 
GOL O1  HO1  sing N N 133 
GOL C2  O2   sing N N 134 
GOL C2  C3   sing N N 135 
GOL C2  H2   sing N N 136 
GOL O2  HO2  sing N N 137 
GOL C3  O3   sing N N 138 
GOL C3  H31  sing N N 139 
GOL C3  H32  sing N N 140 
GOL O3  HO3  sing N N 141 
HIS N   CA   sing N N 142 
HIS N   H    sing N N 143 
HIS N   H2   sing N N 144 
HIS CA  C    sing N N 145 
HIS CA  CB   sing N N 146 
HIS CA  HA   sing N N 147 
HIS C   O    doub N N 148 
HIS C   OXT  sing N N 149 
HIS CB  CG   sing N N 150 
HIS CB  HB2  sing N N 151 
HIS CB  HB3  sing N N 152 
HIS CG  ND1  sing Y N 153 
HIS CG  CD2  doub Y N 154 
HIS ND1 CE1  doub Y N 155 
HIS ND1 HD1  sing N N 156 
HIS CD2 NE2  sing Y N 157 
HIS CD2 HD2  sing N N 158 
HIS CE1 NE2  sing Y N 159 
HIS CE1 HE1  sing N N 160 
HIS NE2 HE2  sing N N 161 
HIS OXT HXT  sing N N 162 
HOH O   H1   sing N N 163 
HOH O   H2   sing N N 164 
LYS N   CA   sing N N 165 
LYS N   H    sing N N 166 
LYS N   H2   sing N N 167 
LYS CA  C    sing N N 168 
LYS CA  CB   sing N N 169 
LYS CA  HA   sing N N 170 
LYS C   O    doub N N 171 
LYS C   OXT  sing N N 172 
LYS CB  CG   sing N N 173 
LYS CB  HB2  sing N N 174 
LYS CB  HB3  sing N N 175 
LYS CG  CD   sing N N 176 
LYS CG  HG2  sing N N 177 
LYS CG  HG3  sing N N 178 
LYS CD  CE   sing N N 179 
LYS CD  HD2  sing N N 180 
LYS CD  HD3  sing N N 181 
LYS CE  NZ   sing N N 182 
LYS CE  HE2  sing N N 183 
LYS CE  HE3  sing N N 184 
LYS NZ  HZ1  sing N N 185 
LYS NZ  HZ2  sing N N 186 
LYS NZ  HZ3  sing N N 187 
LYS OXT HXT  sing N N 188 
PHE N   CA   sing N N 189 
PHE N   H    sing N N 190 
PHE N   H2   sing N N 191 
PHE CA  C    sing N N 192 
PHE CA  CB   sing N N 193 
PHE CA  HA   sing N N 194 
PHE C   O    doub N N 195 
PHE C   OXT  sing N N 196 
PHE CB  CG   sing N N 197 
PHE CB  HB2  sing N N 198 
PHE CB  HB3  sing N N 199 
PHE CG  CD1  doub Y N 200 
PHE CG  CD2  sing Y N 201 
PHE CD1 CE1  sing Y N 202 
PHE CD1 HD1  sing N N 203 
PHE CD2 CE2  doub Y N 204 
PHE CD2 HD2  sing N N 205 
PHE CE1 CZ   doub Y N 206 
PHE CE1 HE1  sing N N 207 
PHE CE2 CZ   sing Y N 208 
PHE CE2 HE2  sing N N 209 
PHE CZ  HZ   sing N N 210 
PHE OXT HXT  sing N N 211 
PRO N   CA   sing N N 212 
PRO N   CD   sing N N 213 
PRO N   H    sing N N 214 
PRO CA  C    sing N N 215 
PRO CA  CB   sing N N 216 
PRO CA  HA   sing N N 217 
PRO C   O    doub N N 218 
PRO C   OXT  sing N N 219 
PRO CB  CG   sing N N 220 
PRO CB  HB2  sing N N 221 
PRO CB  HB3  sing N N 222 
PRO CG  CD   sing N N 223 
PRO CG  HG2  sing N N 224 
PRO CG  HG3  sing N N 225 
PRO CD  HD2  sing N N 226 
PRO CD  HD3  sing N N 227 
PRO OXT HXT  sing N N 228 
SER N   CA   sing N N 229 
SER N   H    sing N N 230 
SER N   H2   sing N N 231 
SER CA  C    sing N N 232 
SER CA  CB   sing N N 233 
SER CA  HA   sing N N 234 
SER C   O    doub N N 235 
SER C   OXT  sing N N 236 
SER CB  OG   sing N N 237 
SER CB  HB2  sing N N 238 
SER CB  HB3  sing N N 239 
SER OG  HG   sing N N 240 
SER OXT HXT  sing N N 241 
THR N   CA   sing N N 242 
THR N   H    sing N N 243 
THR N   H2   sing N N 244 
THR CA  C    sing N N 245 
THR CA  CB   sing N N 246 
THR CA  HA   sing N N 247 
THR C   O    doub N N 248 
THR C   OXT  sing N N 249 
THR CB  OG1  sing N N 250 
THR CB  CG2  sing N N 251 
THR CB  HB   sing N N 252 
THR OG1 HG1  sing N N 253 
THR CG2 HG21 sing N N 254 
THR CG2 HG22 sing N N 255 
THR CG2 HG23 sing N N 256 
THR OXT HXT  sing N N 257 
TRP N   CA   sing N N 258 
TRP N   H    sing N N 259 
TRP N   H2   sing N N 260 
TRP CA  C    sing N N 261 
TRP CA  CB   sing N N 262 
TRP CA  HA   sing N N 263 
TRP C   O    doub N N 264 
TRP C   OXT  sing N N 265 
TRP CB  CG   sing N N 266 
TRP CB  HB2  sing N N 267 
TRP CB  HB3  sing N N 268 
TRP CG  CD1  doub Y N 269 
TRP CG  CD2  sing Y N 270 
TRP CD1 NE1  sing Y N 271 
TRP CD1 HD1  sing N N 272 
TRP CD2 CE2  doub Y N 273 
TRP CD2 CE3  sing Y N 274 
TRP NE1 CE2  sing Y N 275 
TRP NE1 HE1  sing N N 276 
TRP CE2 CZ2  sing Y N 277 
TRP CE3 CZ3  doub Y N 278 
TRP CE3 HE3  sing N N 279 
TRP CZ2 CH2  doub Y N 280 
TRP CZ2 HZ2  sing N N 281 
TRP CZ3 CH2  sing Y N 282 
TRP CZ3 HZ3  sing N N 283 
TRP CH2 HH2  sing N N 284 
TRP OXT HXT  sing N N 285 
TYR N   CA   sing N N 286 
TYR N   H    sing N N 287 
TYR N   H2   sing N N 288 
TYR CA  C    sing N N 289 
TYR CA  CB   sing N N 290 
TYR CA  HA   sing N N 291 
TYR C   O    doub N N 292 
TYR C   OXT  sing N N 293 
TYR CB  CG   sing N N 294 
TYR CB  HB2  sing N N 295 
TYR CB  HB3  sing N N 296 
TYR CG  CD1  doub Y N 297 
TYR CG  CD2  sing Y N 298 
TYR CD1 CE1  sing Y N 299 
TYR CD1 HD1  sing N N 300 
TYR CD2 CE2  doub Y N 301 
TYR CD2 HD2  sing N N 302 
TYR CE1 CZ   doub Y N 303 
TYR CE1 HE1  sing N N 304 
TYR CE2 CZ   sing Y N 305 
TYR CE2 HE2  sing N N 306 
TYR CZ  OH   sing N N 307 
TYR OH  HH   sing N N 308 
TYR OXT HXT  sing N N 309 
# 
_pdbx_initial_refinement_model.id               1 
_pdbx_initial_refinement_model.entity_id_list   ? 
_pdbx_initial_refinement_model.type             'experimental model' 
_pdbx_initial_refinement_model.source_name      PDB 
_pdbx_initial_refinement_model.accession_code   2QT4 
_pdbx_initial_refinement_model.details          'PDB ENTRY 2QT4' 
# 
_atom_sites.entry_id                    2QSK 
_atom_sites.fract_transf_matrix[1][1]   0.00240988 
_atom_sites.fract_transf_matrix[1][2]   -0.02551841 
_atom_sites.fract_transf_matrix[1][3]   -0.00531890 
_atom_sites.fract_transf_matrix[2][1]   0.01104054 
_atom_sites.fract_transf_matrix[2][2]   -0.00374978 
_atom_sites.fract_transf_matrix[2][3]   0.02299248 
_atom_sites.fract_transf_matrix[3][1]   -0.01501523 
_atom_sites.fract_transf_matrix[3][2]   -0.00282479 
_atom_sites.fract_transf_matrix[3][3]   0.00674934 
_atom_sites.fract_transf_vector[1]      0.635804 
_atom_sites.fract_transf_vector[2]      0.151634 
_atom_sites.fract_transf_vector[3]      0.011340 
# 
loop_
_atom_type.symbol 
C  
CL 
N  
O  
S  
# 
loop_
_atom_site.group_PDB 
_atom_site.id 
_atom_site.type_symbol 
_atom_site.label_atom_id 
_atom_site.label_alt_id 
_atom_site.label_comp_id 
_atom_site.label_asym_id 
_atom_site.label_entity_id 
_atom_site.label_seq_id 
_atom_site.pdbx_PDB_ins_code 
_atom_site.Cartn_x 
_atom_site.Cartn_y 
_atom_site.Cartn_z 
_atom_site.occupancy 
_atom_site.B_iso_or_equiv 
_atom_site.pdbx_formal_charge 
_atom_site.auth_seq_id 
_atom_site.auth_comp_id 
_atom_site.auth_asym_id 
_atom_site.auth_atom_id 
_atom_site.pdbx_PDB_model_num 
ATOM   1   N  N   . GLY A 1 1  ? 5.861   1.723   -8.334  1.00 8.35  ? 1   GLY A N   1 
ATOM   2   C  CA  . GLY A 1 1  ? 5.512   0.544   -9.145  1.00 9.38  ? 1   GLY A CA  1 
ATOM   3   C  C   . GLY A 1 1  ? 4.751   0.934   -10.397 1.00 8.62  ? 1   GLY A C   1 
ATOM   4   O  O   . GLY A 1 1  ? 4.967   2.026   -10.948 1.00 9.84  ? 1   GLY A O   1 
ATOM   5   N  N   . SER A 1 2  ? 3.873   0.051   -10.847 1.00 9.54  ? 2   SER A N   1 
ATOM   6   C  CA  . SER A 1 2  ? 3.271   0.195   -12.160 1.00 9.68  ? 2   SER A CA  1 
ATOM   7   C  C   . SER A 1 2  ? 2.219   1.283   -12.255 1.00 9.51  ? 2   SER A C   1 
ATOM   8   O  O   . SER A 1 2  ? 1.958   1.781   -13.357 1.00 11.57 ? 2   SER A O   1 
ATOM   9   C  CB  . SER A 1 2  ? 2.676   -1.134  -12.619 1.00 11.70 ? 2   SER A CB  1 
ATOM   10  O  OG  . SER A 1 2  ? 1.668   -1.562  -11.719 1.00 13.66 ? 2   SER A OG  1 
ATOM   11  N  N   . GLY A 1 3  ? 1.550   1.610   -11.148 1.00 8.77  ? 3   GLY A N   1 
ATOM   12  C  CA  . GLY A 1 3  ? 0.412   2.489   -11.207 1.00 8.80  ? 3   GLY A CA  1 
ATOM   13  C  C   . GLY A 1 3  ? -0.228  2.605   -9.843  1.00 7.78  ? 3   GLY A C   1 
ATOM   14  O  O   . GLY A 1 3  ? 0.267   2.025   -8.854  1.00 7.79  ? 3   GLY A O   1 
ATOM   15  N  N   . PRO A 1 4  ? -1.321  3.366   -9.743  1.00 8.40  ? 4   PRO A N   1 
ATOM   16  C  CA  . PRO A 1 4  ? -1.876  3.732   -8.430  1.00 8.45  ? 4   PRO A CA  1 
ATOM   17  C  C   . PRO A 1 4  ? -2.432  2.580   -7.605  1.00 8.36  ? 4   PRO A C   1 
ATOM   18  O  O   . PRO A 1 4  ? -2.623  2.754   -6.395  1.00 8.82  ? 4   PRO A O   1 
ATOM   19  C  CB  . PRO A 1 4  ? -2.973  4.732   -8.789  1.00 9.53  ? 4   PRO A CB  1 
ATOM   20  C  CG  . PRO A 1 4  ? -3.340  4.404   -10.210 1.00 12.10 ? 4   PRO A CG  1 
ATOM   21  C  CD  . PRO A 1 4  ? -2.045  4.002   -10.858 1.00 10.18 ? 4   PRO A CD  1 
ATOM   22  N  N   . THR A 1 5  ? -2.712  1.431   -8.219  1.00 7.70  ? 5   THR A N   1 
ATOM   23  C  CA  . THR A 1 5  ? -3.187  0.274   -7.458  1.00 8.73  ? 5   THR A CA  1 
ATOM   24  C  C   . THR A 1 5  ? -2.051  -0.562  -6.877  1.00 8.48  ? 5   THR A C   1 
ATOM   25  O  O   . THR A 1 5  ? -2.324  -1.549  -6.184  1.00 9.95  ? 5   THR A O   1 
ATOM   26  C  CB  . THR A 1 5  ? -4.106  -0.663  -8.284  1.00 9.75  ? 5   THR A CB  1 
ATOM   27  O  OG1 . THR A 1 5  ? -3.337  -1.390  -9.241  1.00 11.55 ? 5   THR A OG1 1 
ATOM   28  C  CG2 . THR A 1 5  ? -5.250  0.103   -8.951  1.00 11.16 ? 5   THR A CG2 1 
ATOM   29  N  N   . TYR A 1 6  ? -0.794  -0.194  -7.142  1.00 7.93  ? 6   TYR A N   1 
ATOM   30  C  CA  . TYR A 1 6  ? 0.349   -0.835  -6.499  1.00 7.94  ? 6   TYR A CA  1 
ATOM   31  C  C   . TYR A 1 6  ? 0.595   -0.145  -5.155  1.00 7.78  ? 6   TYR A C   1 
ATOM   32  O  O   . TYR A 1 6  ? 0.727   1.079   -5.105  1.00 8.33  ? 6   TYR A O   1 
ATOM   33  C  CB  . TYR A 1 6  ? 1.594   -0.710  -7.370  1.00 8.54  ? 6   TYR A CB  1 
ATOM   34  C  CG  . TYR A 1 6  ? 2.789   -1.406  -6.747  1.00 8.15  ? 6   TYR A CG  1 
ATOM   35  C  CD1 . TYR A 1 6  ? 2.832   -2.795  -6.652  1.00 9.88  ? 6   TYR A CD1 1 
ATOM   36  C  CD2 . TYR A 1 6  ? 3.854   -0.674  -6.224  1.00 8.02  ? 6   TYR A CD2 1 
ATOM   37  C  CE1 . TYR A 1 6  ? 3.893   -3.440  -6.061  1.00 10.63 ? 6   TYR A CE1 1 
ATOM   38  C  CE2 . TYR A 1 6  ? 4.937   -1.320  -5.665  1.00 7.94  ? 6   TYR A CE2 1 
ATOM   39  C  CZ  . TYR A 1 6  ? 4.949   -2.693  -5.566  1.00 9.67  ? 6   TYR A CZ  1 
ATOM   40  O  OH  . TYR A 1 6  ? 6.005   -3.379  -4.989  1.00 11.01 ? 6   TYR A OH  1 
ATOM   41  N  N   . CYS A 1 7  ? 0.647   -0.924  -4.065  1.00 8.76  ? 7   CYS A N   1 
ATOM   42  C  CA  . CYS A 1 7  ? 0.817   -0.357  -2.727  1.00 8.67  ? 7   CYS A CA  1 
ATOM   43  C  C   . CYS A 1 7  ? 2.123   -0.819  -2.113  1.00 8.95  ? 7   CYS A C   1 
ATOM   44  O  O   . CYS A 1 7  ? 2.386   -2.020  -2.030  1.00 11.62 ? 7   CYS A O   1 
ATOM   45  C  CB  . CYS A 1 7  ? -0.335  -0.717  -1.806  1.00 12.14 ? 7   CYS A CB  1 
ATOM   46  S  SG  . CYS A 1 7  ? -1.885  0.136   -2.137  1.00 14.82 ? 7   CYS A SG  1 
ATOM   47  N  N   . TRP A 1 8  ? 2.930   0.127   -1.655  1.00 8.84  ? 8   TRP A N   1 
ATOM   48  C  CA  . TRP A 1 8  ? 4.218   -0.170  -1.037  1.00 8.80  ? 8   TRP A CA  1 
ATOM   49  C  C   . TRP A 1 8  ? 4.529   0.910   -0.009  1.00 8.93  ? 8   TRP A C   1 
ATOM   50  O  O   . TRP A 1 8  ? 4.361   2.096   -0.287  1.00 11.57 ? 8   TRP A O   1 
ATOM   51  C  CB  . TRP A 1 8  ? 5.312   -0.231  -2.111  1.00 9.55  ? 8   TRP A CB  1 
ATOM   52  C  CG  . TRP A 1 8  ? 6.640   -0.614  -1.559  1.00 9.02  ? 8   TRP A CG  1 
ATOM   53  C  CD1 . TRP A 1 8  ? 7.637   0.234   -1.166  1.00 9.38  ? 8   TRP A CD1 1 
ATOM   54  C  CD2 . TRP A 1 8  ? 7.122   -1.937  -1.306  1.00 10.25 ? 8   TRP A CD2 1 
ATOM   55  N  NE1 . TRP A 1 8  ? 8.702   -0.468  -0.699  1.00 10.14 ? 8   TRP A NE1 1 
ATOM   56  C  CE2 . TRP A 1 8  ? 8.418   -1.802  -0.763  1.00 10.86 ? 8   TRP A CE2 1 
ATOM   57  C  CE3 . TRP A 1 8  ? 6.588   -3.220  -1.468  1.00 13.76 ? 8   TRP A CE3 1 
ATOM   58  C  CZ2 . TRP A 1 8  ? 9.192   -2.902  -0.390  1.00 14.50 ? 8   TRP A CZ2 1 
ATOM   59  C  CZ3 . TRP A 1 8  ? 7.362   -4.311  -1.099  1.00 15.56 ? 8   TRP A CZ3 1 
ATOM   60  C  CH2 . TRP A 1 8  ? 8.650   -4.142  -0.561  1.00 15.88 ? 8   TRP A CH2 1 
ATOM   61  N  N   . ASN A 1 9  ? 4.978   0.493   1.168   1.00 9.51  ? 9   ASN A N   1 
ATOM   62  C  CA  . ASN A 1 9  ? 5.391   1.410   2.222   1.00 9.91  ? 9   ASN A CA  1 
ATOM   63  C  C   . ASN A 1 9  ? 6.874   1.730   2.093   1.00 8.80  ? 9   ASN A C   1 
ATOM   64  O  O   . ASN A 1 9  ? 7.725   0.928   2.456   1.00 11.00 ? 9   ASN A O   1 
ATOM   65  C  CB  . ASN A 1 9  ? 5.093   0.804   3.589   1.00 12.15 ? 9   ASN A CB  1 
ATOM   66  C  CG  . ASN A 1 9  ? 5.443   1.743   4.726   1.00 12.82 ? 9   ASN A CG  1 
ATOM   67  O  OD1 . ASN A 1 9  ? 5.919   2.857   4.520   1.00 13.57 ? 9   ASN A OD1 1 
ATOM   68  N  ND2 . ASN A 1 9  ? 5.216   1.284   5.959   1.00 16.88 ? 9   ASN A ND2 1 
ATOM   69  N  N   . GLU A 1 10 ? 7.184   2.912   1.561   1.00 8.36  ? 10  GLU A N   1 
ATOM   70  C  CA  . GLU A 1 10 ? 8.565   3.304   1.318   1.00 7.98  ? 10  GLU A CA  1 
ATOM   71  C  C   . GLU A 1 10 ? 9.359   3.596   2.602   1.00 8.47  ? 10  GLU A C   1 
ATOM   72  O  O   . GLU A 1 10 ? 10.580  3.737   2.542   1.00 8.87  ? 10  GLU A O   1 
ATOM   73  C  CB  . GLU A 1 10 ? 8.613   4.541   0.434   1.00 8.20  ? 10  GLU A CB  1 
ATOM   74  C  CG  . GLU A 1 10 ? 8.052   4.327   -0.971  1.00 7.56  ? 10  GLU A CG  1 
ATOM   75  C  CD  . GLU A 1 10 ? 8.063   5.576   -1.838  1.00 7.86  ? 10  GLU A CD  1 
ATOM   76  O  OE1 . GLU A 1 10 ? 8.783   6.556   -1.477  1.00 9.75  ? 10  GLU A OE1 1 
ATOM   77  O  OE2 . GLU A 1 10 ? 7.360   5.589   -2.884  1.00 8.14  ? 10  GLU A OE2 1 
ATOM   78  N  N   . ALA A 1 11 ? 8.681   3.735   3.742   1.00 9.76  ? 11  ALA A N   1 
ATOM   79  C  CA  . ALA A 1 11 ? 9.372   4.140   4.971   1.00 10.65 ? 11  ALA A CA  1 
ATOM   80  C  C   . ALA A 1 11 ? 10.432  3.143   5.371   1.00 10.99 ? 11  ALA A C   1 
ATOM   81  O  O   . ALA A 1 11 ? 11.430  3.533   5.995   1.00 12.28 ? 11  ALA A O   1 
ATOM   82  C  CB  . ALA A 1 11 ? 8.386   4.331   6.099   1.00 13.48 ? 11  ALA A CB  1 
ATOM   83  N  N   . ASN A 1 12 ? 10.204  1.872   5.060   1.00 11.96 ? 12  ASN A N   1 
ATOM   84  C  CA  . ASN A 1 12 ? 11.050  0.786   5.531   1.00 14.40 ? 12  ASN A CA  1 
ATOM   85  C  C   . ASN A 1 12 ? 12.059  0.309   4.494   1.00 12.19 ? 12  ASN A C   1 
ATOM   86  O  O   . ASN A 1 12 ? 12.655  -0.754  4.652   1.00 15.04 ? 12  ASN A O   1 
ATOM   87  C  CB  . ASN A 1 12 ? 10.157  -0.379  6.023   1.00 18.48 ? 12  ASN A CB  1 
ATOM   88  C  CG  . ASN A 1 12 ? 9.240   0.051   7.135   1.00 19.84 ? 12  ASN A CG  1 
ATOM   89  O  OD1 . ASN A 1 12 ? 9.652   0.813   8.002   1.00 24.28 ? 12  ASN A OD1 1 
ATOM   90  N  ND2 . ASN A 1 12 ? 7.992   -0.407  7.110   1.00 23.77 ? 12  ASN A ND2 1 
ATOM   91  N  N   . ASN A 1 13 ? 12.301  1.104   3.441   1.00 10.36 ? 13  ASN A N   1 
ATOM   92  C  CA  . ASN A 1 13 ? 13.132  0.640   2.359   1.00 10.19 ? 13  ASN A CA  1 
ATOM   93  C  C   . ASN A 1 13 ? 14.590  0.466   2.764   1.00 10.83 ? 13  ASN A C   1 
ATOM   94  O  O   . ASN A 1 13 ? 15.098  1.162   3.659   1.00 11.08 ? 13  ASN A O   1 
ATOM   95  C  CB  . ASN A 1 13 ? 13.069  1.613   1.178   1.00 9.47  ? 13  ASN A CB  1 
ATOM   96  C  CG  . ASN A 1 13 ? 11.779  1.505   0.397   1.00 9.12  ? 13  ASN A CG  1 
ATOM   97  O  OD1 . ASN A 1 13 ? 10.906  0.696   0.710   1.00 10.47 ? 13  ASN A OD1 1 
ATOM   98  N  ND2 . ASN A 1 13 ? 11.647  2.330   -0.642  1.00 9.56  ? 13  ASN A ND2 1 
ATOM   99  N  N   . PRO A 1 14 ? 15.296  -0.434  2.069   1.00 12.88 ? 14  PRO A N   1 
ATOM   100 C  CA  . PRO A 1 14 ? 16.729  -0.563  2.303   1.00 13.53 ? 14  PRO A CA  1 
ATOM   101 C  C   . PRO A 1 14 ? 17.428  0.755   2.021   1.00 12.80 ? 14  PRO A C   1 
ATOM   102 O  O   . PRO A 1 14 ? 17.161  1.405   0.992   1.00 15.02 ? 14  PRO A O   1 
ATOM   103 C  CB  . PRO A 1 14 ? 17.169  -1.635  1.291   1.00 15.01 ? 14  PRO A CB  1 
ATOM   104 C  CG  . PRO A 1 14 ? 15.953  -2.309  0.863   1.00 16.90 ? 14  PRO A CG  1 
ATOM   105 C  CD  . PRO A 1 14 ? 14.824  -1.362  1.027   1.00 15.33 ? 14  PRO A CD  1 
ATOM   106 N  N   . GLY A 1 15 ? 18.313  1.149   2.926   1.00 12.43 ? 15  GLY A N   1 
ATOM   107 C  CA  . GLY A 1 15 ? 19.052  2.387   2.796   1.00 13.15 ? 15  GLY A CA  1 
ATOM   108 C  C   . GLY A 1 15 ? 18.374  3.605   3.356   1.00 11.28 ? 15  GLY A C   1 
ATOM   109 O  O   . GLY A 1 15 ? 19.010  4.671   3.428   1.00 12.19 ? 15  GLY A O   1 
ATOM   110 N  N   . GLY A 1 16 ? 17.103  3.477   3.719   1.00 10.46 ? 16  GLY A N   1 
ATOM   111 C  CA  . GLY A 1 16 ? 16.379  4.568   4.348   1.00 10.41 ? 16  GLY A CA  1 
ATOM   112 C  C   . GLY A 1 16 ? 15.048  4.839   3.680   1.00 8.39  ? 16  GLY A C   1 
ATOM   113 O  O   . GLY A 1 16 ? 14.732  4.303   2.591   1.00 8.66  ? 16  GLY A O   1 
ATOM   114 N  N   . PRO A 1 17 ? 14.246  5.675   4.322   1.00 8.36  ? 17  PRO A N   1 
ATOM   115 C  CA  . PRO A 1 17 ? 12.941  5.996   3.763   1.00 8.52  ? 17  PRO A CA  1 
ATOM   116 C  C   . PRO A 1 17 ? 13.073  6.528   2.327   1.00 7.70  ? 17  PRO A C   1 
ATOM   117 O  O   . PRO A 1 17 ? 13.920  7.371   2.032   1.00 8.33  ? 17  PRO A O   1 
ATOM   118 C  CB  . PRO A 1 17 ? 12.408  7.068   4.719   1.00 10.22 ? 17  PRO A CB  1 
ATOM   119 C  CG  . PRO A 1 17 ? 13.093  6.785   6.030   1.00 10.67 ? 17  PRO A CG  1 
ATOM   120 C  CD  . PRO A 1 17 ? 14.478  6.352   5.622   1.00 9.57  ? 17  PRO A CD  1 
ATOM   121 N  N   . ASN A 1 18 ? 12.215  6.020   1.448   1.00 7.69  ? 18  ASN A N   1 
ATOM   122 C  CA  . ASN A 1 18 ? 12.112  6.525   0.086   1.00 7.63  ? 18  ASN A CA  1 
ATOM   123 C  C   . ASN A 1 18 ? 13.328  6.206   -0.770  1.00 8.34  ? 18  ASN A C   1 
ATOM   124 O  O   . ASN A 1 18 ? 13.429  6.727   -1.887  1.00 11.54 ? 18  ASN A O   1 
ATOM   125 C  CB  . ASN A 1 18 ? 11.830  8.042   0.052   1.00 9.77  ? 18  ASN A CB  1 
ATOM   126 C  CG  . ASN A 1 18 ? 10.777  8.458   1.025   1.00 10.58 ? 18  ASN A CG  1 
ATOM   127 O  OD1 . ASN A 1 18 ? 11.060  9.158   2.003   1.00 13.84 ? 18  ASN A OD1 1 
ATOM   128 N  ND2 . ASN A 1 18 ? 9.545   7.988   0.804   1.00 11.29 ? 18  ASN A ND2 1 
ATOM   129 N  N   . ARG A 1 19 ? 14.227  5.328   -0.313  1.00 7.95  ? 19  ARG A N   1 
ATOM   130 C  CA  . ARG A 1 19 ? 15.364  4.921   -1.123  1.00 7.91  ? 19  ARG A CA  1 
ATOM   131 C  C   . ARG A 1 19 ? 15.017  3.677   -1.920  1.00 8.13  ? 19  ARG A C   1 
ATOM   132 O  O   . ARG A 1 19 ? 14.208  2.854   -1.497  1.00 9.67  ? 19  ARG A O   1 
ATOM   133 C  CB  . ARG A 1 19 ? 16.599  4.654   -0.247  1.00 8.51  ? 19  ARG A CB  1 
ATOM   134 C  CG  . ARG A 1 19 ? 16.997  5.834   0.625   1.00 8.81  ? 19  ARG A CG  1 
ATOM   135 C  CD  . ARG A 1 19 ? 17.099  7.142   -0.108  1.00 8.82  ? 19  ARG A CD  1 
ATOM   136 N  NE  . ARG A 1 19 ? 18.096  7.149   -1.179  1.00 9.48  ? 19  ARG A NE  1 
ATOM   137 C  CZ  . ARG A 1 19 ? 19.346  7.578   -1.053  1.00 9.59  ? 19  ARG A CZ  1 
ATOM   138 N  NH1 . ARG A 1 19 ? 19.844  7.893   0.139   1.00 10.49 ? 19  ARG A NH1 1 
ATOM   139 N  NH2 . ARG A 1 19 ? 20.130  7.636   -2.126  1.00 10.78 ? 19  ARG A NH2 1 
ATOM   140 N  N   . CYS A 1 20 ? 15.675  3.501   -3.061  1.00 8.70  ? 20  CYS A N   1 
ATOM   141 C  CA  A CYS A 1 20 ? 15.326  2.392   -3.938  0.75 8.36  ? 20  CYS A CA  1 
ATOM   142 C  CA  B CYS A 1 20 ? 15.342  2.375   -3.908  0.25 8.53  ? 20  CYS A CA  1 
ATOM   143 C  C   . CYS A 1 20 ? 16.458  2.019   -4.868  1.00 8.82  ? 20  CYS A C   1 
ATOM   144 O  O   . CYS A 1 20 ? 17.303  2.847   -5.202  1.00 9.90  ? 20  CYS A O   1 
ATOM   145 C  CB  A CYS A 1 20 ? 14.085  2.761   -4.766  0.75 8.92  ? 20  CYS A CB  1 
ATOM   146 C  CB  B CYS A 1 20 ? 14.063  2.692   -4.688  0.25 8.65  ? 20  CYS A CB  1 
ATOM   147 S  SG  A CYS A 1 20 ? 14.337  4.256   -5.782  0.75 10.03 ? 20  CYS A SG  1 
ATOM   148 S  SG  B CYS A 1 20 ? 14.123  4.309   -5.493  0.25 9.26  ? 20  CYS A SG  1 
ATOM   149 N  N   . SER A 1 21 ? 16.399  0.761   -5.306  1.00 9.27  ? 21  SER A N   1 
ATOM   150 C  CA  A SER A 1 21 ? 17.117  0.335   -6.504  0.70 10.65 ? 21  SER A CA  1 
ATOM   151 C  CA  B SER A 1 21 ? 17.122  0.228   -6.459  0.30 9.41  ? 21  SER A CA  1 
ATOM   152 C  C   . SER A 1 21 ? 16.196  -0.113  -7.631  1.00 9.39  ? 21  SER A C   1 
ATOM   153 O  O   . SER A 1 21 ? 16.671  -0.273  -8.754  1.00 11.39 ? 21  SER A O   1 
ATOM   154 C  CB  A SER A 1 21 ? 18.145  -0.747  -6.197  0.70 12.26 ? 21  SER A CB  1 
ATOM   155 C  CB  B SER A 1 21 ? 17.864  -1.054  -6.072  0.30 11.59 ? 21  SER A CB  1 
ATOM   156 O  OG  A SER A 1 21 ? 17.522  -1.866  -5.606  0.70 15.27 ? 21  SER A OG  1 
ATOM   157 O  OG  B SER A 1 21 ? 18.848  -0.806  -5.092  0.30 12.47 ? 21  SER A OG  1 
ATOM   158 N  N   . ASN A 1 22 ? 14.904  -0.318  -7.364  1.00 8.89  ? 22  ASN A N   1 
ATOM   159 C  CA  A ASN A 1 22 ? 13.985  -0.726  -8.416  0.80 10.16 ? 22  ASN A CA  1 
ATOM   160 C  CA  B ASN A 1 22 ? 13.949  -0.793  -8.363  0.20 8.35  ? 22  ASN A CA  1 
ATOM   161 C  C   . ASN A 1 22 ? 12.603  -0.118  -8.188  1.00 8.35  ? 22  ASN A C   1 
ATOM   162 O  O   . ASN A 1 22 ? 12.262  0.313   -7.076  1.00 8.60  ? 22  ASN A O   1 
ATOM   163 C  CB  A ASN A 1 22 ? 13.940  -2.256  -8.528  0.80 14.89 ? 22  ASN A CB  1 
ATOM   164 C  CB  B ASN A 1 22 ? 13.794  -2.310  -8.236  0.20 6.32  ? 22  ASN A CB  1 
ATOM   165 C  CG  A ASN A 1 22 ? 13.478  -2.919  -7.273  0.80 17.52 ? 22  ASN A CG  1 
ATOM   166 C  CG  B ASN A 1 22 ? 14.923  -3.052  -8.911  0.20 7.90  ? 22  ASN A CG  1 
ATOM   167 O  OD1 A ASN A 1 22 ? 14.220  -3.672  -6.632  0.80 24.04 ? 22  ASN A OD1 1 
ATOM   168 O  OD1 B ASN A 1 22 ? 15.121  -2.935  -10.113 0.20 7.81  ? 22  ASN A OD1 1 
ATOM   169 N  ND2 A ASN A 1 22 ? 12.255  -2.667  -6.908  0.80 20.05 ? 22  ASN A ND2 1 
ATOM   170 N  ND2 B ASN A 1 22 ? 15.682  -3.802  -8.136  0.20 10.09 ? 22  ASN A ND2 1 
ATOM   171 N  N   . ASN A 1 23 ? 11.818  -0.060  -9.260  1.00 8.35  ? 23  ASN A N   1 
ATOM   172 C  CA  . ASN A 1 23 ? 10.511  0.568   -9.208  1.00 8.03  ? 23  ASN A CA  1 
ATOM   173 C  C   . ASN A 1 23 ? 9.532   -0.079  -8.232  1.00 7.64  ? 23  ASN A C   1 
ATOM   174 O  O   . ASN A 1 23 ? 8.624   0.584   -7.745  1.00 8.59  ? 23  ASN A O   1 
ATOM   175 C  CB  . ASN A 1 23 ? 9.880   0.591   -10.607 1.00 8.61  ? 23  ASN A CB  1 
ATOM   176 C  CG  . ASN A 1 23 ? 10.665  1.437   -11.606 1.00 8.72  ? 23  ASN A CG  1 
ATOM   177 O  OD1 . ASN A 1 23 ? 11.430  2.328   -11.232 1.00 10.61 ? 23  ASN A OD1 1 
ATOM   178 N  ND2 . ASN A 1 23 ? 10.441  1.184   -12.892 1.00 9.37  ? 23  ASN A ND2 1 
ATOM   179 N  N   . LYS A 1 24 ? 9.717   -1.369  -7.948  1.00 8.54  ? 24  LYS A N   1 
ATOM   180 C  CA  A LYS A 1 24 ? 8.863   -2.118  -7.020  0.50 10.85 ? 24  LYS A CA  1 
ATOM   181 C  CA  B LYS A 1 24 ? 8.811   -2.072  -7.038  0.50 7.63  ? 24  LYS A CA  1 
ATOM   182 C  C   . LYS A 1 24 ? 8.999   -1.624  -5.582  1.00 7.95  ? 24  LYS A C   1 
ATOM   183 O  O   . LYS A 1 24 ? 8.175   -1.942  -4.733  1.00 9.35  ? 24  LYS A O   1 
ATOM   184 C  CB  A LYS A 1 24 ? 9.182   -3.619  -7.063  0.50 16.11 ? 24  LYS A CB  1 
ATOM   185 C  CB  B LYS A 1 24 ? 8.960   -3.587  -7.157  0.50 8.69  ? 24  LYS A CB  1 
ATOM   186 C  CG  A LYS A 1 24 ? 8.129   -4.493  -7.718  0.50 20.45 ? 24  LYS A CG  1 
ATOM   187 C  CG  B LYS A 1 24 ? 10.304  -4.083  -6.696  0.50 11.28 ? 24  LYS A CG  1 
ATOM   188 C  CD  A LYS A 1 24 ? 8.603   -5.941  -7.724  0.50 20.73 ? 24  LYS A CD  1 
ATOM   189 C  CD  B LYS A 1 24 ? 10.469  -5.562  -6.930  0.50 13.66 ? 24  LYS A CD  1 
ATOM   190 C  CE  A LYS A 1 24 ? 7.523   -6.909  -8.134  0.50 22.27 ? 24  LYS A CE  1 
ATOM   191 C  CE  B LYS A 1 24 ? 11.877  -6.027  -6.613  0.50 16.37 ? 24  LYS A CE  1 
ATOM   192 N  NZ  A LYS A 1 24 ? 6.476   -7.035  -7.099  0.50 21.50 ? 24  LYS A NZ  1 
ATOM   193 N  NZ  B LYS A 1 24 ? 12.017  -7.481  -6.807  0.50 18.26 ? 24  LYS A NZ  1 
ATOM   194 N  N   . GLN A 1 25 ? 10.042  -0.841  -5.284  1.00 7.73  ? 25  GLN A N   1 
ATOM   195 C  CA  . GLN A 1 25 ? 10.237  -0.290  -3.941  1.00 7.63  ? 25  GLN A CA  1 
ATOM   196 C  C   . GLN A 1 25 ? 9.616   1.101   -3.801  1.00 7.35  ? 25  GLN A C   1 
ATOM   197 O  O   . GLN A 1 25 ? 9.837   1.788   -2.797  1.00 8.04  ? 25  GLN A O   1 
ATOM   198 C  CB  . GLN A 1 25 ? 11.734  -0.236  -3.620  1.00 8.45  ? 25  GLN A CB  1 
ATOM   199 C  CG  . GLN A 1 25 ? 12.341  -1.622  -3.531  1.00 9.07  ? 25  GLN A CG  1 
ATOM   200 C  CD  . GLN A 1 25 ? 13.836  -1.556  -3.547  1.00 9.87  ? 25  GLN A CD  1 
ATOM   201 O  OE1 . GLN A 1 25 ? 14.420  -0.900  -4.410  1.00 10.58 ? 25  GLN A OE1 1 
ATOM   202 N  NE2 . GLN A 1 25 ? 14.473  -2.187  -2.562  1.00 12.51 ? 25  GLN A NE2 1 
ATOM   203 N  N   . CYS A 1 26 ? 8.826   1.511   -4.800  1.00 7.33  ? 26  CYS A N   1 
ATOM   204 C  CA  A CYS A 1 26 ? 8.199   2.819   -4.773  0.75 7.19  ? 26  CYS A CA  1 
ATOM   205 C  CA  B CYS A 1 26 ? 8.195   2.828   -4.847  0.25 7.19  ? 26  CYS A CA  1 
ATOM   206 C  C   . CYS A 1 26 ? 6.678   2.654   -4.840  1.00 7.05  ? 26  CYS A C   1 
ATOM   207 O  O   . CYS A 1 26 ? 6.148   1.801   -5.560  1.00 7.63  ? 26  CYS A O   1 
ATOM   208 C  CB  A CYS A 1 26 ? 8.723   3.692   -5.916  0.75 8.37  ? 26  CYS A CB  1 
ATOM   209 C  CB  B CYS A 1 26 ? 8.609   3.563   -6.128  0.25 7.35  ? 26  CYS A CB  1 
ATOM   210 S  SG  A CYS A 1 26 ? 10.523  3.925   -5.850  0.75 8.52  ? 26  CYS A SG  1 
ATOM   211 S  SG  B CYS A 1 26 ? 10.387  3.571   -6.456  0.25 7.62  ? 26  CYS A SG  1 
ATOM   212 N  N   . ASP A 1 27 ? 5.982   3.450   -4.043  1.00 6.95  ? 27  ASP A N   1 
ATOM   213 C  CA  . ASP A 1 27 ? 4.524   3.330   -3.921  1.00 6.77  ? 27  ASP A CA  1 
ATOM   214 C  C   . ASP A 1 27 ? 3.801   3.789   -5.185  1.00 6.69  ? 27  ASP A C   1 
ATOM   215 O  O   . ASP A 1 27 ? 4.178   4.778   -5.827  1.00 7.23  ? 27  ASP A O   1 
ATOM   216 C  CB  . ASP A 1 27 ? 4.065   4.188   -2.742  1.00 7.37  ? 27  ASP A CB  1 
ATOM   217 C  CG  . ASP A 1 27 ? 2.630   3.923   -2.307  1.00 8.04  ? 27  ASP A CG  1 
ATOM   218 O  OD1 . ASP A 1 27 ? 2.086   2.829   -2.560  1.00 8.14  ? 27  ASP A OD1 1 
ATOM   219 O  OD2 . ASP A 1 27 ? 2.054   4.843   -1.675  1.00 9.87  ? 27  ASP A OD2 1 
ATOM   220 N  N   . GLY A 1 28 ? 2.709   3.100   -5.504  1.00 6.92  ? 28  GLY A N   1 
ATOM   221 C  CA  . GLY A 1 28 ? 1.837   3.529   -6.577  1.00 6.84  ? 28  GLY A CA  1 
ATOM   222 C  C   . GLY A 1 28 ? 2.585   3.648   -7.893  1.00 6.90  ? 28  GLY A C   1 
ATOM   223 O  O   . GLY A 1 28 ? 3.337   2.776   -8.289  1.00 7.77  ? 28  GLY A O   1 
ATOM   224 N  N   . ALA A 1 29 ? 2.358   4.791   -8.553  1.00 7.25  ? 29  ALA A N   1 
ATOM   225 C  CA  . ALA A 1 29 ? 2.968   5.102   -9.853  1.00 7.39  ? 29  ALA A CA  1 
ATOM   226 C  C   . ALA A 1 29 ? 4.377   5.680   -9.727  1.00 7.32  ? 29  ALA A C   1 
ATOM   227 O  O   . ALA A 1 29 ? 4.954   6.080   -10.751 1.00 8.63  ? 29  ALA A O   1 
ATOM   228 C  CB  . ALA A 1 29 ? 2.058   6.084   -10.611 1.00 8.81  ? 29  ALA A CB  1 
ATOM   229 N  N   . ARG A 1 30 ? 4.965   5.746   -8.527  1.00 6.84  ? 30  ARG A N   1 
ATOM   230 C  CA  . ARG A 1 30 ? 6.336   6.267   -8.389  1.00 6.89  ? 30  ARG A CA  1 
ATOM   231 C  C   . ARG A 1 30 ? 7.345   5.281   -8.962  1.00 7.11  ? 30  ARG A C   1 
ATOM   232 O  O   . ARG A 1 30 ? 7.122   4.077   -9.013  1.00 8.09  ? 30  ARG A O   1 
ATOM   233 C  CB  . ARG A 1 30 ? 6.607   6.589   -6.915  1.00 6.61  ? 30  ARG A CB  1 
ATOM   234 C  CG  . ARG A 1 30 ? 5.858   7.825   -6.479  1.00 7.64  ? 30  ARG A CG  1 
ATOM   235 C  CD  . ARG A 1 30 ? 5.758   8.003   -4.996  1.00 7.79  ? 30  ARG A CD  1 
ATOM   236 N  NE  . ARG A 1 30 ? 6.986   8.017   -4.217  1.00 7.81  ? 30  ARG A NE  1 
ATOM   237 C  CZ  . ARG A 1 30 ? 7.685   9.105   -3.898  1.00 7.88  ? 30  ARG A CZ  1 
ATOM   238 N  NH1 . ARG A 1 30 ? 8.580   9.005   -2.936  1.00 8.66  ? 30  ARG A NH1 1 
ATOM   239 N  NH2 . ARG A 1 30 ? 7.495   10.284  -4.488  1.00 9.00  ? 30  ARG A NH2 1 
ATOM   240 N  N   . THR A 1 31 ? 8.490   5.826   -9.364  1.00 6.89  ? 31  THR A N   1 
ATOM   241 C  CA  . THR A 1 31 ? 9.551   5.047   -9.947  1.00 7.46  ? 31  THR A CA  1 
ATOM   242 C  C   . THR A 1 31 ? 10.903  5.429   -9.333  1.00 7.03  ? 31  THR A C   1 
ATOM   243 O  O   . THR A 1 31 ? 11.040  6.473   -8.675  1.00 7.87  ? 31  THR A O   1 
ATOM   244 C  CB  . THR A 1 31 ? 9.600   5.204   -11.487 1.00 8.56  ? 31  THR A CB  1 
ATOM   245 O  OG1 . THR A 1 31 ? 9.740   6.579   -11.835 1.00 9.71  ? 31  THR A OG1 1 
ATOM   246 C  CG2 . THR A 1 31 ? 8.324   4.670   -12.146 1.00 9.84  ? 31  THR A CG2 1 
ATOM   247 N  N   . CYS A 1 32 ? 11.906  4.592   -9.545  1.00 7.90  ? 32  CYS A N   1 
ATOM   248 C  CA  A CYS A 1 32 ? 13.200  4.806   -8.918  0.75 8.25  ? 32  CYS A CA  1 
ATOM   249 C  CA  B CYS A 1 32 ? 13.227  4.738   -8.952  0.25 8.55  ? 32  CYS A CA  1 
ATOM   250 C  C   . CYS A 1 32 ? 14.075  5.709   -9.777  1.00 8.55  ? 32  CYS A C   1 
ATOM   251 O  O   . CYS A 1 32 ? 14.261  5.478   -10.980 1.00 9.73  ? 32  CYS A O   1 
ATOM   252 C  CB  A CYS A 1 32 ? 13.885  3.469   -8.638  0.75 9.73  ? 32  CYS A CB  1 
ATOM   253 C  CB  B CYS A 1 32 ? 13.866  3.342   -8.917  0.25 9.29  ? 32  CYS A CB  1 
ATOM   254 S  SG  A CYS A 1 32 ? 15.265  3.598   -7.506  0.75 9.93  ? 32  CYS A SG  1 
ATOM   255 S  SG  B CYS A 1 32 ? 15.597  3.247   -8.486  0.25 10.04 ? 32  CYS A SG  1 
ATOM   256 N  N   . SER A 1 33 ? 14.606  6.763   -9.153  1.00 8.10  ? 33  SER A N   1 
ATOM   257 C  CA  . SER A 1 33 ? 15.444  7.744   -9.825  1.00 8.92  ? 33  SER A CA  1 
ATOM   258 C  C   . SER A 1 33 ? 16.879  7.249   -9.980  1.00 8.45  ? 33  SER A C   1 
ATOM   259 O  O   . SER A 1 33 ? 17.329  6.313   -9.309  1.00 8.72  ? 33  SER A O   1 
ATOM   260 C  CB  . SER A 1 33 ? 15.467  9.059   -9.049  1.00 9.17  ? 33  SER A CB  1 
ATOM   261 O  OG  . SER A 1 33 ? 16.350  8.963   -7.926  1.00 9.49  ? 33  SER A OG  1 
ATOM   262 N  N   . SER A 1 34 ? 17.631  7.954   -10.814 1.00 9.92  ? 34  SER A N   1 
ATOM   263 C  CA  . SER A 1 34 ? 19.041  7.657   -10.993 1.00 10.43 ? 34  SER A CA  1 
ATOM   264 C  C   . SER A 1 34 ? 19.839  7.843   -9.709  1.00 11.11 ? 34  SER A C   1 
ATOM   265 O  O   . SER A 1 34 ? 20.907  7.264   -9.574  1.00 16.44 ? 34  SER A O   1 
ATOM   266 C  CB  . SER A 1 34 ? 19.611  8.493   -12.134 1.00 13.98 ? 34  SER A CB  1 
ATOM   267 O  OG  . SER A 1 34 ? 19.413  9.862   -11.881 1.00 17.86 ? 34  SER A OG  1 
ATOM   268 N  N   . SER A 1 35 ? 19.351  8.644   -8.777  1.00 10.25 ? 35  SER A N   1 
ATOM   269 C  CA  . SER A 1 35 ? 20.062  8.815   -7.498  1.00 11.43 ? 35  SER A CA  1 
ATOM   270 C  C   . SER A 1 35 ? 19.542  7.921   -6.389  1.00 10.06 ? 35  SER A C   1 
ATOM   271 O  O   . SER A 1 35 ? 19.954  8.067   -5.225  1.00 11.62 ? 35  SER A O   1 
ATOM   272 C  CB  . SER A 1 35 ? 20.075  10.250  -7.055  1.00 15.02 ? 35  SER A CB  1 
ATOM   273 O  OG  . SER A 1 35 ? 18.775  10.680  -6.971  1.00 16.19 ? 35  SER A OG  1 
ATOM   274 N  N   . GLY A 1 36 ? 18.684  6.972   -6.736  1.00 8.57  ? 36  GLY A N   1 
ATOM   275 C  CA  . GLY A 1 36 ? 18.243  5.988   -5.772  1.00 9.04  ? 36  GLY A CA  1 
ATOM   276 C  C   . GLY A 1 36 ? 17.195  6.481   -4.812  1.00 7.93  ? 36  GLY A C   1 
ATOM   277 O  O   . GLY A 1 36 ? 17.127  6.002   -3.665  1.00 8.56  ? 36  GLY A O   1 
ATOM   278 N  N   . PHE A 1 37 ? 16.354  7.409   -5.263  1.00 7.59  ? 37  PHE A N   1 
ATOM   279 C  CA  . PHE A 1 37 ? 15.186  7.865   -4.520  1.00 7.36  ? 37  PHE A CA  1 
ATOM   280 C  C   . PHE A 1 37 ? 13.936  7.591   -5.339  1.00 7.45  ? 37  PHE A C   1 
ATOM   281 O  O   . PHE A 1 37 ? 13.927  7.752   -6.578  1.00 8.42  ? 37  PHE A O   1 
ATOM   282 C  CB  . PHE A 1 37 ? 15.240  9.369   -4.274  1.00 7.79  ? 37  PHE A CB  1 
ATOM   283 C  CG  . PHE A 1 37 ? 16.217  9.783   -3.198  1.00 7.80  ? 37  PHE A CG  1 
ATOM   284 C  CD1 . PHE A 1 37 ? 15.792  9.904   -1.876  1.00 8.21  ? 37  PHE A CD1 1 
ATOM   285 C  CD2 . PHE A 1 37 ? 17.533  10.080  -3.495  1.00 8.44  ? 37  PHE A CD2 1 
ATOM   286 C  CE1 . PHE A 1 37 ? 16.666  10.301  -0.879  1.00 8.81  ? 37  PHE A CE1 1 
ATOM   287 C  CE2 . PHE A 1 37 ? 18.420  10.487  -2.482  1.00 9.23  ? 37  PHE A CE2 1 
ATOM   288 C  CZ  . PHE A 1 37 ? 17.970  10.594  -1.188  1.00 9.03  ? 37  PHE A CZ  1 
ATOM   289 N  N   . CYS A 1 38 ? 12.847  7.268   -4.666  1.00 7.45  ? 38  CYS A N   1 
ATOM   290 C  CA  A CYS A 1 38 ? 11.574  7.194   -5.369  0.75 7.34  ? 38  CYS A CA  1 
ATOM   291 C  CA  B CYS A 1 38 ? 11.555  7.179   -5.331  0.25 8.19  ? 38  CYS A CA  1 
ATOM   292 C  C   . CYS A 1 38 ? 11.133  8.581   -5.808  1.00 7.74  ? 38  CYS A C   1 
ATOM   293 O  O   . CYS A 1 38 ? 11.378  9.584   -5.117  1.00 9.04  ? 38  CYS A O   1 
ATOM   294 C  CB  A CYS A 1 38 ? 10.522  6.583   -4.472  0.75 8.16  ? 38  CYS A CB  1 
ATOM   295 C  CB  B CYS A 1 38 ? 10.512  6.591   -4.373  0.25 9.80  ? 38  CYS A CB  1 
ATOM   296 S  SG  A CYS A 1 38 ? 10.802  4.861   -4.062  0.75 8.58  ? 38  CYS A SG  1 
ATOM   297 S  SG  B CYS A 1 38 ? 11.069  5.195   -3.318  0.25 10.14 ? 38  CYS A SG  1 
ATOM   298 N  N   . GLN A 1 39 ? 10.478  8.650   -6.968  1.00 7.50  ? 39  GLN A N   1 
ATOM   299 C  CA  . GLN A 1 39 ? 10.071  9.943   -7.512  1.00 7.86  ? 39  GLN A CA  1 
ATOM   300 C  C   . GLN A 1 39 ? 8.724   9.784   -8.225  1.00 7.68  ? 39  GLN A C   1 
ATOM   301 O  O   . GLN A 1 39 ? 8.351   8.716   -8.706  1.00 8.18  ? 39  GLN A O   1 
ATOM   302 C  CB  . GLN A 1 39 ? 11.108  10.563  -8.432  1.00 8.97  ? 39  GLN A CB  1 
ATOM   303 C  CG  . GLN A 1 39 ? 11.329  9.821   -9.749  1.00 8.75  ? 39  GLN A CG  1 
ATOM   304 C  CD  . GLN A 1 39 ? 12.479  10.380  -10.612 1.00 8.72  ? 39  GLN A CD  1 
ATOM   305 O  OE1 . GLN A 1 39 ? 13.145  9.635   -11.319 1.00 9.39  ? 39  GLN A OE1 1 
ATOM   306 N  NE2 . GLN A 1 39 ? 12.699  11.671  -10.547 1.00 10.34 ? 39  GLN A NE2 1 
ATOM   307 N  N   . GLY A 1 40 ? 8.015   10.904  -8.285  1.00 8.44  ? 40  GLY A N   1 
ATOM   308 C  CA  . GLY A 1 40 ? 6.695   10.971  -8.905  1.00 8.85  ? 40  GLY A CA  1 
ATOM   309 C  C   . GLY A 1 40 ? 5.597   11.040  -7.872  1.00 8.72  ? 40  GLY A C   1 
ATOM   310 O  O   . GLY A 1 40 ? 5.829   11.218  -6.679  1.00 9.74  ? 40  GLY A O   1 
ATOM   311 N  N   . THR A 1 41 ? 4.369   10.861  -8.350  1.00 10.78 ? 41  THR A N   1 
ATOM   312 C  CA  . THR A 1 41 ? 3.171   10.894  -7.516  1.00 10.79 ? 41  THR A CA  1 
ATOM   313 C  C   . THR A 1 41 ? 2.608   9.481   -7.436  1.00 9.31  ? 41  THR A C   1 
ATOM   314 O  O   . THR A 1 41 ? 2.369   8.838   -8.451  1.00 10.57 ? 41  THR A O   1 
ATOM   315 C  CB  . THR A 1 41 ? 2.118   11.864  -8.086  1.00 13.18 ? 41  THR A CB  1 
ATOM   316 O  OG1 . THR A 1 41 ? 2.681   13.175  -8.090  1.00 18.19 ? 41  THR A OG1 1 
ATOM   317 C  CG2 . THR A 1 41 ? 0.839   11.839  -7.255  1.00 15.03 ? 41  THR A CG2 1 
ATOM   318 N  N   . SER A 1 42 ? 2.387   8.982   -6.232  1.00 8.77  ? 42  SER A N   1 
ATOM   319 C  CA  . SER A 1 42 ? 1.898   7.614   -6.092  1.00 8.58  ? 42  SER A CA  1 
ATOM   320 C  C   . SER A 1 42 ? 0.510   7.442   -6.708  1.00 8.08  ? 42  SER A C   1 
ATOM   321 O  O   . SER A 1 42 ? 0.273   6.477   -7.446  1.00 8.63  ? 42  SER A O   1 
ATOM   322 C  CB  . SER A 1 42 ? 1.867   7.206   -4.628  1.00 9.08  ? 42  SER A CB  1 
ATOM   323 O  OG  . SER A 1 42 ? 1.085   8.097   -3.870  1.00 11.01 ? 42  SER A OG  1 
ATOM   324 N  N   . ARG A 1 43 ? -0.390  8.361   -6.381  1.00 8.80  ? 43  ARG A N   1 
ATOM   325 C  CA  . ARG A 1 43 ? -1.798  8.278   -6.798  1.00 9.57  ? 43  ARG A CA  1 
ATOM   326 C  C   . ARG A 1 43 ? -2.448  9.593   -6.409  1.00 10.65 ? 43  ARG A C   1 
ATOM   327 O  O   . ARG A 1 43 ? -1.953  10.299  -5.540  1.00 11.53 ? 43  ARG A O   1 
ATOM   328 C  CB  . ARG A 1 43 ? -2.538  7.101   -6.119  1.00 9.08  ? 43  ARG A CB  1 
ATOM   329 C  CG  . ARG A 1 43 ? -2.544  7.201   -4.609  1.00 9.21  ? 43  ARG A CG  1 
ATOM   330 C  CD  . ARG A 1 43 ? -3.100  5.942   -3.953  1.00 9.10  ? 43  ARG A CD  1 
ATOM   331 N  NE  . ARG A 1 43 ? -2.292  4.764   -4.229  1.00 8.47  ? 43  ARG A NE  1 
ATOM   332 C  CZ  . ARG A 1 43 ? -1.138  4.478   -3.620  1.00 8.28  ? 43  ARG A CZ  1 
ATOM   333 N  NH1 . ARG A 1 43 ? -0.662  5.258   -2.649  1.00 8.97  ? 43  ARG A NH1 1 
ATOM   334 N  NH2 . ARG A 1 43 ? -0.429  3.420   -4.011  1.00 8.36  ? 43  ARG A NH2 1 
ATOM   335 N  N   . LYS A 1 44 ? -3.595  9.874   -7.026  1.00 12.18 ? 44  LYS A N   1 
ATOM   336 C  CA  A LYS A 1 44 ? -4.396  11.060  -6.717  0.50 14.67 ? 44  LYS A CA  1 
ATOM   337 C  CA  B LYS A 1 44 ? -4.401  11.047  -6.686  0.50 13.20 ? 44  LYS A CA  1 
ATOM   338 C  C   . LYS A 1 44 ? -5.866  10.647  -6.686  1.00 15.06 ? 44  LYS A C   1 
ATOM   339 O  O   . LYS A 1 44 ? -6.364  10.146  -7.688  1.00 18.22 ? 44  LYS A O   1 
ATOM   340 C  CB  A LYS A 1 44 ? -4.200  12.150  -7.783  0.50 18.62 ? 44  LYS A CB  1 
ATOM   341 C  CB  B LYS A 1 44 ? -4.174  12.186  -7.679  0.50 15.53 ? 44  LYS A CB  1 
ATOM   342 C  CG  A LYS A 1 44 ? -2.812  12.222  -8.409  0.50 21.03 ? 44  LYS A CG  1 
ATOM   343 C  CG  B LYS A 1 44 ? -2.776  12.767  -7.640  0.50 19.04 ? 44  LYS A CG  1 
ATOM   344 C  CD  A LYS A 1 44 ? -2.699  13.375  -9.407  0.50 21.74 ? 44  LYS A CD  1 
ATOM   345 C  CD  B LYS A 1 44 ? -2.714  14.173  -8.212  0.50 20.07 ? 44  LYS A CD  1 
ATOM   346 C  CE  A LYS A 1 44 ? -1.295  13.491  -9.981  0.50 22.39 ? 44  LYS A CE  1 
ATOM   347 C  CE  B LYS A 1 44 ? -1.420  14.867  -7.829  0.50 20.39 ? 44  LYS A CE  1 
ATOM   348 N  NZ  A LYS A 1 44 ? -0.788  12.198  -10.531 0.50 25.02 ? 44  LYS A NZ  1 
ATOM   349 N  NZ  B LYS A 1 44 ? -1.250  14.986  -6.354  0.50 21.98 ? 44  LYS A NZ  1 
ATOM   350 N  N   . PRO A 1 45 ? -6.556  10.815  -5.533  1.00 15.18 ? 45  PRO A N   1 
ATOM   351 C  CA  . PRO A 1 45 ? -6.087  11.270  -4.226  1.00 16.19 ? 45  PRO A CA  1 
ATOM   352 C  C   . PRO A 1 45 ? -5.255  10.188  -3.528  1.00 14.26 ? 45  PRO A C   1 
ATOM   353 O  O   . PRO A 1 45 ? -5.355  8.993   -3.858  1.00 13.64 ? 45  PRO A O   1 
ATOM   354 C  CB  . PRO A 1 45 ? -7.383  11.514  -3.456  1.00 18.30 ? 45  PRO A CB  1 
ATOM   355 C  CG  . PRO A 1 45 ? -8.306  10.538  -4.016  1.00 19.47 ? 45  PRO A CG  1 
ATOM   356 C  CD  . PRO A 1 45 ? -7.989  10.480  -5.483  1.00 17.59 ? 45  PRO A CD  1 
ATOM   357 N  N   . ASP A 1 46 ? -4.436  10.626  -2.577  1.00 15.91 ? 46  ASP A N   1 
ATOM   358 C  CA  . ASP A 1 46 ? -3.692  9.738   -1.682  1.00 14.35 ? 46  ASP A CA  1 
ATOM   359 C  C   . ASP A 1 46 ? -3.966  10.175  -0.244  1.00 16.34 ? 46  ASP A C   1 
ATOM   360 O  O   . ASP A 1 46 ? -3.709  11.324  0.098   1.00 19.45 ? 46  ASP A O   1 
ATOM   361 C  CB  . ASP A 1 46 ? -2.194  9.835   -1.958  1.00 14.74 ? 46  ASP A CB  1 
ATOM   362 C  CG  . ASP A 1 46 ? -1.394  8.744   -1.257  1.00 14.77 ? 46  ASP A CG  1 
ATOM   363 O  OD1 . ASP A 1 46 ? -1.851  7.584   -1.225  1.00 13.79 ? 46  ASP A OD1 1 
ATOM   364 O  OD2 . ASP A 1 46 ? -0.289  9.040   -0.749  1.00 21.39 ? 46  ASP A OD2 1 
ATOM   365 N  N   . PRO A 1 47 ? -4.504  9.288   0.604   1.00 16.43 ? 47  PRO A N   1 
ATOM   366 C  CA  . PRO A 1 47 ? -4.901  7.934   0.286   1.00 15.84 ? 47  PRO A CA  1 
ATOM   367 C  C   . PRO A 1 47 ? -6.062  7.890   -0.710  1.00 14.56 ? 47  PRO A C   1 
ATOM   368 O  O   . PRO A 1 47 ? -6.813  8.856   -0.887  1.00 16.13 ? 47  PRO A O   1 
ATOM   369 C  CB  . PRO A 1 47 ? -5.310  7.357   1.647   1.00 19.06 ? 47  PRO A CB  1 
ATOM   370 C  CG  . PRO A 1 47 ? -5.650  8.523   2.470   1.00 21.77 ? 47  PRO A CG  1 
ATOM   371 C  CD  . PRO A 1 47 ? -4.762  9.618   2.015   1.00 19.82 ? 47  PRO A CD  1 
ATOM   372 N  N   . GLY A 1 48 ? -6.189  6.757   -1.388  1.00 13.49 ? 48  GLY A N   1 
ATOM   373 C  CA  . GLY A 1 48 ? -7.284  6.589   -2.346  1.00 13.47 ? 48  GLY A CA  1 
ATOM   374 C  C   . GLY A 1 48 ? -8.591  6.318   -1.614  1.00 13.48 ? 48  GLY A C   1 
ATOM   375 O  O   . GLY A 1 48 ? -8.591  6.033   -0.416  1.00 15.08 ? 48  GLY A O   1 
ATOM   376 N  N   . PRO A 1 49 ? -9.727  6.355   -2.331  1.00 14.39 ? 49  PRO A N   1 
ATOM   377 C  CA  . PRO A 1 49 ? -11.003 5.897   -1.740  1.00 14.31 ? 49  PRO A CA  1 
ATOM   378 C  C   . PRO A 1 49 ? -10.914 4.383   -1.552  1.00 12.32 ? 49  PRO A C   1 
ATOM   379 O  O   . PRO A 1 49 ? -10.048 3.757   -2.148  1.00 13.16 ? 49  PRO A O   1 
ATOM   380 C  CB  . PRO A 1 49 ? -12.034 6.279   -2.803  1.00 16.06 ? 49  PRO A CB  1 
ATOM   381 C  CG  . PRO A 1 49 ? -11.259 6.218   -4.085  1.00 15.86 ? 49  PRO A CG  1 
ATOM   382 C  CD  . PRO A 1 49 ? -9.866  6.704   -3.754  1.00 14.72 ? 49  PRO A CD  1 
ATOM   383 N  N   . LYS A 1 50 ? -11.794 3.787   -0.757  1.00 13.67 ? 50  LYS A N   1 
ATOM   384 C  CA  . LYS A 1 50 ? -11.830 2.334   -0.672  1.00 12.17 ? 50  LYS A CA  1 
ATOM   385 C  C   . LYS A 1 50 ? -11.908 1.739   -2.069  1.00 12.20 ? 50  LYS A C   1 
ATOM   386 O  O   . LYS A 1 50 ? -12.681 2.224   -2.914  1.00 14.88 ? 50  LYS A O   1 
ATOM   387 C  CB  . LYS A 1 50 ? -12.990 1.840   0.195   1.00 13.17 ? 50  LYS A CB  1 
ATOM   388 C  CG  . LYS A 1 50 ? -12.731 1.958   1.674   1.00 13.82 ? 50  LYS A CG  1 
ATOM   389 C  CD  . LYS A 1 50 ? -11.670 0.992   2.195   1.00 12.95 ? 50  LYS A CD  1 
ATOM   390 C  CE  . LYS A 1 50 ? -12.056 -0.471  2.073   1.00 10.69 ? 50  LYS A CE  1 
ATOM   391 N  NZ  . LYS A 1 50 ? -10.941 -1.346  2.500   1.00 9.49  ? 50  LYS A NZ  1 
ATOM   392 N  N   . GLY A 1 51 ? -11.138 0.680   -2.286  1.00 11.22 ? 51  GLY A N   1 
ATOM   393 C  CA  . GLY A 1 51 ? -10.978 0.079   -3.590  1.00 11.00 ? 51  GLY A CA  1 
ATOM   394 C  C   . GLY A 1 51 ? -9.502  -0.195  -3.833  1.00 9.53  ? 51  GLY A C   1 
ATOM   395 O  O   . GLY A 1 51 ? -8.686  -0.121  -2.902  1.00 9.11  ? 51  GLY A O   1 
ATOM   396 N  N   . PRO A 1 52 ? -9.161  -0.570  -5.070  1.00 10.15 ? 52  PRO A N   1 
ATOM   397 C  CA  . PRO A 1 52 ? -7.811  -1.011  -5.371  1.00 9.77  ? 52  PRO A CA  1 
ATOM   398 C  C   . PRO A 1 52 ? -6.678  -0.006  -5.165  1.00 8.91  ? 52  PRO A C   1 
ATOM   399 O  O   . PRO A 1 52 ? -5.519  -0.433  -5.165  1.00 9.72  ? 52  PRO A O   1 
ATOM   400 C  CB  . PRO A 1 52 ? -7.909  -1.470  -6.828  1.00 12.26 ? 52  PRO A CB  1 
ATOM   401 C  CG  . PRO A 1 52 ? -9.373  -1.777  -7.044  1.00 16.05 ? 52  PRO A CG  1 
ATOM   402 C  CD  . PRO A 1 52 ? -10.067 -0.745  -6.221  1.00 12.22 ? 52  PRO A CD  1 
ATOM   403 N  N   . THR A 1 53 ? -6.982  1.287   -4.999  1.00 8.50  ? 53  THR A N   1 
ATOM   404 C  CA  . THR A 1 53 ? -5.930  2.261   -4.701  1.00 8.87  ? 53  THR A CA  1 
ATOM   405 C  C   . THR A 1 53 ? -5.809  2.592   -3.227  1.00 8.98  ? 53  THR A C   1 
ATOM   406 O  O   . THR A 1 53 ? -4.960  3.418   -2.882  1.00 10.75 ? 53  THR A O   1 
ATOM   407 C  CB  . THR A 1 53 ? -6.054  3.568   -5.528  1.00 9.47  ? 53  THR A CB  1 
ATOM   408 O  OG1 . THR A 1 53 ? -7.116  4.376   -5.022  1.00 11.94 ? 53  THR A OG1 1 
ATOM   409 C  CG2 . THR A 1 53 ? -6.240  3.278   -7.007  1.00 10.72 ? 53  THR A CG2 1 
ATOM   410 N  N   . TYR A 1 54 ? -6.604  1.942   -2.356  1.00 8.47  ? 54  TYR A N   1 
ATOM   411 C  CA  . TYR A 1 54 ? -6.549  2.173   -0.933  1.00 8.49  ? 54  TYR A CA  1 
ATOM   412 C  C   . TYR A 1 54 ? -5.459  1.284   -0.323  1.00 8.49  ? 54  TYR A C   1 
ATOM   413 O  O   . TYR A 1 54 ? -5.524  0.061   -0.434  1.00 8.82  ? 54  TYR A O   1 
ATOM   414 C  CB  . TYR A 1 54 ? -7.887  1.836   -0.293  1.00 9.76  ? 54  TYR A CB  1 
ATOM   415 C  CG  . TYR A 1 54 ? -7.963  2.174   1.174   1.00 9.58  ? 54  TYR A CG  1 
ATOM   416 C  CD1 . TYR A 1 54 ? -8.063  3.486   1.590   1.00 13.45 ? 54  TYR A CD1 1 
ATOM   417 C  CD2 . TYR A 1 54 ? -7.947  1.174   2.165   1.00 9.46  ? 54  TYR A CD2 1 
ATOM   418 C  CE1 . TYR A 1 54 ? -8.154  3.815   2.935   1.00 14.63 ? 54  TYR A CE1 1 
ATOM   419 C  CE2 . TYR A 1 54 ? -8.047  1.488   3.508   1.00 9.99  ? 54  TYR A CE2 1 
ATOM   420 C  CZ  . TYR A 1 54 ? -8.136  2.818   3.889   1.00 12.53 ? 54  TYR A CZ  1 
ATOM   421 O  OH  . TYR A 1 54 ? -8.211  3.180   5.207   1.00 15.22 ? 54  TYR A OH  1 
ATOM   422 N  N   . CYS A 1 55 ? -4.457  1.906   0.302   1.00 9.01  ? 55  CYS A N   1 
ATOM   423 C  CA  . CYS A 1 55 ? -3.323  1.171   0.886   1.00 9.32  ? 55  CYS A CA  1 
ATOM   424 C  C   . CYS A 1 55 ? -3.434  1.159   2.406   1.00 10.19 ? 55  CYS A C   1 
ATOM   425 O  O   . CYS A 1 55 ? -3.495  2.211   3.038   1.00 12.68 ? 55  CYS A O   1 
ATOM   426 C  CB  . CYS A 1 55 ? -2.005  1.793   0.497   1.00 11.38 ? 55  CYS A CB  1 
ATOM   427 S  SG  . CYS A 1 55 ? -1.702  1.974   -1.263  1.00 13.46 ? 55  CYS A SG  1 
ATOM   428 N  N   . TRP A 1 56 ? -3.444  -0.037  2.991   1.00 9.55  ? 56  TRP A N   1 
ATOM   429 C  CA  . TRP A 1 56 ? -3.532  -0.159  4.447   1.00 10.05 ? 56  TRP A CA  1 
ATOM   430 C  C   . TRP A 1 56 ? -2.791  -1.411  4.896   1.00 10.06 ? 56  TRP A C   1 
ATOM   431 O  O   . TRP A 1 56 ? -3.015  -2.484  4.343   1.00 12.93 ? 56  TRP A O   1 
ATOM   432 C  CB  . TRP A 1 56 ? -4.995  -0.234  4.889   1.00 11.04 ? 56  TRP A CB  1 
ATOM   433 C  CG  . TRP A 1 56 ? -5.142  -0.210  6.358   1.00 11.22 ? 56  TRP A CG  1 
ATOM   434 C  CD1 . TRP A 1 56 ? -5.231  -1.285  7.182   1.00 11.41 ? 56  TRP A CD1 1 
ATOM   435 C  CD2 . TRP A 1 56 ? -5.201  0.940   7.192   1.00 13.10 ? 56  TRP A CD2 1 
ATOM   436 N  NE1 . TRP A 1 56 ? -5.351  -0.885  8.483   1.00 12.91 ? 56  TRP A NE1 1 
ATOM   437 C  CE2 . TRP A 1 56 ? -5.335  0.479   8.520   1.00 13.37 ? 56  TRP A CE2 1 
ATOM   438 C  CE3 . TRP A 1 56 ? -5.157  2.317   6.954   1.00 16.20 ? 56  TRP A CE3 1 
ATOM   439 C  CZ2 . TRP A 1 56 ? -5.423  1.339   9.604   1.00 16.50 ? 56  TRP A CZ2 1 
ATOM   440 C  CZ3 . TRP A 1 56 ? -5.255  3.169   8.036   1.00 17.53 ? 56  TRP A CZ3 1 
ATOM   441 C  CH2 . TRP A 1 56 ? -5.386  2.677   9.341   1.00 17.32 ? 56  TRP A CH2 1 
ATOM   442 N  N   . ASP A 1 57 ? -1.922  -1.274  5.893   1.00 11.24 ? 57  ASP A N   1 
ATOM   443 C  CA  . ASP A 1 57 ? -1.163  -2.390  6.448   1.00 11.48 ? 57  ASP A CA  1 
ATOM   444 C  C   . ASP A 1 57 ? -1.941  -3.028  7.596   1.00 10.88 ? 57  ASP A C   1 
ATOM   445 O  O   . ASP A 1 57 ? -1.927  -2.552  8.736   1.00 12.75 ? 57  ASP A O   1 
ATOM   446 C  CB  . ASP A 1 57 ? 0.200   -1.901  6.923   1.00 14.48 ? 57  ASP A CB  1 
ATOM   447 C  CG  . ASP A 1 57 ? 1.061   -3.019  7.460   1.00 15.06 ? 57  ASP A CG  1 
ATOM   448 O  OD1 . ASP A 1 57 ? 0.627   -4.192  7.500   1.00 16.71 ? 57  ASP A OD1 1 
ATOM   449 O  OD2 . ASP A 1 57 ? 2.218   -2.698  7.832   1.00 18.63 ? 57  ASP A OD2 1 
ATOM   450 N  N   . GLU A 1 58 ? -2.621  -4.122  7.292   1.00 10.15 ? 58  GLU A N   1 
ATOM   451 C  CA  . GLU A 1 58 ? -3.469  -4.788  8.264   1.00 9.62  ? 58  GLU A CA  1 
ATOM   452 C  C   . GLU A 1 58 ? -2.685  -5.456  9.398   1.00 10.29 ? 58  GLU A C   1 
ATOM   453 O  O   . GLU A 1 58 ? -3.276  -5.799  10.427  1.00 11.47 ? 58  GLU A O   1 
ATOM   454 C  CB  . GLU A 1 58 ? -4.302  -5.868  7.579   1.00 9.58  ? 58  GLU A CB  1 
ATOM   455 C  CG  . GLU A 1 58 ? -5.304  -5.337  6.575   1.00 8.51  ? 58  GLU A CG  1 
ATOM   456 C  CD  . GLU A 1 58 ? -6.063  -6.433  5.862   1.00 8.48  ? 58  GLU A CD  1 
ATOM   457 O  OE1 . GLU A 1 58 ? -5.984  -7.619  6.286   1.00 10.08 ? 58  GLU A OE1 1 
ATOM   458 O  OE2 . GLU A 1 58 ? -6.756  -6.110  4.850   1.00 8.57  ? 58  GLU A OE2 1 
ATOM   459 N  N   . ALA A 1 59 ? -1.388  -5.675  9.215   1.00 11.65 ? 59  ALA A N   1 
ATOM   460 C  CA  . ALA A 1 59 ? -0.603  -6.356  10.236  1.00 12.86 ? 59  ALA A CA  1 
ATOM   461 C  C   . ALA A 1 59 ? -0.566  -5.549  11.524  1.00 14.20 ? 59  ALA A C   1 
ATOM   462 O  O   . ALA A 1 59 ? -0.366  -6.121  12.589  1.00 17.05 ? 59  ALA A O   1 
ATOM   463 C  CB  . ALA A 1 59 ? 0.820   -6.619  9.755   1.00 15.02 ? 59  ALA A CB  1 
ATOM   464 N  N   . LYS A 1 60 ? -0.753  -4.231  11.413  1.00 14.40 ? 60  LYS A N   1 
ATOM   465 C  CA  . LYS A 1 60 ? -0.645  -3.311  12.543  1.00 16.08 ? 60  LYS A CA  1 
ATOM   466 C  C   . LYS A 1 60 ? -1.994  -2.982  13.186  1.00 16.01 ? 60  LYS A C   1 
ATOM   467 O  O   . LYS A 1 60 ? -2.056  -2.131  14.078  1.00 17.63 ? 60  LYS A O   1 
ATOM   468 C  CB  . LYS A 1 60 ? 0.047   -2.025  12.089  1.00 19.06 ? 60  LYS A CB  1 
ATOM   469 C  CG  . LYS A 1 60 ? 1.469   -2.242  11.603  1.00 22.52 ? 60  LYS A CG  1 
ATOM   470 C  CD  . LYS A 1 60 ? 2.172   -0.942  11.293  1.00 24.16 ? 60  LYS A CD  1 
ATOM   471 C  CE  . LYS A 1 60 ? 3.615   -1.188  10.894  1.00 26.31 ? 60  LYS A CE  1 
ATOM   472 N  NZ  . LYS A 1 60 ? 4.396   0.078   10.748  1.00 28.97 ? 60  LYS A NZ  1 
ATOM   473 N  N   . ASN A 1 61 ? -3.065  -3.664  12.795  1.00 14.08 ? 61  ASN A N   1 
ATOM   474 C  CA  . ASN A 1 61 ? -4.367  -3.268  13.278  1.00 13.74 ? 61  ASN A CA  1 
ATOM   475 C  C   . ASN A 1 61 ? -4.513  -3.424  14.777  1.00 16.85 ? 61  ASN A C   1 
ATOM   476 O  O   . ASN A 1 61 ? -3.955  -4.358  15.368  1.00 16.83 ? 61  ASN A O   1 
ATOM   477 C  CB  . ASN A 1 61 ? -5.458  -4.068  12.581  1.00 13.24 ? 61  ASN A CB  1 
ATOM   478 C  CG  . ASN A 1 61 ? -5.698  -3.611  11.164  1.00 12.16 ? 61  ASN A CG  1 
ATOM   479 O  OD1 . ASN A 1 61 ? -5.074  -2.649  10.690  1.00 14.05 ? 61  ASN A OD1 1 
ATOM   480 N  ND2 . ASN A 1 61 ? -6.600  -4.307  10.466  1.00 11.60 ? 61  ASN A ND2 1 
ATOM   481 N  N   . PRO A 1 62 ? -5.284  -2.514  15.394  1.00 17.19 ? 62  PRO A N   1 
ATOM   482 C  CA  . PRO A 1 62 ? -5.312  -2.473  16.856  1.00 19.38 ? 62  PRO A CA  1 
ATOM   483 C  C   . PRO A 1 62 ? -5.975  -3.667  17.490  1.00 20.78 ? 62  PRO A C   1 
ATOM   484 O  O   . PRO A 1 62 ? -5.709  -3.954  18.653  1.00 23.44 ? 62  PRO A O   1 
ATOM   485 C  CB  . PRO A 1 62 ? -6.126  -1.213  17.162  1.00 20.96 ? 62  PRO A CB  1 
ATOM   486 C  CG  . PRO A 1 62 ? -6.926  -0.963  15.975  1.00 20.81 ? 62  PRO A CG  1 
ATOM   487 C  CD  . PRO A 1 62 ? -6.102  -1.439  14.817  1.00 18.60 ? 62  PRO A CD  1 
ATOM   488 N  N   . GLY A 1 63 ? -6.853  -4.334  16.763  1.00 20.27 ? 63  GLY A N   1 
ATOM   489 C  CA  . GLY A 1 63 ? -7.468  -5.549  17.252  1.00 20.31 ? 63  GLY A CA  1 
ATOM   490 C  C   . GLY A 1 63 ? -6.621  -6.785  17.008  1.00 20.48 ? 63  GLY A C   1 
ATOM   491 O  O   . GLY A 1 63 ? -7.037  -7.871  17.416  1.00 24.08 ? 63  GLY A O   1 
ATOM   492 N  N   . GLY A 1 64 ? -5.461  -6.632  16.342  1.00 20.08 ? 64  GLY A N   1 
ATOM   493 C  CA  . GLY A 1 64 ? -4.561  -7.753  15.982  1.00 17.97 ? 64  GLY A CA  1 
ATOM   494 C  C   . GLY A 1 64 ? -4.399  -7.840  14.459  1.00 12.35 ? 64  GLY A C   1 
ATOM   495 O  O   . GLY A 1 64 ? -5.186  -7.218  13.732  1.00 15.50 ? 64  GLY A O   1 
ATOM   496 N  N   . PRO A 1 65 ? -3.403  -8.607  13.958  1.00 13.36 ? 65  PRO A N   1 
ATOM   497 C  CA  . PRO A 1 65 ? -3.213  -8.675  12.489  1.00 13.10 ? 65  PRO A CA  1 
ATOM   498 C  C   . PRO A 1 65 ? -4.498  -9.110  11.778  1.00 10.20 ? 65  PRO A C   1 
ATOM   499 O  O   . PRO A 1 65 ? -5.129  -10.091 12.144  1.00 11.04 ? 65  PRO A O   1 
ATOM   500 C  CB  . PRO A 1 65 ? -2.089  -9.705  12.307  1.00 15.45 ? 65  PRO A CB  1 
ATOM   501 C  CG  . PRO A 1 65 ? -1.361  -9.697  13.618  1.00 17.43 ? 65  PRO A CG  1 
ATOM   502 C  CD  . PRO A 1 65 ? -2.364  -9.370  14.681  1.00 17.07 ? 65  PRO A CD  1 
ATOM   503 N  N   . ASN A 1 66 ? -4.882  -8.318  10.779  1.00 9.43  ? 66  ASN A N   1 
ATOM   504 C  CA  . ASN A 1 66 ? -6.026  -8.657  9.927   1.00 8.94  ? 66  ASN A CA  1 
ATOM   505 C  C   . ASN A 1 66 ? -7.372  -8.630  10.663  1.00 9.01  ? 66  ASN A C   1 
ATOM   506 O  O   . ASN A 1 66 ? -8.362  -9.134  10.133  1.00 10.82 ? 66  ASN A O   1 
ATOM   507 C  CB  . ASN A 1 66 ? -5.795  -10.001 9.206   1.00 9.77  ? 66  ASN A CB  1 
ATOM   508 C  CG  . ASN A 1 66 ? -4.397  -10.122 8.641   1.00 10.36 ? 66  ASN A CG  1 
ATOM   509 O  OD1 . ASN A 1 66 ? -3.556  -10.841 9.186   1.00 12.16 ? 66  ASN A OD1 1 
ATOM   510 N  ND2 . ASN A 1 66 ? -4.117  -9.370  7.573   1.00 11.72 ? 66  ASN A ND2 1 
ATOM   511 N  N   . ARG A 1 67 ? -7.433  -8.016  11.848  1.00 9.15  ? 67  ARG A N   1 
ATOM   512 C  CA  . ARG A 1 67 ? -8.673  -7.843  12.593  1.00 9.52  ? 67  ARG A CA  1 
ATOM   513 C  C   . ARG A 1 67 ? -9.207  -6.444  12.384  1.00 9.40  ? 67  ARG A C   1 
ATOM   514 O  O   . ARG A 1 67 ? -8.433  -5.490  12.254  1.00 10.93 ? 67  ARG A O   1 
ATOM   515 C  CB  . ARG A 1 67 ? -8.472  -8.084  14.100  1.00 10.64 ? 67  ARG A CB  1 
ATOM   516 C  CG  . ARG A 1 67 ? -7.905  -9.438  14.460  1.00 9.80  ? 67  ARG A CG  1 
ATOM   517 C  CD  . ARG A 1 67 ? -8.664  -10.601 13.848  1.00 10.42 ? 67  ARG A CD  1 
ATOM   518 N  NE  . ARG A 1 67 ? -10.080 -10.626 14.186  1.00 10.12 ? 67  ARG A NE  1 
ATOM   519 C  CZ  . ARG A 1 67 ? -10.626 -11.258 15.222  1.00 11.00 ? 67  ARG A CZ  1 
ATOM   520 N  NH1 . ARG A 1 67 ? -9.868  -11.860 16.131  1.00 12.54 ? 67  ARG A NH1 1 
ATOM   521 N  NH2 . ARG A 1 67 ? -11.939 -11.223 15.390  1.00 12.17 ? 67  ARG A NH2 1 
ATOM   522 N  N   . CYS A 1 68 ? -10.516 -6.283  12.415  1.00 9.65  ? 68  CYS A N   1 
ATOM   523 C  CA  A CYS A 1 68 ? -11.123 -4.993  12.096  0.75 10.25 ? 68  CYS A CA  1 
ATOM   524 C  CA  B CYS A 1 68 ? -11.103 -4.987  12.137  0.25 10.14 ? 68  CYS A CA  1 
ATOM   525 C  C   . CYS A 1 68 ? -12.466 -4.818  12.789  1.00 10.45 ? 68  CYS A C   1 
ATOM   526 O  O   . CYS A 1 68 ? -13.179 -5.792  13.085  1.00 11.49 ? 68  CYS A O   1 
ATOM   527 C  CB  A CYS A 1 68 ? -11.353 -4.887  10.585  0.75 10.38 ? 68  CYS A CB  1 
ATOM   528 C  CB  B CYS A 1 68 ? -11.223 -4.783  10.624  0.25 9.63  ? 68  CYS A CB  1 
ATOM   529 S  SG  A CYS A 1 68 ? -12.342 -6.268  9.913   0.75 11.26 ? 68  CYS A SG  1 
ATOM   530 S  SG  B CYS A 1 68 ? -12.081 -6.128  9.766   0.25 9.81  ? 68  CYS A SG  1 
ATOM   531 N  N   . SER A 1 69 ? -12.795 -3.550  12.998  1.00 11.32 ? 69  SER A N   1 
ATOM   532 C  CA  A SER A 1 69 ? -14.147 -3.149  13.334  0.80 12.40 ? 69  SER A CA  1 
ATOM   533 C  CA  B SER A 1 69 ? -14.123 -3.083  13.362  0.20 12.45 ? 69  SER A CA  1 
ATOM   534 C  C   . SER A 1 69 ? -14.776 -2.300  12.225  1.00 12.88 ? 69  SER A C   1 
ATOM   535 O  O   . SER A 1 69 ? -15.984 -2.059  12.272  1.00 16.36 ? 69  SER A O   1 
ATOM   536 C  CB  A SER A 1 69 ? -14.212 -2.443  14.703  0.80 15.94 ? 69  SER A CB  1 
ATOM   537 C  CB  B SER A 1 69 ? -14.043 -2.163  14.575  0.20 13.27 ? 69  SER A CB  1 
ATOM   538 O  OG  A SER A 1 69 ? -13.279 -1.382  14.788  0.80 17.68 ? 69  SER A OG  1 
ATOM   539 O  OG  B SER A 1 69 ? -13.266 -2.745  15.592  0.20 11.74 ? 69  SER A OG  1 
ATOM   540 N  N   . ASN A 1 70 ? -13.991 -1.848  11.242  1.00 12.56 ? 70  ASN A N   1 
ATOM   541 C  CA  . ASN A 1 70 ? -14.549 -1.147  10.093  1.00 13.70 ? 70  ASN A CA  1 
ATOM   542 C  C   . ASN A 1 70 ? -13.689 -1.427  8.875   1.00 11.59 ? 70  ASN A C   1 
ATOM   543 O  O   . ASN A 1 70 ? -12.538 -1.843  8.979   1.00 11.89 ? 70  ASN A O   1 
ATOM   544 C  CB  . ASN A 1 70 ? -14.678 0.358   10.379  1.00 15.97 ? 70  ASN A CB  1 
ATOM   545 C  CG  . ASN A 1 70 ? -13.338 1.047   10.515  1.00 16.39 ? 70  ASN A CG  1 
ATOM   546 O  OD1 . ASN A 1 70 ? -12.613 1.185   9.530   1.00 17.12 ? 70  ASN A OD1 1 
ATOM   547 N  ND2 . ASN A 1 70 ? -12.993 1.489   11.725  1.00 20.87 ? 70  ASN A ND2 1 
ATOM   548 N  N   . SER A 1 71 ? -14.262 -1.193  7.702   1.00 11.99 ? 71  SER A N   1 
ATOM   549 C  CA  . SER A 1 71 ? -13.597 -1.574  6.468   1.00 11.97 ? 71  SER A CA  1 
ATOM   550 C  C   . SER A 1 71 ? -12.406 -0.670  6.097   1.00 11.58 ? 71  SER A C   1 
ATOM   551 O  O   . SER A 1 71 ? -11.587 -1.051  5.255   1.00 11.74 ? 71  SER A O   1 
ATOM   552 C  CB  . SER A 1 71 ? -14.620 -1.684  5.332   1.00 11.92 ? 71  SER A CB  1 
ATOM   553 O  OG  . SER A 1 71 ? -15.552 -2.742  5.596   1.00 13.01 ? 71  SER A OG  1 
ATOM   554 N  N   . LYS A 1 72 ? -12.278 0.492   6.731   1.00 12.26 ? 72  LYS A N   1 
ATOM   555 C  CA  . LYS A 1 72 ? -11.100 1.326   6.518   1.00 12.67 ? 72  LYS A CA  1 
ATOM   556 C  C   . LYS A 1 72 ? -9.847  0.791   7.216   1.00 11.74 ? 72  LYS A C   1 
ATOM   557 O  O   . LYS A 1 72 ? -8.746  1.273   6.979   1.00 13.03 ? 72  LYS A O   1 
ATOM   558 C  CB  . LYS A 1 72 ? -11.384 2.793   6.839   1.00 16.59 ? 72  LYS A CB  1 
ATOM   559 C  CG  . LYS A 1 72 ? -12.242 3.412   5.723   1.00 20.47 ? 72  LYS A CG  1 
ATOM   560 C  CD  . LYS A 1 72 ? -12.395 4.911   5.794   1.00 22.54 ? 72  LYS A CD  1 
ATOM   561 C  CE  . LYS A 1 72 ? -13.258 5.412   4.620   1.00 25.90 ? 72  LYS A CE  1 
ATOM   562 N  NZ  . LYS A 1 72 ? -13.896 6.731   4.867   1.00 28.57 ? 72  LYS A NZ  1 
ATOM   563 N  N   . GLN A 1 73 ? -9.998  -0.267  8.010   1.00 10.64 ? 73  GLN A N   1 
ATOM   564 C  CA  . GLN A 1 73 ? -8.869  -1.004  8.587   1.00 10.30 ? 73  GLN A CA  1 
ATOM   565 C  C   . GLN A 1 73 ? -8.474  -2.214  7.716   1.00 9.59  ? 73  GLN A C   1 
ATOM   566 O  O   . GLN A 1 73 ? -7.673  -3.044  8.141   1.00 10.27 ? 73  GLN A O   1 
ATOM   567 C  CB  . GLN A 1 73 ? -9.217  -1.477  10.005  1.00 10.56 ? 73  GLN A CB  1 
ATOM   568 C  CG  . GLN A 1 73 ? -9.462  -0.348  10.966  1.00 12.25 ? 73  GLN A CG  1 
ATOM   569 C  CD  . GLN A 1 73 ? -10.068 -0.845  12.245  1.00 12.61 ? 73  GLN A CD  1 
ATOM   570 O  OE1 . GLN A 1 73 ? -10.999 -1.663  12.227  1.00 14.42 ? 73  GLN A OE1 1 
ATOM   571 N  NE2 . GLN A 1 73 ? -9.584  -0.335  13.369  1.00 16.33 ? 73  GLN A NE2 1 
ATOM   572 N  N   . CYS A 1 74 ? -9.013  -2.273  6.499   1.00 9.04  ? 74  CYS A N   1 
ATOM   573 C  CA  A CYS A 1 74 ? -8.724  -3.378  5.589   0.80 9.07  ? 74  CYS A CA  1 
ATOM   574 C  CA  B CYS A 1 74 ? -8.796  -3.379  5.562   0.20 8.60  ? 74  CYS A CA  1 
ATOM   575 C  C   . CYS A 1 74 ? -8.123  -2.836  4.297   1.00 8.38  ? 74  CYS A C   1 
ATOM   576 O  O   . CYS A 1 74 ? -8.508  -1.750  3.809   1.00 8.91  ? 74  CYS A O   1 
ATOM   577 C  CB  A CYS A 1 74 ? -9.987  -4.183  5.308   0.80 10.07 ? 74  CYS A CB  1 
ATOM   578 C  CB  B CYS A 1 74 ? -10.137 -4.025  5.176   0.20 7.74  ? 74  CYS A CB  1 
ATOM   579 S  SG  A CYS A 1 74 ? -10.707 -4.883  6.815   0.80 10.84 ? 74  CYS A SG  1 
ATOM   580 S  SG  B CYS A 1 74 ? -11.256 -4.471  6.551   0.20 6.87  ? 74  CYS A SG  1 
ATOM   581 N  N   . ASP A 1 75 ? -7.158  -3.565  3.780   1.00 8.05  ? 75  ASP A N   1 
ATOM   582 C  CA  . ASP A 1 75 ? -6.402  -3.129  2.608   1.00 7.79  ? 75  ASP A CA  1 
ATOM   583 C  C   . ASP A 1 75 ? -7.253  -3.157  1.340   1.00 7.43  ? 75  ASP A C   1 
ATOM   584 O  O   . ASP A 1 75 ? -8.055  -4.081  1.124   1.00 8.02  ? 75  ASP A O   1 
ATOM   585 C  CB  . ASP A 1 75 ? -5.196  -4.056  2.455   1.00 8.15  ? 75  ASP A CB  1 
ATOM   586 C  CG  . ASP A 1 75 ? -4.141  -3.552  1.505   1.00 8.89  ? 75  ASP A CG  1 
ATOM   587 O  OD1 . ASP A 1 75 ? -4.091  -2.343  1.192   1.00 9.21  ? 75  ASP A OD1 1 
ATOM   588 O  OD2 . ASP A 1 75 ? -3.329  -4.420  1.072   1.00 11.76 ? 75  ASP A OD2 1 
ATOM   589 N  N   . GLY A 1 76 ? -7.045  -2.166  0.469   1.00 7.60  ? 76  GLY A N   1 
ATOM   590 C  CA  . GLY A 1 76 ? -7.664  -2.169  -0.844  1.00 7.60  ? 76  GLY A CA  1 
ATOM   591 C  C   . GLY A 1 76 ? -9.175  -2.236  -0.782  1.00 7.75  ? 76  GLY A C   1 
ATOM   592 O  O   . GLY A 1 76 ? -9.822  -1.489  -0.054  1.00 8.61  ? 76  GLY A O   1 
ATOM   593 N  N   . ALA A 1 77 ? -9.719  -3.170  -1.569  1.00 8.12  ? 77  ALA A N   1 
ATOM   594 C  CA  . ALA A 1 77 ? -11.152 -3.411  -1.648  1.00 8.65  ? 77  ALA A CA  1 
ATOM   595 C  C   . ALA A 1 77 ? -11.651 -4.323  -0.521  1.00 9.05  ? 77  ALA A C   1 
ATOM   596 O  O   . ALA A 1 77 ? -12.871 -4.563  -0.441  1.00 12.05 ? 77  ALA A O   1 
ATOM   597 C  CB  . ALA A 1 77 ? -11.520 -3.993  -3.010  1.00 10.06 ? 77  ALA A CB  1 
ATOM   598 N  N   . ARG A 1 78 ? -10.786 -4.805  0.377   1.00 7.62  ? 78  ARG A N   1 
ATOM   599 C  CA  . ARG A 1 78 ? -11.255 -5.708  1.438   1.00 7.31  ? 78  ARG A CA  1 
ATOM   600 C  C   . ARG A 1 78 ? -12.213 -4.990  2.366   1.00 7.88  ? 78  ARG A C   1 
ATOM   601 O  O   . ARG A 1 78 ? -12.172 -3.762  2.556   1.00 8.83  ? 78  ARG A O   1 
ATOM   602 C  CB  . ARG A 1 78 ? -10.046 -6.286  2.186   1.00 7.42  ? 78  ARG A CB  1 
ATOM   603 C  CG  . ARG A 1 78 ? -9.314  -7.293  1.342   1.00 8.06  ? 78  ARG A CG  1 
ATOM   604 C  CD  . ARG A 1 78 ? -7.919  -7.628  1.803   1.00 7.79  ? 78  ARG A CD  1 
ATOM   605 N  NE  . ARG A 1 78 ? -7.742  -8.086  3.180   1.00 8.25  ? 78  ARG A NE  1 
ATOM   606 C  CZ  . ARG A 1 78 ? -7.712  -9.361  3.560   1.00 8.08  ? 78  ARG A CZ  1 
ATOM   607 N  NH1 . ARG A 1 78 ? -8.146  -10.345 2.792   1.00 8.89  ? 78  ARG A NH1 1 
ATOM   608 N  NH2 . ARG A 1 78 ? -7.265  -9.647  4.768   1.00 8.78  ? 78  ARG A NH2 1 
ATOM   609 N  N   . THR A 1 79 ? -13.076 -5.780  2.992   1.00 7.44  ? 79  THR A N   1 
ATOM   610 C  CA  . THR A 1 79 ? -14.084 -5.245  3.904   1.00 8.22  ? 79  THR A CA  1 
ATOM   611 C  C   . THR A 1 79 ? -14.079 -6.067  5.195   1.00 7.66  ? 79  THR A C   1 
ATOM   612 O  O   . THR A 1 79 ? -13.457 -7.120  5.298   1.00 8.63  ? 79  THR A O   1 
ATOM   613 C  CB  . THR A 1 79 ? -15.492 -5.264  3.281   1.00 9.45  ? 79  THR A CB  1 
ATOM   614 O  OG1 . THR A 1 79 ? -15.826 -6.629  3.016   1.00 10.00 ? 79  THR A OG1 1 
ATOM   615 C  CG2 . THR A 1 79 ? -15.550 -4.462  2.001   1.00 10.83 ? 79  THR A CG2 1 
ATOM   616 N  N   . CYS A 1 80 ? -14.781 -5.554  6.192   1.00 9.13  ? 80  CYS A N   1 
ATOM   617 C  CA  A CYS A 1 80 ? -14.773 -6.186  7.505   0.75 9.55  ? 80  CYS A CA  1 
ATOM   618 C  CA  B CYS A 1 80 ? -14.825 -6.122  7.541   0.25 10.00 ? 80  CYS A CA  1 
ATOM   619 C  C   . CYS A 1 80 ? -15.918 -7.193  7.627   1.00 9.68  ? 80  CYS A C   1 
ATOM   620 O  O   . CYS A 1 80 ? -17.085 -6.866  7.470   1.00 12.60 ? 80  CYS A O   1 
ATOM   621 C  CB  A CYS A 1 80 ? -14.808 -5.118  8.592   0.75 13.12 ? 80  CYS A CB  1 
ATOM   622 C  CB  B CYS A 1 80 ? -15.104 -4.964  8.519   0.25 12.69 ? 80  CYS A CB  1 
ATOM   623 S  SG  A CYS A 1 80 ? -14.310 -5.705  10.203  0.75 12.26 ? 80  CYS A SG  1 
ATOM   624 S  SG  B CYS A 1 80 ? -15.515 -5.360  10.239  0.25 11.80 ? 80  CYS A SG  1 
ATOM   625 N  N   . SER A 1 81 ? -15.563 -8.457  7.894   1.00 8.74  ? 81  SER A N   1 
ATOM   626 C  CA  . SER A 1 81 ? -16.543 -9.516  8.089   1.00 9.27  ? 81  SER A CA  1 
ATOM   627 C  C   . SER A 1 81 ? -17.333 -9.306  9.379   1.00 9.64  ? 81  SER A C   1 
ATOM   628 O  O   . SER A 1 81 ? -16.895 -8.595  10.289  1.00 9.58  ? 81  SER A O   1 
ATOM   629 C  CB  . SER A 1 81 ? -15.847 -10.882 8.166   1.00 9.19  ? 81  SER A CB  1 
ATOM   630 O  OG  . SER A 1 81 ? -15.236 -11.045 9.436   1.00 9.06  ? 81  SER A OG  1 
ATOM   631 N  N   . SER A 1 82 ? -18.464 -10.000 9.480   1.00 11.21 ? 82  SER A N   1 
ATOM   632 C  CA  . SER A 1 82 ? -19.261 -10.007 10.698  1.00 12.17 ? 82  SER A CA  1 
ATOM   633 C  C   . SER A 1 82 ? -18.439 -10.452 11.924  1.00 11.99 ? 82  SER A C   1 
ATOM   634 O  O   . SER A 1 82 ? -18.689 -10.005 13.052  1.00 15.72 ? 82  SER A O   1 
ATOM   635 C  CB  . SER A 1 82 ? -20.523 -10.878 10.507  1.00 15.25 ? 82  SER A CB  1 
ATOM   636 O  OG  . SER A 1 82 ? -20.201 -12.223 10.151  1.00 20.92 ? 82  SER A OG  1 
ATOM   637 N  N   . SER A 1 83 ? -17.466 -11.331 11.689  1.00 10.12 ? 83  SER A N   1 
ATOM   638 C  CA  . SER A 1 83 ? -16.610 -11.849 12.744  1.00 10.36 ? 83  SER A CA  1 
ATOM   639 C  C   . SER A 1 83 ? -15.377 -10.980 13.017  1.00 9.87  ? 83  SER A C   1 
ATOM   640 O  O   . SER A 1 83 ? -14.540 -11.347 13.860  1.00 11.66 ? 83  SER A O   1 
ATOM   641 C  CB  . SER A 1 83 ? -16.166 -13.264 12.398  1.00 12.46 ? 83  SER A CB  1 
ATOM   642 O  OG  . SER A 1 83 ? -15.543 -13.290 11.131  1.00 15.11 ? 83  SER A OG  1 
ATOM   643 N  N   . GLY A 1 84 ? -15.270 -9.829  12.361  1.00 8.84  ? 84  GLY A N   1 
ATOM   644 C  CA  . GLY A 1 84 ? -14.197 -8.893  12.657  1.00 9.02  ? 84  GLY A CA  1 
ATOM   645 C  C   . GLY A 1 84 ? -12.867 -9.244  12.037  1.00 8.49  ? 84  GLY A C   1 
ATOM   646 O  O   . GLY A 1 84 ? -11.816 -8.908  12.620  1.00 8.69  ? 84  GLY A O   1 
ATOM   647 N  N   . PHE A 1 85 ? -12.879 -9.856  10.846  1.00 7.66  ? 85  PHE A N   1 
ATOM   648 C  CA  . PHE A 1 85 ? -11.674 -10.102 10.065  1.00 7.35  ? 85  PHE A CA  1 
ATOM   649 C  C   . PHE A 1 85 ? -11.803 -9.384  8.729   1.00 7.42  ? 85  PHE A C   1 
ATOM   650 O  O   . PHE A 1 85 ? -12.866 -9.358  8.103   1.00 8.14  ? 85  PHE A O   1 
ATOM   651 C  CB  . PHE A 1 85 ? -11.485 -11.591 9.778   1.00 8.26  ? 85  PHE A CB  1 
ATOM   652 C  CG  . PHE A 1 85 ? -10.997 -12.384 10.965  1.00 8.68  ? 85  PHE A CG  1 
ATOM   653 C  CD1 . PHE A 1 85 ? -9.631  -12.629 11.110  1.00 9.52  ? 85  PHE A CD1 1 
ATOM   654 C  CD2 . PHE A 1 85 ? -11.877 -12.933 11.878  1.00 9.73  ? 85  PHE A CD2 1 
ATOM   655 C  CE1 . PHE A 1 85 ? -9.144  -13.364 12.166  1.00 10.99 ? 85  PHE A CE1 1 
ATOM   656 C  CE2 . PHE A 1 85 ? -11.373 -13.679 12.953  1.00 11.43 ? 85  PHE A CE2 1 
ATOM   657 C  CZ  . PHE A 1 85 ? -10.009 -13.882 13.080  1.00 11.15 ? 85  PHE A CZ  1 
ATOM   658 N  N   . CYS A 1 86 ? -10.689 -8.853  8.239   1.00 7.75  ? 86  CYS A N   1 
ATOM   659 C  CA  A CYS A 1 86 ? -10.655 -8.306  6.885   0.80 7.53  ? 86  CYS A CA  1 
ATOM   660 C  CA  B CYS A 1 86 ? -10.637 -8.299  6.890   0.20 7.41  ? 86  CYS A CA  1 
ATOM   661 C  C   . CYS A 1 86 ? -10.825 -9.447  5.880   1.00 7.42  ? 86  CYS A C   1 
ATOM   662 O  O   . CYS A 1 86 ? -10.285 -10.558 6.069   1.00 8.18  ? 86  CYS A O   1 
ATOM   663 C  CB  A CYS A 1 86 ? -9.346  -7.581  6.662   0.80 9.42  ? 86  CYS A CB  1 
ATOM   664 C  CB  B CYS A 1 86 ? -9.306  -7.576  6.655   0.20 7.96  ? 86  CYS A CB  1 
ATOM   665 S  SG  A CYS A 1 86 ? -9.163  -6.091  7.602   0.80 10.81 ? 86  CYS A SG  1 
ATOM   666 S  SG  B CYS A 1 86 ? -8.602  -6.681  8.083   0.20 7.38  ? 86  CYS A SG  1 
ATOM   667 N  N   . GLN A 1 87 ? -11.546 -9.184  4.785   1.00 6.87  ? 87  GLN A N   1 
ATOM   668 C  CA  . GLN A 1 87 ? -11.908 -10.267 3.891   1.00 6.82  ? 87  GLN A CA  1 
ATOM   669 C  C   . GLN A 1 87 ? -12.041 -9.789  2.440   1.00 6.77  ? 87  GLN A C   1 
ATOM   670 O  O   . GLN A 1 87 ? -12.371 -8.624  2.158   1.00 7.16  ? 87  GLN A O   1 
ATOM   671 C  CB  . GLN A 1 87 ? -13.195 -10.952 4.333   1.00 7.35  ? 87  GLN A CB  1 
ATOM   672 C  CG  . GLN A 1 87 ? -14.425 -10.055 4.250   1.00 7.79  ? 87  GLN A CG  1 
ATOM   673 C  CD  . GLN A 1 87 ? -15.706 -10.805 4.503   1.00 8.73  ? 87  GLN A CD  1 
ATOM   674 O  OE1 . GLN A 1 87 ? -15.700 -11.978 4.887   1.00 10.38 ? 87  GLN A OE1 1 
ATOM   675 N  NE2 . GLN A 1 87 ? -16.840 -10.127 4.277   1.00 11.01 ? 87  GLN A NE2 1 
ATOM   676 N  N   . GLY A 1 88 ? -11.817 -10.732 1.535   1.00 7.18  ? 88  GLY A N   1 
ATOM   677 C  CA  . GLY A 1 88 ? -11.852 -10.505 0.091   1.00 7.36  ? 88  GLY A CA  1 
ATOM   678 C  C   . GLY A 1 88 ? -10.467 -10.227 -0.458  1.00 7.50  ? 88  GLY A C   1 
ATOM   679 O  O   . GLY A 1 88 ? -9.457  -10.410 0.223   1.00 9.80  ? 88  GLY A O   1 
ATOM   680 N  N   . THR A 1 89 ? -10.411 -9.838  -1.721  1.00 8.76  ? 89  THR A N   1 
ATOM   681 C  CA  . THR A 1 89 ? -9.150  -9.485  -2.347  1.00 8.42  ? 89  THR A CA  1 
ATOM   682 C  C   . THR A 1 89 ? -8.936  -7.990  -2.228  1.00 8.42  ? 89  THR A C   1 
ATOM   683 O  O   . THR A 1 89 ? -9.867  -7.193  -2.366  1.00 10.92 ? 89  THR A O   1 
ATOM   684 C  CB  . THR A 1 89 ? -9.053  -9.930  -3.805  1.00 10.44 ? 89  THR A CB  1 
ATOM   685 O  OG1 . THR A 1 89 ? -7.742  -9.568  -4.301  1.00 13.90 ? 89  THR A OG1 1 
ATOM   686 C  CG2 . THR A 1 89 ? -10.077 -9.276  -4.686  1.00 12.32 ? 89  THR A CG2 1 
ATOM   687 N  N   . ALA A 1 90 ? -7.694  -7.583  -1.979  1.00 8.96  ? 90  ALA A N   1 
ATOM   688 C  CA  . ALA A 1 90 ? -7.388  -6.147  -1.909  1.00 9.37  ? 90  ALA A CA  1 
ATOM   689 C  C   . ALA A 1 90 ? -7.474  -5.511  -3.302  1.00 9.41  ? 90  ALA A C   1 
ATOM   690 O  O   . ALA A 1 90 ? -7.786  -4.320  -3.425  1.00 10.02 ? 90  ALA A O   1 
ATOM   691 C  CB  . ALA A 1 90 ? -6.031  -5.906  -1.292  1.00 10.88 ? 90  ALA A CB  1 
ATOM   692 N  N   . GLY A 1 91 ? -7.159  -6.285  -4.336  1.00 10.33 ? 91  GLY A N   1 
ATOM   693 C  CA  . GLY A 1 91 ? -7.236  -5.772  -5.701  1.00 10.93 ? 91  GLY A CA  1 
ATOM   694 C  C   . GLY A 1 91 ? -6.010  -4.998  -6.156  1.00 10.71 ? 91  GLY A C   1 
ATOM   695 O  O   . GLY A 1 91 ? -6.072  -4.321  -7.178  1.00 12.61 ? 91  GLY A O   1 
ATOM   696 N  N   . HIS A 1 92 ? -4.895  -5.084  -5.432  1.00 9.94  ? 92  HIS A N   1 
ATOM   697 C  CA  . HIS A 1 92 ? -3.691  -4.349  -5.794  1.00 9.79  ? 92  HIS A CA  1 
ATOM   698 C  C   . HIS A 1 92 ? -2.940  -5.033  -6.921  1.00 10.46 ? 92  HIS A C   1 
ATOM   699 O  O   . HIS A 1 92 ? -2.986  -6.247  -7.093  1.00 13.25 ? 92  HIS A O   1 
ATOM   700 C  CB  . HIS A 1 92 ? -2.753  -4.213  -4.607  1.00 9.83  ? 92  HIS A CB  1 
ATOM   701 C  CG  . HIS A 1 92 ? -3.331  -3.423  -3.475  1.00 9.32  ? 92  HIS A CG  1 
ATOM   702 N  ND1 . HIS A 1 92 ? -4.092  -2.288  -3.671  1.00 10.59 ? 92  HIS A ND1 1 
ATOM   703 C  CD2 . HIS A 1 92 ? -3.241  -3.585  -2.137  1.00 9.83  ? 92  HIS A CD2 1 
ATOM   704 C  CE1 . HIS A 1 92 ? -4.449  -1.792  -2.503  1.00 10.57 ? 92  HIS A CE1 1 
ATOM   705 N  NE2 . HIS A 1 92 ? -3.941  -2.557  -1.557  1.00 10.54 ? 92  HIS A NE2 1 
ATOM   706 N  N   . ALA A 1 93 ? -2.229  -4.242  -7.701  1.00 10.61 ? 93  ALA A N   1 
ATOM   707 C  CA  . ALA A 1 93 ? -1.309  -4.759  -8.692  1.00 11.53 ? 93  ALA A CA  1 
ATOM   708 C  C   . ALA A 1 93 ? -0.156  -5.502  -8.000  1.00 11.76 ? 93  ALA A C   1 
ATOM   709 O  O   . ALA A 1 93 ? 0.298   -5.110  -6.929  1.00 13.62 ? 93  ALA A O   1 
ATOM   710 C  CB  . ALA A 1 93 ? -0.757  -3.605  -9.516  1.00 12.49 ? 93  ALA A CB  1 
ATOM   711 N  N   . ALA A 1 94 ? 0.341   -6.555  -8.641  1.00 13.58 ? 94  ALA A N   1 
ATOM   712 C  CA  . ALA A 1 94 ? 1.469   -7.338  -8.101  1.00 15.85 ? 94  ALA A CA  1 
ATOM   713 C  C   . ALA A 1 94 ? 2.817   -6.624  -8.198  1.00 15.72 ? 94  ALA A C   1 
ATOM   714 O  O   . ALA A 1 94 ? 3.754   -6.925  -7.454  1.00 17.70 ? 94  ALA A O   1 
ATOM   715 C  CB  . ALA A 1 94 ? 1.554   -8.700  -8.786  1.00 18.36 ? 94  ALA A CB  1 
ATOM   716 N  N   . ALA A 1 95 ? 2.909   -5.692  -9.132  1.00 14.51 ? 95  ALA A N   1 
ATOM   717 C  CA  . ALA A 1 95 ? 4.099   -4.882  -9.348  1.00 15.27 ? 95  ALA A CA  1 
ATOM   718 C  C   . ALA A 1 95 ? 3.656   -3.531  -9.888  1.00 14.09 ? 95  ALA A C   1 
ATOM   719 O  O   . ALA A 1 95 ? 2.482   -3.448  -10.309 1.00 16.79 ? 95  ALA A O   1 
ATOM   720 C  CB  . ALA A 1 95 ? 5.028   -5.558  -10.341 1.00 17.85 ? 95  ALA A CB  1 
ATOM   721 O  OXT . ALA A 1 95 ? 4.451   -2.570  -9.890  1.00 14.15 ? 95  ALA A OXT 1 
HETATM 722 CL CL  . CL  B 2 .  ? 19.409  -0.034  5.682   1.00 11.73 ? 96  CL  A CL  1 
HETATM 723 CL CL  . CL  C 2 .  ? -2.437  0.492   -11.317 0.75 16.06 ? 97  CL  A CL  1 
HETATM 724 CL CL  . CL  D 2 .  ? -14.104 5.647   0.412   0.75 30.93 ? 98  CL  A CL  1 
HETATM 725 C  C1  . GOL E 3 .  ? 4.189   7.798   -1.516  1.00 18.51 ? 99  GOL A C1  1 
HETATM 726 O  O1  . GOL E 3 .  ? 2.792   7.492   -1.624  1.00 16.61 ? 99  GOL A O1  1 
HETATM 727 C  C2  . GOL E 3 .  ? 4.574   8.189   -0.086  1.00 21.41 ? 99  GOL A C2  1 
HETATM 728 O  O2  . GOL E 3 .  ? 4.099   7.217   0.821   1.00 23.74 ? 99  GOL A O2  1 
HETATM 729 C  C3  . GOL E 3 .  ? 6.091   8.330   0.023   1.00 24.06 ? 99  GOL A C3  1 
HETATM 730 O  O3  . GOL E 3 .  ? 6.519   8.527   1.362   1.00 26.47 ? 99  GOL A O3  1 
HETATM 731 O  O   . HOH F 4 .  ? 16.118  8.645   3.153   1.00 9.63  ? 100 HOH A O   1 
HETATM 732 O  O   . HOH F 4 .  ? -4.750  -11.981 14.089  1.00 12.32 ? 101 HOH A O   1 
HETATM 733 O  O   . HOH F 4 .  ? -6.416  7.060   -5.721  1.00 15.21 ? 102 HOH A O   1 
HETATM 734 O  O   . HOH F 4 .  ? -4.180  4.711   -0.582  1.00 11.54 ? 103 HOH A O   1 
HETATM 735 O  O   . HOH F 4 .  ? 12.325  7.194   -12.164 1.00 9.79  ? 104 HOH A O   1 
HETATM 736 O  O   A HOH F 4 .  ? 11.092  10.247  -2.487  0.50 6.92  ? 105 HOH A O   1 
HETATM 737 O  O   . HOH F 4 .  ? -1.797  5.584   0.577   1.00 14.67 ? 106 HOH A O   1 
HETATM 738 O  O   . HOH F 4 .  ? -9.392  2.909   -4.703  1.00 13.25 ? 107 HOH A O   1 
HETATM 739 O  O   . HOH F 4 .  ? 8.412   8.038   -13.760 1.00 11.61 ? 108 HOH A O   1 
HETATM 740 O  O   A HOH F 4 .  ? 1.307   1.016   1.859   0.50 22.85 ? 109 HOH A O   1 
HETATM 741 O  O   B HOH F 4 .  ? 1.164   -0.748  2.232   0.50 30.27 ? 110 HOH A O   1 
HETATM 742 O  O   . HOH F 4 .  ? -12.616 -7.785  -2.651  1.00 18.30 ? 111 HOH A O   1 
HETATM 743 O  O   . HOH F 4 .  ? -17.113 -14.225 5.006   1.00 9.79  ? 112 HOH A O   1 
HETATM 744 O  O   . HOH F 4 .  ? -4.037  -7.507  -3.755  1.00 19.43 ? 113 HOH A O   1 
HETATM 745 O  O   . HOH F 4 .  ? 18.419  3.746   -9.489  1.00 15.84 ? 114 HOH A O   1 
HETATM 746 O  O   . HOH F 4 .  ? 7.171   -2.175  -10.152 1.00 18.04 ? 115 HOH A O   1 
HETATM 747 O  O   . HOH F 4 .  ? -18.384 -7.220  3.644   1.00 20.01 ? 116 HOH A O   1 
HETATM 748 O  O   . HOH F 4 .  ? 0.596   -3.826  -4.170  1.00 18.76 ? 117 HOH A O   1 
HETATM 749 O  O   . HOH F 4 .  ? -1.677  12.871  -4.573  1.00 20.94 ? 118 HOH A O   1 
HETATM 750 O  O   . HOH F 4 .  ? -18.605 -5.442  5.751   1.00 19.39 ? 119 HOH A O   1 
HETATM 751 O  O   . HOH F 4 .  ? -0.848  -11.256 8.610   1.00 21.39 ? 120 HOH A O   1 
HETATM 752 O  O   . HOH F 4 .  ? 9.838   -0.960  2.671   1.00 18.49 ? 121 HOH A O   1 
HETATM 753 O  O   . HOH F 4 .  ? -1.261  1.380   6.963   1.00 22.35 ? 122 HOH A O   1 
HETATM 754 O  O   . HOH F 4 .  ? 15.871  9.654   -12.440 1.00 18.72 ? 123 HOH A O   1 
HETATM 755 O  O   . HOH F 4 .  ? 0.699   4.360   0.653   1.00 17.74 ? 124 HOH A O   1 
HETATM 756 O  O   . HOH F 4 .  ? -2.287  -5.192  4.645   1.00 17.40 ? 125 HOH A O   1 
HETATM 757 O  O   . HOH F 4 .  ? 4.911   4.633   0.943   1.00 15.56 ? 126 HOH A O   1 
HETATM 758 O  O   . HOH F 4 .  ? -1.681  -5.973  15.047  1.00 21.41 ? 127 HOH A O   1 
HETATM 759 O  O   . HOH F 4 .  ? -4.005  8.308   -9.604  1.00 17.05 ? 128 HOH A O   1 
HETATM 760 O  O   . HOH F 4 .  ? -5.925  -11.672 -3.521  1.00 18.67 ? 129 HOH A O   1 
HETATM 761 O  O   . HOH F 4 .  ? 14.124  2.669   5.774   1.00 14.56 ? 130 HOH A O   1 
HETATM 762 O  O   . HOH F 4 .  ? 19.468  2.991   -7.068  1.00 17.77 ? 131 HOH A O   1 
HETATM 763 O  O   A HOH F 4 .  ? -0.805  -3.633  0.543   0.50 16.48 ? 132 HOH A O   1 
HETATM 764 O  O   . HOH F 4 .  ? -17.176 -0.476  7.815   1.00 25.51 ? 133 HOH A O   1 
HETATM 765 O  O   A HOH F 4 .  ? -18.587 -13.826 7.323   0.50 11.97 ? 134 HOH A O   1 
HETATM 766 O  O   A HOH F 4 .  ? -15.242 -4.955  -1.692  0.50 10.69 ? 135 HOH A O   1 
HETATM 767 O  O   . HOH F 4 .  ? -10.789 -2.039  15.866  1.00 20.12 ? 136 HOH A O   1 
HETATM 768 O  O   . HOH F 4 .  ? -1.749  7.574   -11.023 1.00 23.30 ? 137 HOH A O   1 
HETATM 769 O  O   . HOH F 4 .  ? 16.674  1.807   -10.687 1.00 18.99 ? 138 HOH A O   1 
HETATM 770 O  O   . HOH F 4 .  ? -1.025  -7.344  -11.274 1.00 27.33 ? 139 HOH A O   1 
HETATM 771 O  O   . HOH F 4 .  ? 3.818   -4.562  8.971   1.00 29.62 ? 140 HOH A O   1 
HETATM 772 O  O   . HOH F 4 .  ? 17.608  -1.685  -2.707  1.00 17.20 ? 141 HOH A O   1 
HETATM 773 O  O   . HOH F 4 .  ? -7.171  1.859   13.057  1.00 21.68 ? 142 HOH A O   1 
HETATM 774 O  O   B HOH F 4 .  ? -17.884 -15.000 7.559   0.50 15.93 ? 143 HOH A O   1 
HETATM 775 O  O   . HOH F 4 .  ? 12.892  -3.980  -0.474  1.00 15.73 ? 144 HOH A O   1 
HETATM 776 O  O   . HOH F 4 .  ? 3.321   -3.791  -0.066  1.00 22.63 ? 145 HOH A O   1 
HETATM 777 O  O   . HOH F 4 .  ? -5.765  -9.962  -0.892  1.00 18.69 ? 146 HOH A O   1 
HETATM 778 O  O   . HOH F 4 .  ? -14.451 1.093   14.392  1.00 28.60 ? 147 HOH A O   1 
HETATM 779 O  O   . HOH F 4 .  ? -3.817  13.621  -2.770  1.00 26.29 ? 148 HOH A O   1 
HETATM 780 O  O   . HOH F 4 .  ? 11.823  -3.283  2.169   1.00 29.68 ? 149 HOH A O   1 
HETATM 781 O  O   . HOH F 4 .  ? -19.174 -3.342  1.683   1.00 15.88 ? 150 HOH A O   1 
HETATM 782 O  O   . HOH F 4 .  ? 5.045   -2.358  1.807   1.00 18.40 ? 151 HOH A O   1 
HETATM 783 O  O   . HOH F 4 .  ? 18.694  -1.418  -10.129 1.00 22.88 ? 152 HOH A O   1 
HETATM 784 O  O   . HOH F 4 .  ? 7.471   -2.662  2.796   1.00 32.33 ? 153 HOH A O   1 
HETATM 785 O  O   . HOH F 4 .  ? 10.994  -3.195  -10.196 1.00 15.99 ? 154 HOH A O   1 
HETATM 786 O  O   . HOH F 4 .  ? -0.953  -8.570  6.709   1.00 18.69 ? 155 HOH A O   1 
HETATM 787 O  O   . HOH F 4 .  ? -8.408  -11.308 7.945   1.00 12.73 ? 156 HOH A O   1 
HETATM 788 O  O   . HOH F 4 .  ? -0.876  -1.365  -12.501 1.00 23.87 ? 157 HOH A O   1 
HETATM 789 O  O   . HOH F 4 .  ? 3.577   -8.943  10.078  1.00 26.96 ? 158 HOH A O   1 
HETATM 790 O  O   . HOH F 4 .  ? -5.873  6.698   -8.511  1.00 22.90 ? 159 HOH A O   1 
HETATM 791 O  O   . HOH F 4 .  ? -4.575  1.703   -12.595 1.00 29.22 ? 160 HOH A O   1 
HETATM 792 O  O   . HOH F 4 .  ? 1.510   11.210  -1.736  1.00 29.98 ? 161 HOH A O   1 
HETATM 793 O  O   . HOH F 4 .  ? 17.987  11.562  -9.775  1.00 26.74 ? 162 HOH A O   1 
HETATM 794 O  O   . HOH F 4 .  ? 4.954   13.811  -10.265 1.00 29.42 ? 163 HOH A O   1 
HETATM 795 O  O   . HOH F 4 .  ? -2.927  -0.934  10.941  1.00 24.57 ? 164 HOH A O   1 
HETATM 796 O  O   . HOH F 4 .  ? 4.461   9.303   -11.012 1.00 22.95 ? 165 HOH A O   1 
HETATM 797 O  O   . HOH F 4 .  ? -11.333 2.949   -6.664  1.00 30.09 ? 166 HOH A O   1 
HETATM 798 O  O   . HOH F 4 .  ? -10.565 -5.120  -6.351  1.00 23.67 ? 167 HOH A O   1 
HETATM 799 O  O   . HOH F 4 .  ? 11.922  4.357   8.585   1.00 18.78 ? 168 HOH A O   1 
HETATM 800 O  O   . HOH F 4 .  ? -9.670  7.043   1.864   1.00 28.11 ? 169 HOH A O   1 
HETATM 801 O  O   . HOH F 4 .  ? 15.094  12.695  -11.935 1.00 21.68 ? 170 HOH A O   1 
HETATM 802 O  O   . HOH F 4 .  ? 20.787  4.666   1.186   1.00 20.96 ? 171 HOH A O   1 
HETATM 803 O  O   . HOH F 4 .  ? -4.849  -3.582  -9.855  1.00 28.21 ? 172 HOH A O   1 
HETATM 804 O  O   . HOH F 4 .  ? -18.031 -2.586  4.116   1.00 27.12 ? 173 HOH A O   1 
HETATM 805 O  O   . HOH F 4 .  ? 1.692   15.516  -7.631  1.00 28.68 ? 174 HOH A O   1 
HETATM 806 O  O   A HOH F 4 .  ? -3.657  -7.120  1.105   0.50 17.78 ? 175 HOH A O   1 
HETATM 807 O  O   . HOH F 4 .  ? -15.793 -0.640  1.968   1.00 22.43 ? 176 HOH A O   1 
HETATM 808 O  O   . HOH F 4 .  ? 1.393   -6.543  6.402   0.50 46.47 ? 177 HOH A O   1 
HETATM 809 O  O   . HOH F 4 .  ? 20.790  3.930   -10.960 1.00 25.80 ? 178 HOH A O   1 
HETATM 810 O  O   . HOH F 4 .  ? -7.357  11.309  0.288   1.00 29.34 ? 179 HOH A O   1 
HETATM 811 O  O   B HOH F 4 .  ? -4.149  -7.724  2.399   0.50 18.99 ? 180 HOH A O   1 
HETATM 812 O  O   . HOH F 4 .  ? -8.495  3.201   9.363   1.00 33.43 ? 181 HOH A O   1 
HETATM 813 O  O   . HOH F 4 .  ? 17.461  0.984   -1.750  1.00 21.19 ? 182 HOH A O   1 
HETATM 814 O  O   . HOH F 4 .  ? 17.632  -3.585  -10.634 1.00 29.58 ? 183 HOH A O   1 
HETATM 815 O  O   . HOH F 4 .  ? -17.689 -6.288  11.884  1.00 37.14 ? 184 HOH A O   1 
HETATM 816 O  O   . HOH F 4 .  ? 19.425  3.800   -2.801  1.00 33.25 ? 185 HOH A O   1 
HETATM 817 O  O   . HOH F 4 .  ? -11.894 -12.996 18.016  1.00 30.26 ? 186 HOH A O   1 
HETATM 818 O  O   . HOH F 4 .  ? -14.340 -1.690  -0.497  1.00 29.73 ? 187 HOH A O   1 
HETATM 819 O  O   B HOH F 4 .  ? -0.724  -2.520  1.318   0.50 24.83 ? 188 HOH A O   1 
HETATM 820 O  O   . HOH F 4 .  ? -15.451 1.937   6.965   1.00 29.67 ? 189 HOH A O   1 
HETATM 821 O  O   . HOH F 4 .  ? -12.056 -7.624  15.479  1.00 23.45 ? 190 HOH A O   1 
HETATM 822 O  O   . HOH F 4 .  ? 0.115   9.337   -10.033 1.00 23.71 ? 191 HOH A O   1 
HETATM 823 O  O   . HOH F 4 .  ? -8.450  -3.707  14.490  1.00 19.80 ? 192 HOH A O   1 
HETATM 824 O  O   . HOH F 4 .  ? 6.605   -5.970  -4.655  1.00 28.86 ? 193 HOH A O   1 
HETATM 825 O  O   . HOH F 4 .  ? 15.821  -4.507  -11.960 1.00 27.01 ? 194 HOH A O   1 
HETATM 826 O  O   . HOH F 4 .  ? 23.176  7.030   -1.745  1.00 26.34 ? 195 HOH A O   1 
HETATM 827 O  O   . HOH F 4 .  ? 1.244   7.540   1.070   1.00 26.75 ? 196 HOH A O   1 
HETATM 828 O  O   . HOH F 4 .  ? 15.938  -0.732  5.850   1.00 27.90 ? 197 HOH A O   1 
HETATM 829 O  O   . HOH F 4 .  ? 6.684   -2.199  5.678   1.00 30.85 ? 198 HOH A O   1 
HETATM 830 O  O   . HOH F 4 .  ? 9.360   9.318   4.253   1.00 31.32 ? 199 HOH A O   1 
HETATM 831 O  O   . HOH F 4 .  ? -6.773  5.442   5.854   1.00 30.50 ? 200 HOH A O   1 
HETATM 832 O  O   . HOH F 4 .  ? 6.200   8.478   -11.413 1.00 20.49 ? 201 HOH A O   1 
HETATM 833 O  O   . HOH F 4 .  ? 7.007   6.943   3.372   1.00 27.12 ? 202 HOH A O   1 
HETATM 834 O  O   . HOH F 4 .  ? -8.913  1.396   -9.201  1.00 28.21 ? 203 HOH A O   1 
HETATM 835 O  O   . HOH F 4 .  ? 9.825   -8.805  -4.781  1.00 31.81 ? 204 HOH A O   1 
HETATM 836 O  O   . HOH F 4 .  ? -7.673  -4.161  -9.323  1.00 31.40 ? 205 HOH A O   1 
HETATM 837 O  O   . HOH F 4 .  ? 5.497   3.144   8.424   1.00 29.52 ? 206 HOH A O   1 
HETATM 838 O  O   . HOH F 4 .  ? -8.356  7.517   4.457   1.00 32.38 ? 207 HOH A O   1 
HETATM 839 O  O   . HOH F 4 .  ? -6.823  2.827   -10.919 1.00 31.54 ? 208 HOH A O   1 
HETATM 840 O  O   . HOH F 4 .  ? 3.207   10.619  -3.861  1.00 17.28 ? 209 HOH A O   1 
HETATM 841 O  O   . HOH F 4 .  ? 23.372  10.604  -6.192  1.00 34.21 ? 210 HOH A O   1 
HETATM 842 O  O   . HOH F 4 .  ? -18.842 -12.902 9.111   1.00 25.77 ? 211 HOH A O   1 
HETATM 843 O  O   . HOH F 4 .  ? -16.529 -15.590 9.762   0.50 12.72 ? 212 HOH A O   1 
HETATM 844 O  O   . HOH F 4 .  ? -8.394  -1.373  -10.713 1.00 34.52 ? 213 HOH A O   1 
HETATM 845 O  O   . HOH F 4 .  ? -17.191 -13.724 9.593   1.00 30.00 ? 214 HOH A O   1 
HETATM 846 O  O   . HOH F 4 .  ? -10.999 8.912   -6.896  1.00 34.41 ? 215 HOH A O   1 
HETATM 847 O  O   . HOH F 4 .  ? -10.361 -8.306  17.522  1.00 34.68 ? 216 HOH A O   1 
HETATM 848 O  O   . HOH F 4 .  ? 8.894   -6.617  -3.371  1.00 32.00 ? 217 HOH A O   1 
HETATM 849 O  O   . HOH F 4 .  ? -8.010  -10.158 18.619  1.00 28.56 ? 218 HOH A O   1 
HETATM 850 O  O   B HOH F 4 .  ? 12.059  9.720   -2.462  0.50 13.03 ? 219 HOH A O   1 
HETATM 851 O  O   B HOH F 4 .  ? -14.548 -6.118  -1.950  0.50 14.30 ? 220 HOH A O   1 
HETATM 852 O  O   . HOH F 4 .  ? 2.748   0.161   8.272   1.00 33.57 ? 221 HOH A O   1 
HETATM 853 O  O   . HOH F 4 .  ? -7.133  -8.953  -6.959  1.00 22.31 ? 222 HOH A O   1 
HETATM 854 O  O   . HOH F 4 .  ? -15.494 -6.295  14.436  1.00 29.56 ? 223 HOH A O   1 
HETATM 855 O  O   . HOH F 4 .  ? -14.876 -13.020 15.976  1.00 30.88 ? 224 HOH A O   1 
HETATM 856 O  O   . HOH F 4 .  ? 22.115  10.574  -10.533 1.00 35.06 ? 225 HOH A O   1 
HETATM 857 O  O   . HOH F 4 .  ? 3.955   -1.493  5.905   1.00 28.07 ? 226 HOH A O   1 
HETATM 858 O  O   . HOH F 4 .  ? 3.523   -2.826  4.013   1.00 30.76 ? 227 HOH A O   1 
HETATM 859 O  O   . HOH F 4 .  ? -3.345  -8.781  4.239   1.00 37.29 ? 228 HOH A O   1 
# 
loop_
_atom_site_anisotrop.id 
_atom_site_anisotrop.type_symbol 
_atom_site_anisotrop.pdbx_label_atom_id 
_atom_site_anisotrop.pdbx_label_alt_id 
_atom_site_anisotrop.pdbx_label_comp_id 
_atom_site_anisotrop.pdbx_label_asym_id 
_atom_site_anisotrop.pdbx_label_seq_id 
_atom_site_anisotrop.pdbx_PDB_ins_code 
_atom_site_anisotrop.U[1][1] 
_atom_site_anisotrop.U[2][2] 
_atom_site_anisotrop.U[3][3] 
_atom_site_anisotrop.U[1][2] 
_atom_site_anisotrop.U[1][3] 
_atom_site_anisotrop.U[2][3] 
_atom_site_anisotrop.pdbx_auth_seq_id 
_atom_site_anisotrop.pdbx_auth_comp_id 
_atom_site_anisotrop.pdbx_auth_asym_id 
_atom_site_anisotrop.pdbx_auth_atom_id 
1   N  N   . GLY A 1  ? 0.0916 0.1164 0.1089 -0.0119 0.0082  0.0167  1   GLY A N   
2   C  CA  . GLY A 1  ? 0.1017 0.1375 0.1172 -0.0069 0.0180  0.0083  1   GLY A CA  
3   C  C   . GLY A 1  ? 0.1033 0.1197 0.1043 -0.0159 0.0285  0.0100  1   GLY A C   
4   O  O   . GLY A 1  ? 0.1152 0.1433 0.1150 -0.0195 0.0211  0.0126  1   GLY A O   
5   N  N   . SER A 2  ? 0.0994 0.1411 0.1217 -0.0106 0.0182  0.0087  2   SER A N   
6   C  CA  . SER A 2  ? 0.1055 0.1551 0.1071 -0.0137 0.0105  0.0006  2   SER A CA  
7   C  C   . SER A 2  ? 0.1120 0.1468 0.1022 -0.0077 0.0122  0.0039  2   SER A C   
8   O  O   . SER A 2  ? 0.1533 0.1870 0.0992 0.0089  0.0121  0.0101  2   SER A O   
9   C  CB  . SER A 2  ? 0.1286 0.1712 0.1444 -0.0220 0.0111  -0.0128 2   SER A CB  
10  O  OG  . SER A 2  ? 0.1356 0.1738 0.2095 -0.0306 0.0239  0.0034  2   SER A OG  
11  N  N   . GLY A 3  ? 0.1016 0.1387 0.0929 -0.0097 0.0129  0.0071  3   GLY A N   
12  C  CA  . GLY A 3  ? 0.0980 0.1294 0.1068 -0.0130 0.0060  0.0053  3   GLY A CA  
13  C  C   . GLY A 3  ? 0.0882 0.1133 0.0940 -0.0111 0.0109  0.0076  3   GLY A C   
14  O  O   . GLY A 3  ? 0.0811 0.1125 0.1020 -0.0189 0.0092  0.0044  3   GLY A O   
15  N  N   . PRO A 4  ? 0.0929 0.1220 0.1041 -0.0077 0.0073  0.0130  4   PRO A N   
16  C  CA  . PRO A 4  ? 0.0947 0.1078 0.1183 -0.0102 0.0066  0.0013  4   PRO A CA  
17  C  C   . PRO A 4  ? 0.0872 0.1084 0.1217 -0.0084 0.0056  0.0028  4   PRO A C   
18  O  O   . PRO A 4  ? 0.1041 0.1182 0.1125 -0.0067 0.0152  0.0005  4   PRO A O   
19  C  CB  . PRO A 4  ? 0.1041 0.1212 0.1366 0.0005  0.0039  0.0230  4   PRO A CB  
20  C  CG  . PRO A 4  ? 0.1293 0.1588 0.1716 -0.0008 -0.0101 0.0169  4   PRO A CG  
21  C  CD  . PRO A 4  ? 0.1196 0.1447 0.1220 0.0113  -0.0090 0.0230  4   PRO A CD  
22  N  N   . THR A 5  ? 0.0864 0.1044 0.1016 -0.0173 0.0046  0.0115  5   THR A N   
23  C  CA  . THR A 5  ? 0.0857 0.1117 0.1341 -0.0154 0.0023  0.0088  5   THR A CA  
24  C  C   . THR A 5  ? 0.0975 0.1111 0.1135 -0.0326 0.0124  -0.0002 5   THR A C   
25  O  O   . THR A 5  ? 0.1062 0.1228 0.1489 -0.0256 0.0114  0.0283  5   THR A O   
26  C  CB  . THR A 5  ? 0.0935 0.1353 0.1414 -0.0235 0.0029  0.0055  5   THR A CB  
27  O  OG1 . THR A 5  ? 0.1226 0.1543 0.1620 -0.0240 -0.0010 -0.0305 5   THR A OG1 
28  C  CG2 . THR A 5  ? 0.1000 0.1621 0.1617 -0.0212 -0.0106 0.0000  5   THR A CG2 
29  N  N   . TYR A 6  ? 0.0868 0.1049 0.1093 -0.0121 0.0087  0.0103  6   TYR A N   
30  C  CA  . TYR A 6  ? 0.0966 0.0935 0.1113 -0.0120 0.0106  0.0063  6   TYR A CA  
31  C  C   . TYR A 6  ? 0.0852 0.0918 0.1184 -0.0133 0.0216  0.0099  6   TYR A C   
32  O  O   . TYR A 6  ? 0.1036 0.1015 0.1113 -0.0123 0.0137  0.0066  6   TYR A O   
33  C  CB  . TYR A 6  ? 0.0987 0.1076 0.1181 -0.0077 0.0073  -0.0034 6   TYR A CB  
34  C  CG  . TYR A 6  ? 0.0919 0.1007 0.1170 -0.0087 0.0119  -0.0033 6   TYR A CG  
35  C  CD1 . TYR A 6  ? 0.1028 0.0978 0.1747 -0.0129 -0.0102 -0.0026 6   TYR A CD1 
36  C  CD2 . TYR A 6  ? 0.0935 0.0905 0.1204 -0.0081 0.0217  0.0111  6   TYR A CD2 
37  C  CE1 . TYR A 6  ? 0.1214 0.0870 0.1954 -0.0199 -0.0026 0.0106  6   TYR A CE1 
38  C  CE2 . TYR A 6  ? 0.0916 0.0966 0.1134 -0.0094 0.0141  0.0104  6   TYR A CE2 
39  C  CZ  . TYR A 6  ? 0.1024 0.1120 0.1527 -0.0046 0.0068  0.0126  6   TYR A CZ  
40  O  OH  . TYR A 6  ? 0.1104 0.1162 0.1913 -0.0003 -0.0058 0.0367  6   TYR A OH  
41  N  N   . CYS A 7  ? 0.1143 0.1026 0.1159 -0.0330 -0.0054 0.0116  7   CYS A N   
42  C  CA  . CYS A 7  ? 0.1036 0.1197 0.1059 -0.0276 0.0014  0.0121  7   CYS A CA  
43  C  C   . CYS A 7  ? 0.1236 0.1003 0.1159 -0.0248 -0.0054 0.0167  7   CYS A C   
44  O  O   . CYS A 7  ? 0.1650 0.1124 0.1641 -0.0252 -0.0429 0.0175  7   CYS A O   
45  C  CB  . CYS A 7  ? 0.1508 0.1832 0.1271 -0.0429 0.0264  0.0240  7   CYS A CB  
46  S  SG  . CYS A 7  ? 0.1029 0.2352 0.2249 -0.0546 0.0295  -0.0006 7   CYS A SG  
47  N  N   . TRP A 8  ? 0.1110 0.1050 0.1196 -0.0109 -0.0072 0.0226  8   TRP A N   
48  C  CA  . TRP A 8  ? 0.1067 0.1161 0.1116 -0.0163 -0.0035 0.0158  8   TRP A CA  
49  C  C   . TRP A 8  ? 0.1143 0.1152 0.1098 -0.0228 -0.0033 0.0145  8   TRP A C   
50  O  O   . TRP A 8  ? 0.1944 0.1174 0.1275 -0.0302 -0.0377 0.0093  8   TRP A O   
51  C  CB  . TRP A 8  ? 0.1098 0.1350 0.1179 -0.0082 -0.0020 0.0135  8   TRP A CB  
52  C  CG  . TRP A 8  ? 0.1141 0.1215 0.1067 -0.0083 0.0048  0.0092  8   TRP A CG  
53  C  CD1 . TRP A 8  ? 0.1152 0.1261 0.1149 -0.0155 0.0093  0.0130  8   TRP A CD1 
54  C  CD2 . TRP A 8  ? 0.1276 0.1219 0.1400 -0.0046 0.0041  0.0062  8   TRP A CD2 
55  N  NE1 . TRP A 8  ? 0.1107 0.1574 0.1171 -0.0150 0.0071  0.0048  8   TRP A NE1 
56  C  CE2 . TRP A 8  ? 0.1214 0.1421 0.1488 0.0092  0.0049  0.0116  8   TRP A CE2 
57  C  CE3 . TRP A 8  ? 0.1749 0.1412 0.2064 -0.0124 -0.0089 0.0080  8   TRP A CE3 
58  C  CZ2 . TRP A 8  ? 0.1727 0.1794 0.1987 0.0187  -0.0155 0.0072  8   TRP A CZ2 
59  C  CZ3 . TRP A 8  ? 0.2151 0.1509 0.2250 -0.0049 -0.0131 0.0006  8   TRP A CZ3 
60  C  CH2 . TRP A 8  ? 0.2070 0.1666 0.2297 0.0239  -0.0182 0.0184  8   TRP A CH2 
61  N  N   . ASN A 9  ? 0.1303 0.1329 0.0979 -0.0378 0.0050  0.0202  9   ASN A N   
62  C  CA  . ASN A 9  ? 0.1314 0.1492 0.0956 -0.0360 0.0128  0.0101  9   ASN A CA  
63  C  C   . ASN A 9  ? 0.1178 0.1217 0.0948 -0.0222 0.0090  0.0160  9   ASN A C   
64  O  O   . ASN A 9  ? 0.1442 0.1441 0.1298 0.0003  0.0148  0.0405  9   ASN A O   
65  C  CB  . ASN A 9  ? 0.1579 0.2008 0.1029 -0.0642 0.0120  0.0141  9   ASN A CB  
66  C  CG  . ASN A 9  ? 0.1922 0.2095 0.0851 -0.0750 0.0406  0.0078  9   ASN A CG  
67  O  OD1 . ASN A 9  ? 0.1757 0.2114 0.1282 -0.0371 0.0236  -0.0375 9   ASN A OD1 
68  N  ND2 . ASN A 9  ? 0.2849 0.2679 0.0883 -0.0648 0.0233  0.0096  9   ASN A ND2 
69  N  N   . GLU A 10 ? 0.0977 0.1182 0.1014 -0.0193 0.0027  0.0102  10  GLU A N   
70  C  CA  . GLU A 10 ? 0.1010 0.1044 0.0976 -0.0124 0.0060  0.0070  10  GLU A CA  
71  C  C   . GLU A 10 ? 0.1001 0.1236 0.0980 -0.0139 0.0059  0.0134  10  GLU A C   
72  O  O   . GLU A 10 ? 0.1083 0.1296 0.0988 -0.0212 -0.0048 0.0170  10  GLU A O   
73  C  CB  . GLU A 10 ? 0.1002 0.1123 0.0988 -0.0165 0.0043  0.0160  10  GLU A CB  
74  C  CG  . GLU A 10 ? 0.1001 0.0940 0.0929 -0.0151 0.0006  0.0030  10  GLU A CG  
75  C  CD  . GLU A 10 ? 0.0939 0.0948 0.1098 -0.0088 0.0063  0.0075  10  GLU A CD  
76  O  OE1 . GLU A 10 ? 0.1519 0.1062 0.1124 -0.0285 -0.0239 0.0181  10  GLU A OE1 
77  O  OE2 . GLU A 10 ? 0.0990 0.1025 0.1075 -0.0164 -0.0084 0.0133  10  GLU A OE2 
78  N  N   . ALA A 11 ? 0.1176 0.1545 0.0985 -0.0256 0.0004  -0.0082 11  ALA A N   
79  C  CA  . ALA A 11 ? 0.1451 0.1510 0.1082 -0.0196 0.0074  -0.0028 11  ALA A CA  
80  C  C   . ALA A 11 ? 0.1609 0.1613 0.0951 -0.0290 0.0020  0.0098  11  ALA A C   
81  O  O   . ALA A 11 ? 0.1824 0.1732 0.1106 -0.0212 -0.0255 0.0081  11  ALA A O   
82  C  CB  . ALA A 11 ? 0.1787 0.2048 0.1283 -0.0211 0.0089  -0.0242 11  ALA A CB  
83  N  N   . ASN A 12 ? 0.1775 0.1515 0.1253 -0.0266 0.0101  0.0276  12  ASN A N   
84  C  CA  . ASN A 12 ? 0.2377 0.1767 0.1326 -0.0141 0.0151  0.0413  12  ASN A CA  
85  C  C   . ASN A 12 ? 0.1946 0.1343 0.1342 -0.0054 -0.0117 0.0394  12  ASN A C   
86  O  O   . ASN A 12 ? 0.2478 0.1689 0.1546 0.0122  -0.0142 0.0488  12  ASN A O   
87  C  CB  . ASN A 12 ? 0.2994 0.2164 0.1861 -0.0204 0.0437  0.0538  12  ASN A CB  
88  C  CG  . ASN A 12 ? 0.2998 0.2249 0.2291 -0.0367 0.0481  0.0510  12  ASN A CG  
89  O  OD1 . ASN A 12 ? 0.4049 0.3145 0.2030 -0.0378 0.0438  0.0333  12  ASN A OD1 
90  N  ND2 . ASN A 12 ? 0.3033 0.3139 0.2859 -0.0354 0.0528  0.0449  12  ASN A ND2 
91  N  N   . ASN A 13 ? 0.1607 0.1240 0.1084 -0.0053 -0.0143 0.0286  13  ASN A N   
92  C  CA  . ASN A 13 ? 0.1372 0.1324 0.1176 0.0073  -0.0216 0.0219  13  ASN A CA  
93  C  C   . ASN A 13 ? 0.1504 0.1351 0.1256 0.0204  -0.0342 0.0200  13  ASN A C   
94  O  O   . ASN A 13 ? 0.1490 0.1570 0.1148 0.0092  -0.0325 0.0155  13  ASN A O   
95  C  CB  . ASN A 13 ? 0.1147 0.1371 0.1078 0.0010  -0.0156 0.0150  13  ASN A CB  
96  C  CG  . ASN A 13 ? 0.1011 0.1346 0.1107 -0.0006 -0.0106 0.0021  13  ASN A CG  
97  O  OD1 . ASN A 13 ? 0.1179 0.1577 0.1222 -0.0181 -0.0174 0.0121  13  ASN A OD1 
98  N  ND2 . ASN A 13 ? 0.1106 0.1560 0.0964 0.0079  -0.0078 0.0103  13  ASN A ND2 
99  N  N   . PRO A 14 ? 0.1640 0.1727 0.1527 0.0408  -0.0494 -0.0101 14  PRO A N   
100 C  CA  . PRO A 14 ? 0.1640 0.1742 0.1760 0.0465  -0.0245 0.0166  14  PRO A CA  
101 C  C   . PRO A 14 ? 0.1682 0.1853 0.1328 0.0532  -0.0198 0.0002  14  PRO A C   
102 O  O   . PRO A 14 ? 0.2283 0.1989 0.1432 0.0607  -0.0264 0.0118  14  PRO A O   
103 C  CB  . PRO A 14 ? 0.1936 0.1906 0.1861 0.0627  -0.0218 -0.0078 14  PRO A CB  
104 C  CG  . PRO A 14 ? 0.2102 0.2138 0.2180 0.0488  -0.0174 -0.0243 14  PRO A CG  
105 C  CD  . PRO A 14 ? 0.1932 0.1838 0.2052 0.0425  -0.0254 -0.0251 14  PRO A CD  
106 N  N   . GLY A 15 ? 0.1366 0.1851 0.1503 0.0308  -0.0223 0.0213  15  GLY A N   
107 C  CA  . GLY A 15 ? 0.1462 0.2047 0.1488 0.0328  -0.0151 0.0223  15  GLY A CA  
108 C  C   . GLY A 15 ? 0.1227 0.1871 0.1186 0.0074  -0.0184 0.0348  15  GLY A C   
109 O  O   . GLY A 15 ? 0.1229 0.1886 0.1514 0.0043  -0.0111 0.0205  15  GLY A O   
110 N  N   . GLY A 16 ? 0.1180 0.1735 0.1058 0.0095  -0.0184 0.0162  16  GLY A N   
111 C  CA  . GLY A 16 ? 0.1188 0.1626 0.1142 0.0016  -0.0090 0.0094  16  GLY A CA  
112 C  C   . GLY A 16 ? 0.0969 0.1330 0.0887 -0.0051 -0.0244 0.0213  16  GLY A C   
113 O  O   . GLY A 16 ? 0.1109 0.1293 0.0889 0.0033  -0.0133 0.0108  16  GLY A O   
114 N  N   . PRO A 17 ? 0.1102 0.1219 0.0856 -0.0081 -0.0067 0.0061  17  PRO A N   
115 C  CA  . PRO A 17 ? 0.1081 0.1126 0.1028 -0.0006 -0.0047 0.0079  17  PRO A CA  
116 C  C   . PRO A 17 ? 0.0968 0.1040 0.0918 -0.0068 -0.0026 0.0101  17  PRO A C   
117 O  O   . PRO A 17 ? 0.1111 0.1155 0.0895 -0.0165 -0.0100 0.0092  17  PRO A O   
118 C  CB  . PRO A 17 ? 0.1373 0.1398 0.1112 0.0022  0.0179  -0.0083 17  PRO A CB  
119 C  CG  . PRO A 17 ? 0.1596 0.1442 0.1016 -0.0041 -0.0058 -0.0013 17  PRO A CG  
120 C  CD  . PRO A 17 ? 0.1505 0.1314 0.0816 -0.0220 -0.0079 0.0073  17  PRO A CD  
121 N  N   . ASN A 18 ? 0.0965 0.1069 0.0887 -0.0101 -0.0094 0.0075  18  ASN A N   
122 C  CA  . ASN A 18 ? 0.1000 0.1020 0.0876 -0.0058 -0.0182 0.0137  18  ASN A CA  
123 C  C   . ASN A 18 ? 0.0973 0.1292 0.0903 -0.0102 -0.0124 0.0242  18  ASN A C   
124 O  O   . ASN A 18 ? 0.1055 0.2221 0.1106 -0.0016 -0.0084 0.0629  18  ASN A O   
125 C  CB  . ASN A 18 ? 0.1274 0.1172 0.1262 0.0017  -0.0349 0.0074  18  ASN A CB  
126 C  CG  . ASN A 18 ? 0.1357 0.1118 0.1546 0.0144  -0.0366 -0.0130 18  ASN A CG  
127 O  OD1 . ASN A 18 ? 0.1502 0.1793 0.1962 0.0135  -0.0426 -0.0765 18  ASN A OD1 
128 N  ND2 . ASN A 18 ? 0.1283 0.1372 0.1635 0.0032  -0.0316 -0.0297 18  ASN A ND2 
129 N  N   . ARG A 19 ? 0.1086 0.1123 0.0811 -0.0041 -0.0032 0.0070  19  ARG A N   
130 C  CA  . ARG A 19 ? 0.1063 0.1088 0.0853 -0.0032 -0.0054 0.0039  19  ARG A CA  
131 C  C   . ARG A 19 ? 0.1018 0.1179 0.0890 -0.0090 -0.0063 0.0077  19  ARG A C   
132 O  O   . ARG A 19 ? 0.1323 0.1296 0.1055 -0.0197 0.0058  0.0012  19  ARG A O   
133 C  CB  . ARG A 19 ? 0.1042 0.1217 0.0971 -0.0009 -0.0061 0.0138  19  ARG A CB  
134 C  CG  . ARG A 19 ? 0.1134 0.1275 0.0937 -0.0174 -0.0221 0.0072  19  ARG A CG  
135 C  CD  . ARG A 19 ? 0.1037 0.1345 0.0968 -0.0091 -0.0062 -0.0097 19  ARG A CD  
136 N  NE  . ARG A 19 ? 0.1123 0.1399 0.1077 -0.0077 -0.0043 0.0029  19  ARG A NE  
137 C  CZ  . ARG A 19 ? 0.0993 0.1473 0.1176 -0.0137 -0.0092 0.0094  19  ARG A CZ  
138 N  NH1 . ARG A 19 ? 0.1023 0.1681 0.1279 -0.0089 -0.0147 0.0063  19  ARG A NH1 
139 N  NH2 . ARG A 19 ? 0.1012 0.1781 0.1301 -0.0022 -0.0059 0.0095  19  ARG A NH2 
140 N  N   . CYS A 20 ? 0.0998 0.1255 0.1052 -0.0043 0.0008  -0.0019 20  CYS A N   
141 C  CA  A CYS A 20 ? 0.1068 0.1137 0.0970 0.0032  0.0045  0.0080  20  CYS A CA  
142 C  CA  B CYS A 20 ? 0.1002 0.1210 0.1029 0.0031  0.0006  0.0032  20  CYS A CA  
143 C  C   . CYS A 20 ? 0.0973 0.1276 0.1103 -0.0011 -0.0013 0.0008  20  CYS A C   
144 O  O   . CYS A 20 ? 0.1074 0.1404 0.1283 0.0005  0.0129  -0.0077 20  CYS A O   
145 C  CB  A CYS A 20 ? 0.0974 0.1137 0.1278 0.0092  -0.0090 -0.0044 20  CYS A CB  
146 C  CB  B CYS A 20 ? 0.0954 0.1243 0.1089 0.0146  -0.0017 0.0019  20  CYS A CB  
147 S  SG  A CYS A 20 ? 0.1238 0.1269 0.1302 0.0084  -0.0115 0.0028  20  CYS A SG  
148 S  SG  B CYS A 20 ? 0.1047 0.1334 0.1136 0.0114  -0.0255 -0.0014 20  CYS A SG  
149 N  N   . SER A 21 ? 0.1016 0.1217 0.1285 0.0111  0.0103  -0.0045 21  SER A N   
150 C  CA  A SER A 21 ? 0.1070 0.1506 0.1467 0.0165  0.0085  -0.0181 21  SER A CA  
151 C  CA  B SER A 21 ? 0.0982 0.1260 0.1332 0.0132  0.0095  -0.0097 21  SER A CA  
152 C  C   . SER A 21 ? 0.0979 0.1371 0.1216 0.0155  0.0170  -0.0065 21  SER A C   
153 O  O   . SER A 21 ? 0.1058 0.1968 0.1302 0.0136  0.0227  -0.0063 21  SER A O   
154 C  CB  A SER A 21 ? 0.1288 0.1697 0.1673 0.0353  -0.0050 -0.0297 21  SER A CB  
155 C  CB  B SER A 21 ? 0.1136 0.1650 0.1618 0.0283  -0.0080 -0.0128 21  SER A CB  
156 O  OG  A SER A 21 ? 0.1921 0.1691 0.2192 0.0566  -0.0092 -0.0187 21  SER A OG  
157 O  OG  B SER A 21 ? 0.1113 0.2065 0.1558 0.0544  -0.0292 -0.0257 21  SER A OG  
158 N  N   . ASN A 22 ? 0.0920 0.1364 0.1091 0.0059  0.0098  -0.0106 22  ASN A N   
159 C  CA  A ASN A 22 ? 0.1066 0.1590 0.1202 0.0140  0.0119  -0.0303 22  ASN A CA  
160 C  CA  B ASN A 22 ? 0.0971 0.1164 0.1036 0.0005  0.0091  -0.0040 22  ASN A CA  
161 C  C   . ASN A 22 ? 0.0959 0.1201 0.1009 0.0064  0.0188  0.0014  22  ASN A C   
162 O  O   . ASN A 22 ? 0.0928 0.1349 0.0990 0.0163  0.0064  -0.0050 22  ASN A O   
163 C  CB  A ASN A 22 ? 0.1625 0.1907 0.2126 0.0259  -0.0168 -0.0365 22  ASN A CB  
164 C  CB  B ASN A 22 ? 0.0796 0.0888 0.0716 0.0022  0.0031  0.0035  22  ASN A CB  
165 C  CG  A ASN A 22 ? 0.1722 0.2186 0.2748 0.0243  -0.0049 -0.0124 22  ASN A CG  
166 C  CG  B ASN A 22 ? 0.0936 0.0896 0.1168 0.0238  0.0006  -0.0013 22  ASN A CG  
167 O  OD1 A ASN A 22 ? 0.2760 0.3027 0.3343 0.0313  -0.0352 0.0138  22  ASN A OD1 
168 O  OD1 B ASN A 22 ? 0.0776 0.1121 0.1071 0.0246  0.0292  -0.0099 22  ASN A OD1 
169 N  ND2 A ASN A 22 ? 0.2235 0.2365 0.3016 0.0156  0.0090  0.0141  22  ASN A ND2 
170 N  ND2 B ASN A 22 ? 0.1285 0.1283 0.1265 0.0353  -0.0153 0.0204  22  ASN A ND2 
171 N  N   . ASN A 23 ? 0.0961 0.1381 0.0828 0.0043  0.0090  -0.0067 23  ASN A N   
172 C  CA  . ASN A 23 ? 0.0999 0.1175 0.0875 0.0036  -0.0002 0.0062  23  ASN A CA  
173 C  C   . ASN A 23 ? 0.0877 0.1173 0.0850 -0.0004 0.0027  0.0023  23  ASN A C   
174 O  O   . ASN A 23 ? 0.0990 0.1234 0.1038 0.0108  0.0178  0.0094  23  ASN A O   
175 C  CB  . ASN A 23 ? 0.1059 0.1210 0.1002 -0.0141 -0.0003 0.0024  23  ASN A CB  
176 C  CG  . ASN A 23 ? 0.1160 0.1180 0.0970 -0.0177 -0.0001 0.0131  23  ASN A CG  
177 O  OD1 . ASN A 23 ? 0.1576 0.1411 0.1042 -0.0447 0.0015  0.0053  23  ASN A OD1 
178 N  ND2 . ASN A 23 ? 0.1383 0.1276 0.0902 -0.0161 0.0001  0.0134  23  ASN A ND2 
179 N  N   . LYS A 24 ? 0.0979 0.1204 0.1058 -0.0053 0.0115  -0.0049 24  LYS A N   
180 C  CA  A LYS A 24 ? 0.1323 0.1509 0.1290 -0.0096 0.0108  0.0043  24  LYS A CA  
181 C  CA  B LYS A 24 ? 0.0895 0.0990 0.1011 -0.0075 0.0077  0.0030  24  LYS A CA  
182 C  C   . LYS A 24 ? 0.0870 0.0973 0.1175 0.0016  0.0168  0.0157  24  LYS A C   
183 O  O   . LYS A 24 ? 0.1011 0.1417 0.1122 -0.0107 0.0092  0.0144  24  LYS A O   
184 C  CB  A LYS A 24 ? 0.2120 0.1927 0.2072 -0.0022 0.0125  0.0072  24  LYS A CB  
185 C  CB  B LYS A 24 ? 0.1319 0.0810 0.1173 -0.0165 0.0114  0.0075  24  LYS A CB  
186 C  CG  A LYS A 24 ? 0.2643 0.2380 0.2747 -0.0075 0.0043  -0.0114 24  LYS A CG  
187 C  CG  B LYS A 24 ? 0.1574 0.1136 0.1575 0.0179  0.0132  0.0133  24  LYS A CG  
188 C  CD  A LYS A 24 ? 0.2718 0.2387 0.2769 -0.0022 0.0065  -0.0096 24  LYS A CD  
189 C  CD  B LYS A 24 ? 0.1893 0.1369 0.1926 0.0162  0.0117  0.0091  24  LYS A CD  
190 C  CE  A LYS A 24 ? 0.2825 0.2706 0.2928 -0.0082 0.0056  -0.0060 24  LYS A CE  
191 C  CE  B LYS A 24 ? 0.2114 0.1866 0.2239 0.0185  -0.0057 0.0101  24  LYS A CE  
192 N  NZ  A LYS A 24 ? 0.2629 0.2866 0.2673 0.0080  0.0126  -0.0142 24  LYS A NZ  
193 N  NZ  B LYS A 24 ? 0.2428 0.1942 0.2565 0.0308  0.0055  0.0002  24  LYS A NZ  
194 N  N   . GLN A 25 ? 0.0949 0.1059 0.0929 0.0097  0.0151  0.0134  25  GLN A N   
195 C  CA  . GLN A 25 ? 0.0892 0.1142 0.0864 0.0075  0.0091  0.0120  25  GLN A CA  
196 C  C   . GLN A 25 ? 0.0759 0.1095 0.0938 -0.0015 0.0077  0.0146  25  GLN A C   
197 O  O   . GLN A 25 ? 0.0993 0.1128 0.0933 0.0076  -0.0058 0.0108  25  GLN A O   
198 C  CB  . GLN A 25 ? 0.0935 0.1212 0.1064 0.0146  0.0031  0.0189  25  GLN A CB  
199 C  CG  . GLN A 25 ? 0.1030 0.1224 0.1190 0.0182  -0.0070 0.0207  25  GLN A CG  
200 C  CD  . GLN A 25 ? 0.1162 0.1322 0.1265 0.0311  0.0005  0.0121  25  GLN A CD  
201 O  OE1 . GLN A 25 ? 0.1047 0.1514 0.1457 0.0087  0.0123  0.0144  25  GLN A OE1 
202 N  NE2 . GLN A 25 ? 0.1306 0.1825 0.1622 0.0293  -0.0145 0.0253  25  GLN A NE2 
203 N  N   . CYS A 26 ? 0.0882 0.0967 0.0933 0.0084  0.0052  0.0091  26  CYS A N   
204 C  CA  A CYS A 26 ? 0.0758 0.1043 0.0929 0.0018  0.0090  0.0116  26  CYS A CA  
205 C  CA  B CYS A 26 ? 0.0749 0.1009 0.0971 0.0031  0.0126  0.0083  26  CYS A CA  
206 C  C   . CYS A 26 ? 0.0833 0.0937 0.0909 0.0006  0.0102  0.0076  26  CYS A C   
207 O  O   . CYS A 26 ? 0.0842 0.1040 0.1015 -0.0038 0.0035  -0.0018 26  CYS A O   
208 C  CB  A CYS A 26 ? 0.0866 0.1127 0.1187 0.0000  -0.0018 0.0177  26  CYS A CB  
209 C  CB  B CYS A 26 ? 0.0822 0.0897 0.1071 0.0016  0.0213  0.0209  26  CYS A CB  
210 S  SG  A CYS A 26 ? 0.0867 0.1227 0.1143 -0.0088 0.0105  0.0087  26  CYS A SG  
211 S  SG  B CYS A 26 ? 0.0861 0.0997 0.1034 -0.0103 0.0223  0.0123  26  CYS A SG  
212 N  N   . ASP A 27 ? 0.0800 0.0944 0.0894 -0.0140 0.0018  0.0049  27  ASP A N   
213 C  CA  . ASP A 27 ? 0.0692 0.0948 0.0932 -0.0044 0.0188  0.0027  27  ASP A CA  
214 C  C   . ASP A 27 ? 0.0766 0.0920 0.0852 -0.0086 0.0137  0.0084  27  ASP A C   
215 O  O   . ASP A 27 ? 0.0818 0.1014 0.0914 -0.0178 0.0044  0.0078  27  ASP A O   
216 C  CB  . ASP A 27 ? 0.0819 0.0994 0.0984 -0.0045 0.0120  0.0061  27  ASP A CB  
217 C  CG  . ASP A 27 ? 0.0902 0.1124 0.1025 -0.0014 0.0196  0.0071  27  ASP A CG  
218 O  OD1 . ASP A 27 ? 0.0886 0.1111 0.1093 -0.0115 0.0126  0.0125  27  ASP A OD1 
219 O  OD2 . ASP A 27 ? 0.0982 0.1377 0.1390 -0.0022 0.0219  -0.0215 27  ASP A OD2 
220 N  N   . GLY A 28 ? 0.0752 0.0911 0.0965 -0.0150 0.0086  0.0099  28  GLY A N   
221 C  CA  . GLY A 28 ? 0.0709 0.0987 0.0901 -0.0086 -0.0012 0.0074  28  GLY A CA  
222 C  C   . GLY A 28 ? 0.0705 0.1015 0.0902 -0.0080 0.0038  -0.0004 28  GLY A C   
223 O  O   . GLY A 28 ? 0.0822 0.1163 0.0966 -0.0045 0.0087  0.0030  28  GLY A O   
224 N  N   . ALA A 29 ? 0.0701 0.1075 0.0979 -0.0107 0.0061  0.0010  29  ALA A N   
225 C  CA  . ALA A 29 ? 0.0789 0.1188 0.0831 -0.0120 0.0054  0.0170  29  ALA A CA  
226 C  C   . ALA A 29 ? 0.0739 0.1153 0.0886 -0.0074 0.0124  0.0142  29  ALA A C   
227 O  O   . ALA A 29 ? 0.0877 0.1520 0.0882 -0.0213 -0.0021 0.0174  29  ALA A O   
228 C  CB  . ALA A 29 ? 0.0842 0.1474 0.1029 -0.0043 -0.0015 0.0230  29  ALA A CB  
229 N  N   . ARG A 30 ? 0.0684 0.1111 0.0800 -0.0151 0.0069  0.0139  30  ARG A N   
230 C  CA  . ARG A 30 ? 0.0720 0.1046 0.0849 -0.0159 0.0041  0.0171  30  ARG A CA  
231 C  C   . ARG A 30 ? 0.0735 0.1095 0.0871 -0.0219 0.0027  0.0177  30  ARG A C   
232 O  O   . ARG A 30 ? 0.0819 0.1044 0.1211 -0.0185 0.0240  0.0087  30  ARG A O   
233 C  CB  . ARG A 30 ? 0.0680 0.0978 0.0853 -0.0081 -0.0027 0.0160  30  ARG A CB  
234 C  CG  . ARG A 30 ? 0.0820 0.1093 0.0991 -0.0089 -0.0002 0.0070  30  ARG A CG  
235 C  CD  . ARG A 30 ? 0.0815 0.1109 0.1033 -0.0061 0.0009  0.0037  30  ARG A CD  
236 N  NE  . ARG A 30 ? 0.0897 0.1049 0.1020 0.0019  0.0008  0.0058  30  ARG A NE  
237 C  CZ  . ARG A 30 ? 0.0933 0.1077 0.0984 -0.0072 -0.0067 0.0063  30  ARG A CZ  
238 N  NH1 . ARG A 30 ? 0.1058 0.1031 0.1200 -0.0098 -0.0052 0.0122  30  ARG A NH1 
239 N  NH2 . ARG A 30 ? 0.1131 0.1121 0.1165 -0.0145 -0.0198 0.0118  30  ARG A NH2 
240 N  N   . THR A 31 ? 0.0719 0.1003 0.0894 -0.0119 0.0090  0.0084  31  THR A N   
241 C  CA  . THR A 31 ? 0.0758 0.1107 0.0967 -0.0082 0.0079  0.0054  31  THR A CA  
242 C  C   . THR A 31 ? 0.0822 0.1062 0.0787 -0.0120 0.0090  0.0031  31  THR A C   
243 O  O   . THR A 31 ? 0.0825 0.1153 0.1011 -0.0031 0.0037  0.0051  31  THR A O   
244 C  CB  . THR A 31 ? 0.0997 0.1356 0.0898 -0.0134 0.0061  0.0030  31  THR A CB  
245 O  OG1 . THR A 31 ? 0.1131 0.1461 0.1096 -0.0188 0.0077  0.0290  31  THR A OG1 
246 C  CG2 . THR A 31 ? 0.1113 0.1548 0.1077 -0.0150 -0.0078 -0.0069 31  THR A CG2 
247 N  N   . CYS A 32 ? 0.0811 0.1180 0.1009 -0.0037 0.0110  -0.0075 32  CYS A N   
248 C  CA  A CYS A 32 ? 0.0715 0.1227 0.1193 0.0062  -0.0016 0.0125  32  CYS A CA  
249 C  CA  B CYS A 32 ? 0.0858 0.1210 0.1182 0.0037  0.0076  0.0005  32  CYS A CA  
250 C  C   . CYS A 32 ? 0.0804 0.1281 0.1162 0.0038  0.0114  0.0102  32  CYS A C   
251 O  O   . CYS A 32 ? 0.0988 0.1536 0.1169 -0.0026 0.0278  -0.0032 32  CYS A O   
252 C  CB  A CYS A 32 ? 0.1008 0.1431 0.1258 -0.0001 -0.0057 0.0221  32  CYS A CB  
253 C  CB  B CYS A 32 ? 0.0927 0.1078 0.1524 -0.0013 0.0067  0.0001  32  CYS A CB  
254 S  SG  A CYS A 32 ? 0.0962 0.1426 0.1384 -0.0021 -0.0010 0.0137  32  CYS A SG  
255 S  SG  B CYS A 32 ? 0.1088 0.1310 0.1417 0.0174  -0.0059 0.0179  32  CYS A SG  
256 N  N   . SER A 33 ? 0.0775 0.1329 0.0973 -0.0108 0.0062  0.0118  33  SER A N   
257 C  CA  . SER A 33 ? 0.0888 0.1386 0.1112 -0.0096 0.0052  0.0075  33  SER A CA  
258 C  C   . SER A 33 ? 0.0819 0.1376 0.1015 -0.0075 0.0138  0.0094  33  SER A C   
259 O  O   . SER A 33 ? 0.0864 0.1316 0.1133 -0.0051 0.0068  0.0026  33  SER A O   
260 C  CB  . SER A 33 ? 0.0964 0.1229 0.1289 -0.0074 0.0153  0.0219  33  SER A CB  
261 O  OG  . SER A 33 ? 0.1206 0.1365 0.1032 -0.0115 0.0117  0.0100  33  SER A OG  
262 N  N   . SER A 34 ? 0.0985 0.1604 0.1181 -0.0165 0.0096  0.0238  34  SER A N   
263 C  CA  . SER A 34 ? 0.0921 0.1799 0.1244 -0.0179 0.0332  -0.0027 34  SER A CA  
264 C  C   . SER A 34 ? 0.0757 0.2000 0.1464 -0.0108 0.0234  -0.0088 34  SER A C   
265 O  O   . SER A 34 ? 0.1243 0.3235 0.1766 0.0250  0.0088  -0.0578 34  SER A O   
266 C  CB  . SER A 34 ? 0.1199 0.2345 0.1765 -0.0222 0.0558  0.0174  34  SER A CB  
267 O  OG  . SER A 34 ? 0.2105 0.2413 0.2265 -0.0455 0.0567  0.0385  34  SER A OG  
268 N  N   . SER A 35 ? 0.1044 0.1645 0.1203 -0.0175 0.0192  -0.0063 35  SER A N   
269 C  CA  . SER A 35 ? 0.1144 0.1728 0.1469 -0.0465 0.0233  -0.0168 35  SER A CA  
270 C  C   . SER A 35 ? 0.0797 0.1687 0.1339 -0.0150 0.0134  -0.0088 35  SER A C   
271 O  O   . SER A 35 ? 0.1011 0.2152 0.1252 -0.0263 -0.0018 -0.0202 35  SER A O   
272 C  CB  . SER A 35 ? 0.1880 0.1836 0.1988 -0.0289 0.0352  0.0007  35  SER A CB  
273 O  OG  . SER A 35 ? 0.1929 0.1656 0.2564 -0.0222 0.0736  -0.0034 35  SER A OG  
274 N  N   . GLY A 36 ? 0.0807 0.1359 0.1089 -0.0047 0.0079  -0.0025 36  GLY A N   
275 C  CA  . GLY A 36 ? 0.0976 0.1370 0.1089 0.0090  0.0050  0.0039  36  GLY A CA  
276 C  C   . GLY A 36 ? 0.0893 0.1128 0.0992 -0.0089 -0.0085 0.0041  36  GLY A C   
277 O  O   . GLY A 36 ? 0.0977 0.1213 0.1060 -0.0058 -0.0150 0.0074  36  GLY A O   
278 N  N   . PHE A 37 ? 0.0822 0.1104 0.0956 -0.0037 0.0067  0.0049  37  PHE A N   
279 C  CA  . PHE A 37 ? 0.0874 0.1007 0.0916 -0.0012 0.0031  0.0056  37  PHE A CA  
280 C  C   . PHE A 37 ? 0.0842 0.1131 0.0857 -0.0012 -0.0078 0.0027  37  PHE A C   
281 O  O   . PHE A 37 ? 0.0979 0.1362 0.0856 -0.0051 -0.0016 0.0058  37  PHE A O   
282 C  CB  . PHE A 37 ? 0.0831 0.1226 0.0902 0.0004  0.0054  -0.0020 37  PHE A CB  
283 C  CG  . PHE A 37 ? 0.0892 0.1141 0.0929 -0.0051 0.0025  -0.0087 37  PHE A CG  
284 C  CD1 . PHE A 37 ? 0.0882 0.1269 0.0966 -0.0082 0.0011  -0.0067 37  PHE A CD1 
285 C  CD2 . PHE A 37 ? 0.0916 0.1199 0.1089 -0.0006 0.0140  -0.0009 37  PHE A CD2 
286 C  CE1 . PHE A 37 ? 0.1017 0.1285 0.1044 -0.0021 0.0042  -0.0035 37  PHE A CE1 
287 C  CE2 . PHE A 37 ? 0.0792 0.1276 0.1437 -0.0099 0.0101  -0.0067 37  PHE A CE2 
288 C  CZ  . PHE A 37 ? 0.0964 0.1324 0.1140 -0.0032 -0.0044 -0.0084 37  PHE A CZ  
289 N  N   . CYS A 38 ? 0.0820 0.1155 0.0854 -0.0063 -0.0026 0.0121  38  CYS A N   
290 C  CA  A CYS A 38 ? 0.0763 0.1022 0.1003 -0.0096 -0.0052 0.0123  38  CYS A CA  
291 C  CA  B CYS A 38 ? 0.0927 0.1154 0.1028 -0.0088 -0.0080 0.0091  38  CYS A CA  
292 C  C   . CYS A 38 ? 0.0884 0.1113 0.0943 -0.0089 -0.0082 0.0053  38  CYS A C   
293 O  O   . CYS A 38 ? 0.1245 0.1125 0.1063 -0.0028 -0.0264 0.0045  38  CYS A O   
294 C  CB  A CYS A 38 ? 0.0792 0.1088 0.1221 0.0045  0.0070  0.0103  38  CYS A CB  
295 C  CB  B CYS A 38 ? 0.1156 0.1245 0.1320 -0.0125 0.0024  0.0028  38  CYS A CB  
296 S  SG  A CYS A 38 ? 0.0929 0.1165 0.1165 -0.0100 0.0030  0.0150  38  CYS A SG  
297 S  SG  B CYS A 38 ? 0.1376 0.1338 0.1136 -0.0471 0.0020  0.0179  38  CYS A SG  
298 N  N   . GLN A 39 ? 0.0871 0.1020 0.0957 -0.0093 -0.0057 0.0001  39  GLN A N   
299 C  CA  . GLN A 39 ? 0.0906 0.1144 0.0934 -0.0154 -0.0048 0.0084  39  GLN A CA  
300 C  C   . GLN A 39 ? 0.0833 0.1131 0.0949 -0.0187 0.0022  0.0197  39  GLN A C   
301 O  O   . GLN A 39 ? 0.0873 0.1103 0.1132 -0.0177 -0.0090 0.0149  39  GLN A O   
302 C  CB  . GLN A 39 ? 0.0871 0.1511 0.1022 -0.0255 0.0015  0.0197  39  GLN A CB  
303 C  CG  . GLN A 39 ? 0.1009 0.1255 0.1062 -0.0226 -0.0066 0.0083  39  GLN A CG  
304 C  CD  . GLN A 39 ? 0.0994 0.1298 0.1021 -0.0249 -0.0122 0.0168  39  GLN A CD  
305 O  OE1 . GLN A 39 ? 0.1027 0.1509 0.1030 -0.0106 0.0075  0.0146  39  GLN A OE1 
306 N  NE2 . GLN A 39 ? 0.1256 0.1611 0.1062 -0.0282 0.0058  0.0148  39  GLN A NE2 
307 N  N   . GLY A 40 ? 0.0885 0.1118 0.1201 -0.0161 -0.0083 0.0113  40  GLY A N   
308 C  CA  . GLY A 40 ? 0.0845 0.1267 0.1250 -0.0069 -0.0108 0.0289  40  GLY A CA  
309 C  C   . GLY A 40 ? 0.0961 0.1044 0.1305 -0.0138 -0.0132 0.0333  40  GLY A C   
310 O  O   . GLY A 40 ? 0.0988 0.1366 0.1347 -0.0010 -0.0034 0.0197  40  GLY A O   
311 N  N   . THR A 41 ? 0.0873 0.1749 0.1471 -0.0179 -0.0063 0.0348  41  THR A N   
312 C  CA  . THR A 41 ? 0.0911 0.1390 0.1796 -0.0044 -0.0006 0.0271  41  THR A CA  
313 C  C   . THR A 41 ? 0.0791 0.1244 0.1502 0.0005  0.0030  0.0187  41  THR A C   
314 O  O   . THR A 41 ? 0.1178 0.1512 0.1323 -0.0258 -0.0010 0.0180  41  THR A O   
315 C  CB  . THR A 41 ? 0.0974 0.1357 0.2675 -0.0119 -0.0122 0.0430  41  THR A CB  
316 O  OG1 . THR A 41 ? 0.1517 0.1604 0.3789 -0.0181 -0.0384 0.0726  41  THR A OG1 
317 C  CG2 . THR A 41 ? 0.1253 0.1712 0.2745 0.0064  0.0007  0.0316  41  THR A CG2 
318 N  N   . SER A 42 ? 0.0757 0.1147 0.1427 -0.0031 0.0097  0.0096  42  SER A N   
319 C  CA  . SER A 42 ? 0.0774 0.1182 0.1302 0.0005  0.0060  0.0088  42  SER A CA  
320 C  C   . SER A 42 ? 0.0799 0.0986 0.1284 0.0018  0.0136  0.0057  42  SER A C   
321 O  O   . SER A 42 ? 0.0814 0.1204 0.1261 -0.0013 0.0135  0.0035  42  SER A O   
322 C  CB  . SER A 42 ? 0.0845 0.1238 0.1365 -0.0006 0.0046  0.0084  42  SER A CB  
323 O  OG  . SER A 42 ? 0.1237 0.1504 0.1443 -0.0047 0.0155  -0.0006 42  SER A OG  
324 N  N   . ARG A 43 ? 0.0773 0.1034 0.1536 -0.0030 0.0080  -0.0013 43  ARG A N   
325 C  CA  . ARG A 43 ? 0.0800 0.1146 0.1688 0.0009  0.0127  0.0195  43  ARG A CA  
326 C  C   . ARG A 43 ? 0.0894 0.1111 0.2038 0.0074  0.0177  0.0254  43  ARG A C   
327 O  O   . ARG A 43 ? 0.1033 0.1048 0.2300 0.0090  0.0206  0.0061  43  ARG A O   
328 C  CB  . ARG A 43 ? 0.0846 0.0973 0.1627 0.0011  0.0102  0.0091  43  ARG A CB  
329 C  CG  . ARG A 43 ? 0.0826 0.1039 0.1631 -0.0031 0.0198  -0.0078 43  ARG A CG  
330 C  CD  . ARG A 43 ? 0.0815 0.1123 0.1517 0.0012  0.0216  -0.0055 43  ARG A CD  
331 N  NE  . ARG A 43 ? 0.0800 0.1016 0.1402 -0.0066 0.0150  0.0015  43  ARG A NE  
332 C  CZ  . ARG A 43 ? 0.0844 0.1002 0.1299 -0.0046 0.0254  -0.0015 43  ARG A CZ  
333 N  NH1 . ARG A 43 ? 0.0899 0.1127 0.1380 0.0033  0.0126  -0.0039 43  ARG A NH1 
334 N  NH2 . ARG A 43 ? 0.0873 0.1087 0.1218 -0.0009 0.0192  -0.0006 43  ARG A NH2 
335 N  N   . LYS A 44 ? 0.0994 0.1220 0.2412 0.0219  0.0064  0.0311  44  LYS A N   
336 C  CA  A LYS A 44 ? 0.1285 0.1580 0.2710 0.0289  0.0093  0.0249  44  LYS A CA  
337 C  CA  B LYS A 44 ? 0.1110 0.1316 0.2589 0.0312  0.0121  0.0348  44  LYS A CA  
338 C  C   . LYS A 44 ? 0.1331 0.1531 0.2857 0.0287  0.0205  0.0179  44  LYS A C   
339 O  O   . LYS A 44 ? 0.1427 0.2314 0.3181 0.0363  -0.0208 0.0113  44  LYS A O   
340 C  CB  A LYS A 44 ? 0.2235 0.1970 0.2870 0.0220  0.0015  0.0209  44  LYS A CB  
341 C  CB  B LYS A 44 ? 0.1973 0.1215 0.2710 0.0356  0.0076  0.0339  44  LYS A CB  
342 C  CG  A LYS A 44 ? 0.2563 0.2532 0.2895 0.0057  0.0039  0.0075  44  LYS A CG  
343 C  CG  B LYS A 44 ? 0.2444 0.2077 0.2711 0.0031  0.0087  0.0016  44  LYS A CG  
344 C  CD  A LYS A 44 ? 0.2738 0.2565 0.2957 0.0077  0.0045  0.0082  44  LYS A CD  
345 C  CD  B LYS A 44 ? 0.2568 0.2224 0.2832 -0.0026 0.0079  0.0146  44  LYS A CD  
346 C  CE  A LYS A 44 ? 0.2843 0.2699 0.2963 0.0027  -0.0013 0.0117  44  LYS A CE  
347 C  CE  B LYS A 44 ? 0.2539 0.2252 0.2954 -0.0016 0.0032  0.0071  44  LYS A CE  
348 N  NZ  A LYS A 44 ? 0.3148 0.3048 0.3309 0.0124  -0.0106 0.0064  44  LYS A NZ  
349 N  NZ  B LYS A 44 ? 0.2953 0.2422 0.2974 -0.0115 0.0304  0.0156  44  LYS A NZ  
350 N  N   . PRO A 45 ? 0.1217 0.1595 0.2954 0.0275  0.0270  0.0270  45  PRO A N   
351 C  CA  . PRO A 45 ? 0.1760 0.1504 0.2887 0.0386  0.0324  -0.0025 45  PRO A CA  
352 C  C   . PRO A 45 ? 0.1411 0.1325 0.2680 0.0204  0.0347  0.0079  45  PRO A C   
353 O  O   . PRO A 45 ? 0.1356 0.1351 0.2476 0.0175  0.0211  0.0076  45  PRO A O   
354 C  CB  . PRO A 45 ? 0.1975 0.1969 0.3011 0.0546  0.0275  -0.0052 45  PRO A CB  
355 C  CG  . PRO A 45 ? 0.2003 0.2174 0.3221 0.0354  0.0351  0.0038  45  PRO A CG  
356 C  CD  . PRO A 45 ? 0.1463 0.2115 0.3105 0.0368  0.0204  0.0096  45  PRO A CD  
357 N  N   . ASP A 46 ? 0.1942 0.1182 0.2920 0.0034  0.0216  -0.0219 46  ASP A N   
358 C  CA  . ASP A 46 ? 0.1654 0.1341 0.2453 0.0027  0.0273  -0.0199 46  ASP A CA  
359 C  C   . ASP A 46 ? 0.2034 0.1604 0.2569 0.0001  0.0418  -0.0480 46  ASP A C   
360 O  O   . ASP A 46 ? 0.2692 0.1728 0.2971 -0.0226 0.0461  -0.0631 46  ASP A O   
361 C  CB  . ASP A 46 ? 0.1681 0.1575 0.2343 -0.0252 0.0303  -0.0283 46  ASP A CB  
362 C  CG  . ASP A 46 ? 0.1443 0.1770 0.2397 -0.0181 0.0162  -0.0239 46  ASP A CG  
363 O  OD1 . ASP A 46 ? 0.1618 0.1480 0.2142 0.0016  0.0129  -0.0337 46  ASP A OD1 
364 O  OD2 . ASP A 46 ? 0.2136 0.2703 0.3287 -0.0467 -0.0234 0.0026  46  ASP A OD2 
365 N  N   . PRO A 47 ? 0.2114 0.1696 0.2430 -0.0021 0.0462  -0.0440 47  PRO A N   
366 C  CA  . PRO A 47 ? 0.1877 0.1826 0.2314 -0.0046 0.0284  -0.0165 47  PRO A CA  
367 C  C   . PRO A 47 ? 0.1549 0.1669 0.2312 0.0112  0.0380  -0.0266 47  PRO A C   
368 O  O   . PRO A 47 ? 0.1676 0.1806 0.2646 0.0298  0.0547  -0.0198 47  PRO A O   
369 C  CB  . PRO A 47 ? 0.2378 0.2346 0.2516 -0.0118 0.0261  -0.0061 47  PRO A CB  
370 C  CG  . PRO A 47 ? 0.2820 0.2730 0.2719 -0.0083 0.0333  -0.0238 47  PRO A CG  
371 C  CD  . PRO A 47 ? 0.2535 0.2459 0.2537 0.0038  0.0313  -0.0353 47  PRO A CD  
372 N  N   . GLY A 48 ? 0.1377 0.1633 0.2115 0.0014  0.0392  -0.0185 48  GLY A N   
373 C  CA  . GLY A 48 ? 0.1449 0.1482 0.2184 0.0157  0.0304  0.0134  48  GLY A CA  
374 C  C   . GLY A 48 ? 0.1357 0.1520 0.2245 0.0174  0.0333  0.0325  48  GLY A C   
375 O  O   . GLY A 48 ? 0.1550 0.1787 0.2389 0.0195  0.0394  0.0290  48  GLY A O   
376 N  N   . PRO A 49 ? 0.1451 0.1587 0.2429 0.0171  0.0251  0.0460  49  PRO A N   
377 C  CA  . PRO A 49 ? 0.1300 0.1692 0.2443 0.0201  0.0316  0.0339  49  PRO A CA  
378 C  C   . PRO A 49 ? 0.1024 0.1450 0.2205 0.0268  0.0336  0.0366  49  PRO A C   
379 O  O   . PRO A 49 ? 0.1014 0.1575 0.2410 0.0214  0.0448  0.0525  49  PRO A O   
380 C  CB  . PRO A 49 ? 0.1551 0.1763 0.2787 0.0481  -0.0007 0.0333  49  PRO A CB  
381 C  CG  . PRO A 49 ? 0.1551 0.1894 0.2577 0.0385  0.0110  0.0350  49  PRO A CG  
382 C  CD  . PRO A 49 ? 0.1482 0.1724 0.2384 0.0395  0.0221  0.0370  49  PRO A CD  
383 N  N   . LYS A 50 ? 0.1132 0.1614 0.2445 0.0212  0.0477  0.0229  50  LYS A N   
384 C  CA  . LYS A 50 ? 0.0979 0.1460 0.2184 0.0102  0.0299  0.0390  50  LYS A CA  
385 C  C   . LYS A 50 ? 0.1089 0.1516 0.2028 0.0043  0.0270  0.0456  50  LYS A C   
386 O  O   . LYS A 50 ? 0.1302 0.1947 0.2405 0.0304  -0.0038 0.0644  50  LYS A O   
387 C  CB  . LYS A 50 ? 0.0974 0.1813 0.2218 0.0216  0.0302  0.0286  50  LYS A CB  
388 C  CG  . LYS A 50 ? 0.1409 0.1645 0.2194 0.0217  0.0510  0.0122  50  LYS A CG  
389 C  CD  . LYS A 50 ? 0.1537 0.1563 0.1820 -0.0034 0.0562  0.0116  50  LYS A CD  
390 C  CE  . LYS A 50 ? 0.1145 0.1354 0.1562 -0.0096 0.0377  0.0160  50  LYS A CE  
391 N  NZ  . LYS A 50 ? 0.1190 0.1145 0.1270 -0.0123 0.0190  0.0060  50  LYS A NZ  
392 N  N   . GLY A 51 ? 0.0884 0.1594 0.1784 0.0016  0.0203  0.0364  51  GLY A N   
393 C  CA  . GLY A 51 ? 0.0857 0.1560 0.1761 -0.0104 0.0112  0.0407  51  GLY A CA  
394 C  C   . GLY A 51 ? 0.0891 0.1200 0.1527 -0.0179 0.0074  0.0258  51  GLY A C   
395 O  O   . GLY A 51 ? 0.0830 0.1262 0.1370 -0.0129 0.0030  0.0291  51  GLY A O   
396 N  N   . PRO A 52 ? 0.0810 0.1556 0.1490 -0.0226 -0.0037 0.0304  52  PRO A N   
397 C  CA  . PRO A 52 ? 0.0921 0.1284 0.1505 -0.0275 0.0031  0.0133  52  PRO A CA  
398 C  C   . PRO A 52 ? 0.0857 0.1330 0.1198 -0.0144 0.0138  0.0107  52  PRO A C   
399 O  O   . PRO A 52 ? 0.0891 0.1221 0.1579 -0.0059 0.0067  0.0066  52  PRO A O   
400 C  CB  . PRO A 52 ? 0.1266 0.1711 0.1679 -0.0373 0.0023  -0.0118 52  PRO A CB  
401 C  CG  . PRO A 52 ? 0.1662 0.2359 0.2077 -0.0223 -0.0138 -0.0054 52  PRO A CG  
402 C  CD  . PRO A 52 ? 0.1043 0.1928 0.1670 -0.0320 -0.0056 0.0225  52  PRO A CD  
403 N  N   . THR A 53 ? 0.0778 0.1089 0.1361 -0.0125 0.0087  0.0203  53  THR A N   
404 C  CA  . THR A 53 ? 0.0826 0.1126 0.1415 -0.0160 0.0154  0.0250  53  THR A CA  
405 C  C   . THR A 53 ? 0.0883 0.1128 0.1400 -0.0257 0.0066  0.0172  53  THR A C   
406 O  O   . THR A 53 ? 0.1184 0.1385 0.1514 -0.0384 0.0116  0.0185  53  THR A O   
407 C  CB  . THR A 53 ? 0.0953 0.1123 0.1521 -0.0078 0.0107  0.0189  53  THR A CB  
408 O  OG1 . THR A 53 ? 0.1234 0.1407 0.1894 0.0138  0.0346  0.0353  53  THR A OG1 
409 C  CG2 . THR A 53 ? 0.1222 0.1351 0.1500 -0.0127 0.0112  0.0380  53  THR A CG2 
410 N  N   . TYR A 54 ? 0.0834 0.1025 0.1360 -0.0205 0.0158  0.0157  54  TYR A N   
411 C  CA  . TYR A 54 ? 0.0824 0.1059 0.1342 -0.0082 0.0126  0.0171  54  TYR A CA  
412 C  C   . TYR A 54 ? 0.0898 0.0995 0.1331 -0.0216 0.0288  0.0070  54  TYR A C   
413 O  O   . TYR A 54 ? 0.0930 0.0965 0.1454 -0.0192 0.0160  0.0077  54  TYR A O   
414 C  CB  . TYR A 54 ? 0.0966 0.1164 0.1578 -0.0012 0.0281  0.0088  54  TYR A CB  
415 C  CG  . TYR A 54 ? 0.1131 0.1070 0.1434 -0.0020 0.0381  0.0063  54  TYR A CG  
416 C  CD1 . TYR A 54 ? 0.2319 0.1061 0.1731 0.0083  0.0576  0.0090  54  TYR A CD1 
417 C  CD2 . TYR A 54 ? 0.1104 0.0993 0.1498 -0.0126 0.0324  -0.0038 54  TYR A CD2 
418 C  CE1 . TYR A 54 ? 0.2685 0.1155 0.1718 0.0038  0.0633  0.0020  54  TYR A CE1 
419 C  CE2 . TYR A 54 ? 0.1405 0.0955 0.1433 -0.0148 0.0391  -0.0060 54  TYR A CE2 
420 C  CZ  . TYR A 54 ? 0.2082 0.1082 0.1594 -0.0260 0.0499  -0.0053 54  TYR A CZ  
421 O  OH  . TYR A 54 ? 0.2906 0.1205 0.1669 -0.0278 0.0563  -0.0184 54  TYR A OH  
422 N  N   . CYS A 55 ? 0.1084 0.0992 0.1345 -0.0173 0.0119  0.0133  55  CYS A N   
423 C  CA  . CYS A 55 ? 0.0992 0.1157 0.1392 -0.0202 0.0022  0.0209  55  CYS A CA  
424 C  C   . CYS A 55 ? 0.1313 0.1142 0.1416 -0.0204 0.0002  0.0048  55  CYS A C   
425 O  O   . CYS A 55 ? 0.2034 0.1261 0.1520 -0.0108 -0.0080 -0.0061 55  CYS A O   
426 C  CB  . CYS A 55 ? 0.1026 0.1437 0.1860 -0.0251 0.0055  0.0251  55  CYS A CB  
427 S  SG  . CYS A 55 ? 0.1282 0.1996 0.1835 -0.0043 0.0334  0.0527  55  CYS A SG  
428 N  N   . TRP A 56 ? 0.1220 0.1185 0.1222 -0.0247 0.0118  0.0020  56  TRP A N   
429 C  CA  . TRP A 56 ? 0.1251 0.1295 0.1272 -0.0368 0.0073  -0.0018 56  TRP A CA  
430 C  C   . TRP A 56 ? 0.1304 0.1276 0.1243 -0.0254 -0.0012 0.0106  56  TRP A C   
431 O  O   . TRP A 56 ? 0.2034 0.1317 0.1560 -0.0175 -0.0454 0.0105  56  TRP A O   
432 C  CB  . TRP A 56 ? 0.1410 0.1396 0.1388 -0.0265 0.0143  -0.0011 56  TRP A CB  
433 C  CG  . TRP A 56 ? 0.1458 0.1375 0.1429 -0.0293 0.0164  0.0015  56  TRP A CG  
434 C  CD1 . TRP A 56 ? 0.1471 0.1440 0.1423 -0.0312 0.0279  -0.0096 56  TRP A CD1 
435 C  CD2 . TRP A 56 ? 0.1966 0.1331 0.1680 -0.0335 0.0373  -0.0079 56  TRP A CD2 
436 N  NE1 . TRP A 56 ? 0.1790 0.1597 0.1516 -0.0391 0.0385  -0.0045 56  TRP A NE1 
437 C  CE2 . TRP A 56 ? 0.2013 0.1605 0.1460 -0.0366 0.0326  -0.0156 56  TRP A CE2 
438 C  CE3 . TRP A 56 ? 0.2496 0.1556 0.2102 -0.0248 0.0381  -0.0110 56  TRP A CE3 
439 C  CZ2 . TRP A 56 ? 0.2622 0.1898 0.1749 -0.0253 0.0291  -0.0239 56  TRP A CZ2 
440 C  CZ3 . TRP A 56 ? 0.2645 0.1724 0.2289 -0.0179 0.0274  -0.0118 56  TRP A CZ3 
441 C  CH2 . TRP A 56 ? 0.2637 0.1939 0.2004 -0.0256 0.0136  -0.0368 56  TRP A CH2 
442 N  N   . ASP A 57 ? 0.1252 0.1494 0.1524 -0.0391 -0.0127 0.0249  57  ASP A N   
443 C  CA  . ASP A 57 ? 0.1195 0.1595 0.1570 -0.0365 -0.0079 0.0381  57  ASP A CA  
444 C  C   . ASP A 57 ? 0.1197 0.1479 0.1458 -0.0413 -0.0112 0.0250  57  ASP A C   
445 O  O   . ASP A 57 ? 0.1491 0.1673 0.1679 -0.0638 -0.0088 0.0005  57  ASP A O   
446 C  CB  . ASP A 57 ? 0.1374 0.1986 0.2139 -0.0566 -0.0104 0.0504  57  ASP A CB  
447 C  CG  . ASP A 57 ? 0.1094 0.2313 0.2312 -0.0406 -0.0230 0.0620  57  ASP A CG  
448 O  OD1 . ASP A 57 ? 0.1533 0.2480 0.2332 -0.0097 -0.0095 0.0659  57  ASP A OD1 
449 O  OD2 . ASP A 57 ? 0.1400 0.2822 0.2855 -0.0528 -0.0328 0.0624  57  ASP A OD2 
450 N  N   . GLU A 58 ? 0.1209 0.1429 0.1217 -0.0409 -0.0020 0.0182  58  GLU A N   
451 C  CA  . GLU A 58 ? 0.1178 0.1388 0.1089 -0.0395 -0.0053 0.0155  58  GLU A CA  
452 C  C   . GLU A 58 ? 0.1185 0.1383 0.1341 -0.0396 -0.0063 0.0159  58  GLU A C   
453 O  O   . GLU A 58 ? 0.1525 0.1585 0.1246 -0.0596 -0.0201 0.0240  58  GLU A O   
454 C  CB  . GLU A 58 ? 0.1166 0.1207 0.1265 -0.0306 -0.0017 0.0141  58  GLU A CB  
455 C  CG  . GLU A 58 ? 0.1055 0.1156 0.1021 -0.0228 0.0008  0.0095  58  GLU A CG  
456 C  CD  . GLU A 58 ? 0.1057 0.0958 0.1207 -0.0192 0.0023  0.0071  58  GLU A CD  
457 O  OE1 . GLU A 58 ? 0.1290 0.1077 0.1462 -0.0237 -0.0325 0.0111  58  GLU A OE1 
458 O  OE2 . GLU A 58 ? 0.1111 0.1052 0.1092 -0.0139 0.0018  0.0051  58  GLU A OE2 
459 N  N   . ALA A 59 ? 0.1450 0.1630 0.1345 -0.0282 -0.0210 0.0356  59  ALA A N   
460 C  CA  . ALA A 59 ? 0.1484 0.1699 0.1702 -0.0172 -0.0205 0.0296  59  ALA A CA  
461 C  C   . ALA A 59 ? 0.1682 0.1995 0.1714 -0.0333 -0.0156 0.0221  59  ALA A C   
462 O  O   . ALA A 59 ? 0.2108 0.2646 0.1723 -0.0282 -0.0544 0.0334  59  ALA A O   
463 C  CB  . ALA A 59 ? 0.1656 0.2149 0.1899 0.0049  -0.0193 0.0414  59  ALA A CB  
464 N  N   . LYS A 60 ? 0.1603 0.2120 0.1749 -0.0492 -0.0318 -0.0109 60  LYS A N   
465 C  CA  . LYS A 60 ? 0.1697 0.2327 0.2083 -0.0704 -0.0266 -0.0200 60  LYS A CA  
466 C  C   . LYS A 60 ? 0.1830 0.2475 0.1774 -0.0621 -0.0091 -0.0259 60  LYS A C   
467 O  O   . LYS A 60 ? 0.1980 0.2703 0.2013 -0.0767 -0.0175 -0.0667 60  LYS A O   
468 C  CB  . LYS A 60 ? 0.2055 0.2616 0.2569 -0.0754 -0.0005 -0.0227 60  LYS A CB  
469 C  CG  . LYS A 60 ? 0.2389 0.3065 0.3099 -0.0640 0.0120  -0.0077 60  LYS A CG  
470 C  CD  . LYS A 60 ? 0.2657 0.3231 0.3290 -0.0621 0.0168  0.0033  60  LYS A CD  
471 C  CE  . LYS A 60 ? 0.2858 0.3537 0.3600 -0.0371 0.0132  0.0004  60  LYS A CE  
472 N  NZ  . LYS A 60 ? 0.3248 0.3810 0.3946 -0.0562 0.0205  0.0065  60  LYS A NZ  
473 N  N   . ASN A 61 ? 0.1551 0.2292 0.1505 -0.0763 -0.0127 -0.0215 61  ASN A N   
474 C  CA  . ASN A 61 ? 0.1793 0.2188 0.1237 -0.0482 -0.0252 -0.0110 61  ASN A CA  
475 C  C   . ASN A 61 ? 0.2022 0.2694 0.1686 -0.0541 -0.0184 -0.0158 61  ASN A C   
476 O  O   . ASN A 61 ? 0.2233 0.2834 0.1325 -0.0565 -0.0220 -0.0138 61  ASN A O   
477 C  CB  . ASN A 61 ? 0.1750 0.2144 0.1134 -0.0662 -0.0047 0.0045  61  ASN A CB  
478 C  CG  . ASN A 61 ? 0.1577 0.1830 0.1211 -0.0552 0.0019  0.0020  61  ASN A CG  
479 O  OD1 . ASN A 61 ? 0.1938 0.2060 0.1338 -0.0874 -0.0001 0.0146  61  ASN A OD1 
480 N  ND2 . ASN A 61 ? 0.1436 0.1791 0.1179 -0.0398 -0.0084 0.0030  61  ASN A ND2 
481 N  N   . PRO A 62 ? 0.2366 0.2867 0.1297 -0.0547 -0.0061 -0.0369 62  PRO A N   
482 C  CA  . PRO A 62 ? 0.2756 0.3050 0.1557 -0.0463 -0.0080 -0.0306 62  PRO A CA  
483 C  C   . PRO A 62 ? 0.3055 0.3061 0.1777 -0.0625 -0.0245 -0.0213 62  PRO A C   
484 O  O   . PRO A 62 ? 0.3745 0.3709 0.1451 -0.0678 -0.0370 -0.0057 62  PRO A O   
485 C  CB  . PRO A 62 ? 0.2688 0.3115 0.2160 -0.0315 0.0017  -0.0147 62  PRO A CB  
486 C  CG  . PRO A 62 ? 0.2738 0.3065 0.2103 -0.0160 -0.0002 -0.0319 62  PRO A CG  
487 C  CD  . PRO A 62 ? 0.2330 0.2754 0.1982 -0.0307 0.0030  -0.0387 62  PRO A CD  
488 N  N   . GLY A 63 ? 0.2954 0.3142 0.1604 -0.0791 0.0132  -0.0264 63  GLY A N   
489 C  CA  . GLY A 63 ? 0.2985 0.3106 0.1626 -0.0698 -0.0059 -0.0011 63  GLY A CA  
490 C  C   . GLY A 63 ? 0.3111 0.2961 0.1707 -0.0639 -0.0019 0.0072  63  GLY A C   
491 O  O   . GLY A 63 ? 0.3997 0.3335 0.1816 -0.0951 0.0287  0.0152  63  GLY A O   
492 N  N   . GLY A 64 ? 0.3097 0.3053 0.1477 -0.0893 -0.0205 0.0142  64  GLY A N   
493 C  CA  . GLY A 64 ? 0.2681 0.2855 0.1290 -0.0599 -0.0557 0.0179  64  GLY A CA  
494 C  C   . GLY A 64 ? 0.2137 0.2023 0.0531 -0.1074 -0.0598 0.0282  64  GLY A C   
495 O  O   . GLY A 64 ? 0.2010 0.2540 0.1337 -0.0830 -0.0156 0.0170  64  GLY A O   
496 N  N   . PRO A 65 ? 0.1806 0.2026 0.1242 -0.0796 -0.1132 0.0564  65  PRO A N   
497 C  CA  . PRO A 65 ? 0.1467 0.1883 0.1625 -0.0466 -0.0462 0.0427  65  PRO A CA  
498 C  C   . PRO A 65 ? 0.1197 0.1433 0.1245 -0.0294 -0.0287 0.0233  65  PRO A C   
499 O  O   . PRO A 65 ? 0.1352 0.1560 0.1282 -0.0388 -0.0302 0.0351  65  PRO A O   
500 C  CB  . PRO A 65 ? 0.1573 0.1984 0.2314 -0.0307 -0.0665 0.0454  65  PRO A CB  
501 C  CG  . PRO A 65 ? 0.2040 0.2012 0.2567 -0.0139 -0.1197 0.0366  65  PRO A CG  
502 C  CD  . PRO A 65 ? 0.2208 0.2266 0.2011 -0.0269 -0.1281 0.0525  65  PRO A CD  
503 N  N   . ASN A 66 ? 0.1013 0.1375 0.1193 -0.0223 -0.0168 0.0198  66  ASN A N   
504 C  CA  . ASN A 66 ? 0.0961 0.1339 0.1095 -0.0184 -0.0131 0.0154  66  ASN A CA  
505 C  C   . ASN A 66 ? 0.1077 0.1359 0.0987 -0.0228 -0.0115 0.0087  66  ASN A C   
506 O  O   . ASN A 66 ? 0.1027 0.1951 0.1130 -0.0327 -0.0099 -0.0055 66  ASN A O   
507 C  CB  . ASN A 66 ? 0.1194 0.1313 0.1201 -0.0157 -0.0129 0.0021  66  ASN A CB  
508 C  CG  . ASN A 66 ? 0.1389 0.1366 0.1181 0.0122  -0.0007 0.0218  66  ASN A CG  
509 O  OD1 . ASN A 66 ? 0.1474 0.1656 0.1488 0.0230  0.0130  0.0315  66  ASN A OD1 
510 N  ND2 . ASN A 66 ? 0.1557 0.1544 0.1352 0.0210  0.0144  0.0221  66  ASN A ND2 
511 N  N   . ARG A 67 ? 0.0996 0.1405 0.1076 -0.0284 -0.0035 0.0096  67  ARG A N   
512 C  CA  . ARG A 67 ? 0.1291 0.1337 0.0988 -0.0279 -0.0113 0.0048  67  ARG A CA  
513 C  C   . ARG A 67 ? 0.1210 0.1338 0.1019 -0.0362 0.0072  0.0019  67  ARG A C   
514 O  O   . ARG A 67 ? 0.1350 0.1299 0.1501 -0.0310 0.0033  0.0082  67  ARG A O   
515 C  CB  . ARG A 67 ? 0.1386 0.1594 0.1060 -0.0253 -0.0092 0.0070  67  ARG A CB  
516 C  CG  . ARG A 67 ? 0.1266 0.1486 0.0969 -0.0167 -0.0114 0.0144  67  ARG A CG  
517 C  CD  . ARG A 67 ? 0.1327 0.1563 0.1069 -0.0038 -0.0033 0.0254  67  ARG A CD  
518 N  NE  . ARG A 67 ? 0.1335 0.1428 0.1083 -0.0088 -0.0006 0.0115  67  ARG A NE  
519 C  CZ  . ARG A 67 ? 0.1350 0.1650 0.1178 -0.0123 -0.0075 0.0169  67  ARG A CZ  
520 N  NH1 . ARG A 67 ? 0.1473 0.1944 0.1346 -0.0112 -0.0008 0.0328  67  ARG A NH1 
521 N  NH2 . ARG A 67 ? 0.1380 0.2059 0.1183 0.0015  0.0107  0.0231  67  ARG A NH2 
522 N  N   . CYS A 68 ? 0.1294 0.1262 0.1110 -0.0221 0.0165  -0.0084 68  CYS A N   
523 C  CA  A CYS A 68 ? 0.1425 0.1353 0.1114 -0.0111 0.0105  -0.0188 68  CYS A CA  
524 C  CA  B CYS A 68 ? 0.1353 0.1373 0.1126 -0.0105 0.0130  -0.0153 68  CYS A CA  
525 C  C   . CYS A 68 ? 0.1501 0.1256 0.1213 -0.0066 0.0310  -0.0160 68  CYS A C   
526 O  O   . CYS A 68 ? 0.1491 0.1370 0.1503 -0.0177 0.0374  -0.0196 68  CYS A O   
527 C  CB  A CYS A 68 ? 0.1532 0.1291 0.1120 -0.0071 0.0190  -0.0077 68  CYS A CB  
528 C  CB  B CYS A 68 ? 0.1298 0.1309 0.1052 -0.0007 0.0169  -0.0128 68  CYS A CB  
529 S  SG  A CYS A 68 ? 0.1629 0.1424 0.1225 -0.0003 0.0062  -0.0115 68  CYS A SG  
530 S  SG  B CYS A 68 ? 0.1202 0.1450 0.1074 0.0095  0.0118  -0.0337 68  CYS A SG  
531 N  N   . SER A 69 ? 0.1525 0.1381 0.1392 -0.0076 0.0395  -0.0329 69  SER A N   
532 C  CA  A SER A 69 ? 0.1803 0.1548 0.1360 -0.0032 0.0464  -0.0304 69  SER A CA  
533 C  CA  B SER A 69 ? 0.1658 0.1570 0.1500 -0.0028 0.0323  -0.0144 69  SER A CA  
534 C  C   . SER A 69 ? 0.1684 0.1710 0.1499 -0.0013 0.0547  -0.0156 69  SER A C   
535 O  O   . SER A 69 ? 0.1840 0.2419 0.1958 0.0218  0.0768  0.0147  69  SER A O   
536 C  CB  A SER A 69 ? 0.2214 0.1926 0.1913 0.0025  0.0530  -0.0464 69  SER A CB  
537 C  CB  B SER A 69 ? 0.1799 0.1614 0.1628 0.0054  0.0193  -0.0173 69  SER A CB  
538 O  OG  A SER A 69 ? 0.2545 0.2277 0.1895 -0.0196 0.0557  -0.0694 69  SER A OG  
539 O  OG  B SER A 69 ? 0.1821 0.1633 0.1005 0.0141  0.0236  -0.0238 69  SER A OG  
540 N  N   . ASN A 70 ? 0.1710 0.1544 0.1516 0.0147  0.0497  -0.0206 70  ASN A N   
541 C  CA  . ASN A 70 ? 0.1766 0.1718 0.1719 0.0209  0.0611  -0.0034 70  ASN A CA  
542 C  C   . ASN A 70 ? 0.1576 0.1264 0.1561 0.0209  0.0446  -0.0130 70  ASN A C   
543 O  O   . ASN A 70 ? 0.1522 0.1616 0.1376 0.0229  0.0290  -0.0053 70  ASN A O   
544 C  CB  . ASN A 70 ? 0.2440 0.1736 0.1892 0.0449  0.0727  -0.0152 70  ASN A CB  
545 C  CG  . ASN A 70 ? 0.2810 0.1531 0.1884 0.0059  0.0653  -0.0246 70  ASN A CG  
546 O  OD1 . ASN A 70 ? 0.2844 0.1861 0.1799 0.0044  0.0726  -0.0203 70  ASN A OD1 
547 N  ND2 . ASN A 70 ? 0.3589 0.2022 0.2316 0.0010  0.0532  -0.0511 70  ASN A ND2 
548 N  N   . SER A 71 ? 0.1539 0.1486 0.1528 0.0290  0.0446  -0.0017 71  SER A N   
549 C  CA  . SER A 71 ? 0.1510 0.1444 0.1593 0.0157  0.0388  -0.0069 71  SER A CA  
550 C  C   . SER A 71 ? 0.1605 0.1313 0.1481 0.0073  0.0334  -0.0079 71  SER A C   
551 O  O   . SER A 71 ? 0.1709 0.1409 0.1339 0.0040  0.0384  -0.0033 71  SER A O   
552 C  CB  . SER A 71 ? 0.1632 0.1282 0.1615 0.0166  0.0258  -0.0048 71  SER A CB  
553 O  OG  . SER A 71 ? 0.1495 0.1487 0.1959 0.0098  0.0221  -0.0047 71  SER A OG  
554 N  N   . LYS A 72 ? 0.1781 0.1370 0.1506 0.0174  0.0311  0.0016  72  LYS A N   
555 C  CA  . LYS A 72 ? 0.2020 0.1139 0.1652 0.0057  0.0307  -0.0027 72  LYS A CA  
556 C  C   . LYS A 72 ? 0.1858 0.1161 0.1440 -0.0205 0.0405  -0.0169 72  LYS A C   
557 O  O   . LYS A 72 ? 0.2091 0.1278 0.1581 -0.0297 0.0477  -0.0013 72  LYS A O   
558 C  CB  . LYS A 72 ? 0.2556 0.1435 0.2311 -0.0013 0.0150  0.0028  72  LYS A CB  
559 C  CG  . LYS A 72 ? 0.2928 0.2086 0.2762 0.0184  -0.0133 0.0231  72  LYS A CG  
560 C  CD  . LYS A 72 ? 0.3165 0.2312 0.3086 0.0250  0.0011  0.0197  72  LYS A CD  
561 C  CE  . LYS A 72 ? 0.3532 0.2905 0.3404 0.0185  -0.0141 0.0228  72  LYS A CE  
562 N  NZ  . LYS A 72 ? 0.3864 0.3242 0.3747 0.0295  -0.0214 0.0178  72  LYS A NZ  
563 N  N   . GLN A 73 ? 0.1593 0.1113 0.1334 -0.0119 0.0400  -0.0140 73  GLN A N   
564 C  CA  . GLN A 73 ? 0.1567 0.1178 0.1166 -0.0181 0.0255  -0.0157 73  GLN A CA  
565 C  C   . GLN A 73 ? 0.1291 0.1183 0.1170 -0.0252 0.0280  -0.0100 73  GLN A C   
566 O  O   . GLN A 73 ? 0.1446 0.1392 0.1062 -0.0135 0.0084  -0.0079 73  GLN A O   
567 C  CB  . GLN A 73 ? 0.1615 0.1354 0.1041 -0.0284 0.0278  -0.0203 73  GLN A CB  
568 C  CG  . GLN A 73 ? 0.1933 0.1432 0.1288 -0.0324 0.0327  -0.0272 73  GLN A CG  
569 C  CD  . GLN A 73 ? 0.2015 0.1504 0.1274 -0.0377 0.0396  -0.0294 73  GLN A CD  
570 O  OE1 . GLN A 73 ? 0.2208 0.1730 0.1539 -0.0660 0.0660  -0.0305 73  GLN A OE1 
571 N  NE2 . GLN A 73 ? 0.2727 0.2189 0.1287 -0.0670 0.0291  -0.0373 73  GLN A NE2 
572 N  N   . CYS A 74 ? 0.1220 0.1068 0.1146 -0.0019 0.0214  -0.0119 74  CYS A N   
573 C  CA  A CYS A 74 ? 0.1188 0.1173 0.1082 -0.0164 0.0174  -0.0039 74  CYS A CA  
574 C  CA  B CYS A 74 ? 0.1130 0.1093 0.1044 -0.0130 0.0171  -0.0033 74  CYS A CA  
575 C  C   . CYS A 74 ? 0.1164 0.0992 0.1027 -0.0141 0.0110  0.0001  74  CYS A C   
576 O  O   . CYS A 74 ? 0.1201 0.1040 0.1144 -0.0033 0.0209  0.0009  74  CYS A O   
577 C  CB  A CYS A 74 ? 0.1385 0.1378 0.1060 -0.0241 0.0297  -0.0060 74  CYS A CB  
578 C  CB  B CYS A 74 ? 0.1086 0.1005 0.0847 -0.0285 0.0216  0.0010  74  CYS A CB  
579 S  SG  A CYS A 74 ? 0.1429 0.1315 0.1375 -0.0180 0.0374  0.0004  74  CYS A SG  
580 S  SG  B CYS A 74 ? 0.0811 0.0816 0.0982 -0.0119 0.0194  0.0079  74  CYS A SG  
581 N  N   . ASP A 75 ? 0.1024 0.0990 0.1042 -0.0126 0.0161  0.0094  75  ASP A N   
582 C  CA  . ASP A 75 ? 0.0931 0.0960 0.1068 -0.0164 0.0144  0.0070  75  ASP A CA  
583 C  C   . ASP A 75 ? 0.0862 0.0914 0.1048 -0.0169 0.0148  0.0083  75  ASP A C   
584 O  O   . ASP A 75 ? 0.0915 0.1050 0.1079 -0.0189 0.0012  0.0194  75  ASP A O   
585 C  CB  . ASP A 75 ? 0.0879 0.1069 0.1149 -0.0077 0.0034  0.0136  75  ASP A CB  
586 C  CG  . ASP A 75 ? 0.0851 0.1210 0.1314 -0.0082 0.0148  0.0086  75  ASP A CG  
587 O  OD1 . ASP A 75 ? 0.1062 0.1201 0.1235 -0.0292 0.0080  0.0110  75  ASP A OD1 
588 O  OD2 . ASP A 75 ? 0.1139 0.1576 0.1752 0.0001  0.0445  0.0143  75  ASP A OD2 
589 N  N   . GLY A 76 ? 0.0885 0.0934 0.1068 -0.0192 0.0115  0.0095  76  GLY A N   
590 C  CA  . GLY A 76 ? 0.0835 0.0999 0.1054 -0.0139 0.0142  0.0156  76  GLY A CA  
591 C  C   . GLY A 76 ? 0.0920 0.1026 0.0995 -0.0071 0.0087  0.0245  76  GLY A C   
592 O  O   . GLY A 76 ? 0.0918 0.1151 0.1199 -0.0064 0.0173  0.0118  76  GLY A O   
593 N  N   . ALA A 77 ? 0.0906 0.1057 0.1121 -0.0095 0.0158  0.0178  77  ALA A N   
594 C  CA  . ALA A 77 ? 0.0855 0.1350 0.1079 -0.0270 0.0023  0.0315  77  ALA A CA  
595 C  C   . ALA A 77 ? 0.0698 0.1543 0.1194 -0.0468 -0.0016 0.0398  77  ALA A C   
596 O  O   . ALA A 77 ? 0.0932 0.2290 0.1355 -0.0529 -0.0088 0.0736  77  ALA A O   
597 C  CB  . ALA A 77 ? 0.1119 0.1519 0.1183 -0.0270 0.0004  0.0357  77  ALA A CB  
598 N  N   . ARG A 78 ? 0.0733 0.1126 0.1035 -0.0251 0.0050  0.0197  78  ARG A N   
599 C  CA  . ARG A 78 ? 0.0766 0.0982 0.1028 -0.0173 0.0107  0.0129  78  ARG A CA  
600 C  C   . ARG A 78 ? 0.0826 0.1045 0.1122 -0.0181 0.0032  0.0155  78  ARG A C   
601 O  O   . ARG A 78 ? 0.1058 0.0939 0.1356 -0.0142 0.0190  0.0099  78  ARG A O   
602 C  CB  . ARG A 78 ? 0.0828 0.1035 0.0952 -0.0147 0.0122  0.0116  78  ARG A CB  
603 C  CG  . ARG A 78 ? 0.0827 0.1178 0.1054 -0.0042 0.0091  0.0058  78  ARG A CG  
604 C  CD  . ARG A 78 ? 0.0884 0.1032 0.1044 -0.0060 0.0131  0.0050  78  ARG A CD  
605 N  NE  . ARG A 78 ? 0.0961 0.1130 0.1043 -0.0031 0.0103  0.0034  78  ARG A NE  
606 C  CZ  . ARG A 78 ? 0.1012 0.1030 0.1027 -0.0016 0.0006  -0.0005 78  ARG A CZ  
607 N  NH1 . ARG A 78 ? 0.1164 0.1085 0.1124 0.0055  -0.0136 0.0101  78  ARG A NH1 
608 N  NH2 . ARG A 78 ? 0.1175 0.1067 0.1092 -0.0048 -0.0063 -0.0005 78  ARG A NH2 
609 N  N   . THR A 79 ? 0.0823 0.0875 0.1128 -0.0035 0.0124  0.0023  79  THR A N   
610 C  CA  . THR A 79 ? 0.0905 0.1030 0.1188 -0.0024 0.0214  0.0054  79  THR A CA  
611 C  C   . THR A 79 ? 0.0815 0.0989 0.1106 0.0006  0.0128  -0.0006 79  THR A C   
612 O  O   . THR A 79 ? 0.1062 0.1146 0.1072 0.0044  0.0191  0.0016  79  THR A O   
613 C  CB  . THR A 79 ? 0.0991 0.1356 0.1240 0.0049  0.0100  0.0056  79  THR A CB  
614 O  OG1 . THR A 79 ? 0.0993 0.1486 0.1321 -0.0112 0.0116  -0.0168 79  THR A OG1 
615 C  CG2 . THR A 79 ? 0.1274 0.1503 0.1335 0.0225  0.0055  0.0225  79  THR A CG2 
616 N  N   . CYS A 80 ? 0.1094 0.1195 0.1176 0.0183  0.0269  0.0026  80  CYS A N   
617 C  CA  A CYS A 80 ? 0.1409 0.1283 0.0937 0.0194  0.0294  0.0030  80  CYS A CA  
618 C  CA  B CYS A 80 ? 0.1250 0.1445 0.1103 0.0092  0.0215  0.0067  80  CYS A CA  
619 C  C   . CYS A 80 ? 0.1003 0.1498 0.1174 0.0154  0.0228  0.0082  80  CYS A C   
620 O  O   . CYS A 80 ? 0.1090 0.1932 0.1764 0.0285  0.0359  0.0376  80  CYS A O   
621 C  CB  A CYS A 80 ? 0.1808 0.1705 0.1471 0.0098  0.0241  -0.0151 80  CYS A CB  
622 C  CB  B CYS A 80 ? 0.1797 0.1675 0.1349 0.0052  0.0171  -0.0031 80  CYS A CB  
623 S  SG  A CYS A 80 ? 0.1703 0.1624 0.1330 -0.0122 0.0306  -0.0090 80  CYS A SG  
624 S  SG  B CYS A 80 ? 0.1687 0.1634 0.1158 0.0138  0.0358  -0.0210 80  CYS A SG  
625 N  N   . SER A 81 ? 0.0827 0.1479 0.1013 -0.0022 0.0163  -0.0002 81  SER A N   
626 C  CA  . SER A 81 ? 0.0895 0.1656 0.0968 -0.0096 0.0110  -0.0003 81  SER A CA  
627 C  C   . SER A 81 ? 0.0875 0.1714 0.1071 0.0051  0.0166  0.0143  81  SER A C   
628 O  O   . SER A 81 ? 0.1085 0.1513 0.1041 0.0031  0.0160  0.0002  81  SER A O   
629 C  CB  . SER A 81 ? 0.0989 0.1361 0.1141 -0.0171 0.0106  -0.0020 81  SER A CB  
630 O  OG  . SER A 81 ? 0.0955 0.1405 0.1081 -0.0142 0.0041  -0.0002 81  SER A OG  
631 N  N   . SER A 82 ? 0.0962 0.2190 0.1108 -0.0246 0.0131  0.0037  82  SER A N   
632 C  CA  . SER A 82 ? 0.0876 0.2441 0.1307 -0.0106 0.0364  0.0100  82  SER A CA  
633 C  C   . SER A 82 ? 0.1121 0.2181 0.1252 -0.0081 0.0253  0.0049  82  SER A C   
634 O  O   . SER A 82 ? 0.1618 0.2961 0.1390 0.0410  0.0182  -0.0019 82  SER A O   
635 C  CB  . SER A 82 ? 0.1321 0.2855 0.1617 -0.0372 0.0394  0.0204  82  SER A CB  
636 O  OG  . SER A 82 ? 0.2071 0.3070 0.2807 -0.0728 0.0158  0.0274  82  SER A OG  
637 N  N   . SER A 83 ? 0.1161 0.1634 0.1050 -0.0229 0.0223  0.0005  83  SER A N   
638 C  CA  . SER A 83 ? 0.1204 0.1510 0.1220 -0.0144 0.0367  0.0159  83  SER A CA  
639 C  C   . SER A 83 ? 0.1255 0.1372 0.1121 -0.0129 0.0321  0.0008  83  SER A C   
640 O  O   . SER A 83 ? 0.1400 0.1821 0.1207 -0.0077 0.0045  0.0223  83  SER A O   
641 C  CB  . SER A 83 ? 0.1639 0.1499 0.1593 -0.0213 0.0518  0.0106  83  SER A CB  
642 O  OG  . SER A 83 ? 0.2171 0.1618 0.1950 -0.0331 0.1153  -0.0110 83  SER A OG  
643 N  N   . GLY A 84 ? 0.1009 0.1345 0.1000 -0.0095 0.0171  -0.0048 84  GLY A N   
644 C  CA  . GLY A 84 ? 0.1172 0.1251 0.1003 0.0005  0.0111  -0.0046 84  GLY A CA  
645 C  C   . GLY A 84 ? 0.1073 0.1213 0.0940 -0.0087 0.0080  0.0033  84  GLY A C   
646 O  O   . GLY A 84 ? 0.1130 0.1226 0.0943 -0.0118 0.0042  -0.0017 84  GLY A O   
647 N  N   . PHE A 85 ? 0.0893 0.1136 0.0883 -0.0106 0.0067  -0.0029 85  PHE A N   
648 C  CA  . PHE A 85 ? 0.0871 0.1037 0.0884 0.0006  0.0116  -0.0052 85  PHE A CA  
649 C  C   . PHE A 85 ? 0.0812 0.1149 0.0858 -0.0018 -0.0003 -0.0008 85  PHE A C   
650 O  O   . PHE A 85 ? 0.0870 0.1293 0.0929 -0.0034 0.0031  0.0124  85  PHE A O   
651 C  CB  . PHE A 85 ? 0.1027 0.1245 0.0863 0.0048  0.0111  -0.0038 85  PHE A CB  
652 C  CG  . PHE A 85 ? 0.1186 0.1095 0.1015 0.0034  0.0055  0.0031  85  PHE A CG  
653 C  CD1 . PHE A 85 ? 0.1304 0.1311 0.0999 0.0211  -0.0041 -0.0011 85  PHE A CD1 
654 C  CD2 . PHE A 85 ? 0.1465 0.1230 0.1002 -0.0070 0.0144  -0.0054 85  PHE A CD2 
655 C  CE1 . PHE A 85 ? 0.1503 0.1436 0.1236 0.0299  -0.0183 0.0047  85  PHE A CE1 
656 C  CE2 . PHE A 85 ? 0.1856 0.1401 0.1085 -0.0091 0.0142  0.0121  85  PHE A CE2 
657 C  CZ  . PHE A 85 ? 0.1804 0.1326 0.1105 0.0251  -0.0193 -0.0016 85  PHE A CZ  
658 N  N   . CYS A 86 ? 0.0815 0.1201 0.0926 -0.0114 -0.0028 -0.0033 86  CYS A N   
659 C  CA  A CYS A 86 ? 0.0966 0.1042 0.0851 -0.0134 0.0033  0.0023  86  CYS A CA  
660 C  CA  B CYS A 86 ? 0.0874 0.1020 0.0921 -0.0063 0.0014  0.0028  86  CYS A CA  
661 C  C   . CYS A 86 ? 0.0818 0.1032 0.0967 -0.0023 0.0105  0.0113  86  CYS A C   
662 O  O   . CYS A 86 ? 0.0987 0.1169 0.0952 0.0040  -0.0093 -0.0029 86  CYS A O   
663 C  CB  A CYS A 86 ? 0.1168 0.1284 0.1126 -0.0228 0.0213  -0.0072 86  CYS A CB  
664 C  CB  B CYS A 86 ? 0.0969 0.1016 0.1040 -0.0119 0.0014  0.0001  86  CYS A CB  
665 S  SG  A CYS A 86 ? 0.1360 0.1374 0.1371 -0.0329 0.0237  -0.0139 86  CYS A SG  
666 S  SG  B CYS A 86 ? 0.0794 0.0874 0.1135 -0.0316 -0.0314 0.0234  86  CYS A SG  
667 N  N   . GLN A 87 ? 0.0847 0.0895 0.0867 -0.0051 0.0051  0.0044  87  GLN A N   
668 C  CA  . GLN A 87 ? 0.0738 0.0979 0.0874 -0.0012 0.0017  0.0059  87  GLN A CA  
669 C  C   . GLN A 87 ? 0.0666 0.0924 0.0983 -0.0052 0.0104  0.0107  87  GLN A C   
670 O  O   . GLN A 87 ? 0.0850 0.0964 0.0907 -0.0068 -0.0004 0.0075  87  GLN A O   
671 C  CB  . GLN A 87 ? 0.0794 0.0985 0.1014 -0.0076 0.0119  0.0090  87  GLN A CB  
672 C  CG  . GLN A 87 ? 0.0738 0.1217 0.1002 -0.0033 0.0105  0.0040  87  GLN A CG  
673 C  CD  . GLN A 87 ? 0.0833 0.1490 0.0994 -0.0171 0.0115  -0.0082 87  GLN A CD  
674 O  OE1 . GLN A 87 ? 0.0971 0.1648 0.1323 -0.0436 -0.0046 0.0259  87  GLN A OE1 
675 N  NE2 . GLN A 87 ? 0.0845 0.1903 0.1435 0.0112  0.0136  -0.0216 87  GLN A NE2 
676 N  N   . GLY A 88 ? 0.0864 0.0957 0.0904 0.0040  0.0163  0.0137  88  GLY A N   
677 C  CA  . GLY A 88 ? 0.0910 0.1021 0.0862 -0.0028 0.0081  0.0038  88  GLY A CA  
678 C  C   . GLY A 88 ? 0.0843 0.0913 0.1093 -0.0116 0.0033  -0.0026 88  GLY A C   
679 O  O   . GLY A 88 ? 0.0930 0.1828 0.0964 -0.0236 0.0070  0.0034  88  GLY A O   
680 N  N   . THR A 89 ? 0.0898 0.1408 0.1019 -0.0071 0.0116  0.0330  89  THR A N   
681 C  CA  . THR A 89 ? 0.0975 0.1186 0.1035 -0.0105 0.0197  0.0077  89  THR A CA  
682 C  C   . THR A 89 ? 0.0920 0.1262 0.1017 -0.0100 0.0055  0.0085  89  THR A C   
683 O  O   . THR A 89 ? 0.1212 0.1257 0.1679 -0.0092 -0.0208 -0.0029 89  THR A O   
684 C  CB  . THR A 89 ? 0.1358 0.1308 0.1300 -0.0180 0.0368  -0.0048 89  THR A CB  
685 O  OG1 . THR A 89 ? 0.1712 0.1998 0.1569 -0.0093 0.0574  -0.0010 89  THR A OG1 
686 C  CG2 . THR A 89 ? 0.1608 0.1816 0.1256 -0.0085 0.0056  -0.0229 89  THR A CG2 
687 N  N   . ALA A 90 ? 0.1013 0.1198 0.1192 -0.0132 0.0246  0.0065  90  ALA A N   
688 C  CA  . ALA A 90 ? 0.1060 0.1254 0.1246 -0.0279 0.0210  0.0022  90  ALA A CA  
689 C  C   . ALA A 90 ? 0.1097 0.1269 0.1207 -0.0287 0.0210  -0.0027 90  ALA A C   
690 O  O   . ALA A 90 ? 0.1346 0.1241 0.1218 -0.0295 0.0242  -0.0014 90  ALA A O   
691 C  CB  . ALA A 90 ? 0.1316 0.1538 0.1277 -0.0316 0.0150  0.0050  90  ALA A CB  
692 N  N   . GLY A 91 ? 0.1470 0.1193 0.1263 -0.0284 0.0218  -0.0045 91  GLY A N   
693 C  CA  . GLY A 91 ? 0.1540 0.1453 0.1156 -0.0236 0.0057  -0.0106 91  GLY A CA  
694 C  C   . GLY A 91 ? 0.1530 0.1383 0.1154 -0.0202 0.0080  0.0004  91  GLY A C   
695 O  O   . GLY A 91 ? 0.1773 0.1867 0.1151 -0.0293 -0.0024 0.0292  91  GLY A O   
696 N  N   . HIS A 92 ? 0.1402 0.1197 0.1177 -0.0204 0.0170  0.0107  92  HIS A N   
697 C  CA  . HIS A 92 ? 0.1288 0.1246 0.1184 -0.0154 0.0262  -0.0052 92  HIS A CA  
698 C  C   . HIS A 92 ? 0.1544 0.1215 0.1215 -0.0216 0.0251  -0.0015 92  HIS A C   
699 O  O   . HIS A 92 ? 0.2045 0.1315 0.1671 -0.0309 0.0610  -0.0089 92  HIS A O   
700 C  CB  . HIS A 92 ? 0.1288 0.1140 0.1307 -0.0012 0.0287  0.0029  92  HIS A CB  
701 C  CG  . HIS A 92 ? 0.1048 0.1073 0.1420 -0.0131 0.0160  0.0018  92  HIS A CG  
702 N  ND1 . HIS A 92 ? 0.1414 0.1293 0.1315 -0.0002 0.0215  -0.0122 92  HIS A ND1 
703 C  CD2 . HIS A 92 ? 0.1337 0.1166 0.1231 -0.0261 0.0123  0.0188  92  HIS A CD2 
704 C  CE1 . HIS A 92 ? 0.1351 0.1317 0.1348 0.0007  0.0303  0.0003  92  HIS A CE1 
705 N  NE2 . HIS A 92 ? 0.1348 0.1292 0.1362 -0.0358 0.0310  -0.0044 92  HIS A NE2 
706 N  N   . ALA A 93 ? 0.1344 0.1230 0.1456 -0.0261 0.0379  -0.0154 93  ALA A N   
707 C  CA  . ALA A 93 ? 0.1518 0.1414 0.1445 -0.0266 0.0383  -0.0182 93  ALA A CA  
708 C  C   . ALA A 93 ? 0.1493 0.1350 0.1622 -0.0235 0.0323  -0.0141 93  ALA A C   
709 O  O   . ALA A 93 ? 0.1710 0.1728 0.1736 -0.0264 0.0077  -0.0066 93  ALA A O   
710 C  CB  . ALA A 93 ? 0.1495 0.1684 0.1563 -0.0096 0.0460  -0.0042 93  ALA A CB  
711 N  N   . ALA A 94 ? 0.1634 0.1400 0.2124 -0.0187 0.0346  -0.0164 94  ALA A N   
712 C  CA  . ALA A 94 ? 0.2069 0.1433 0.2519 -0.0153 0.0282  0.0069  94  ALA A CA  
713 C  C   . ALA A 94 ? 0.2042 0.1399 0.2530 -0.0006 0.0391  0.0103  94  ALA A C   
714 O  O   . ALA A 94 ? 0.2147 0.1752 0.2826 -0.0442 0.0076  0.0505  94  ALA A O   
715 C  CB  . ALA A 94 ? 0.2381 0.1531 0.3062 0.0009  0.0289  0.0044  94  ALA A CB  
716 N  N   . ALA A 95 ? 0.1565 0.1703 0.2244 -0.0054 0.0369  0.0143  95  ALA A N   
717 C  CA  . ALA A 95 ? 0.1866 0.1626 0.2307 -0.0147 0.0371  0.0233  95  ALA A CA  
718 C  C   . ALA A 95 ? 0.1534 0.1771 0.2047 -0.0180 0.0229  0.0117  95  ALA A C   
719 O  O   . ALA A 95 ? 0.1822 0.1959 0.2599 -0.0273 0.0257  0.0549  95  ALA A O   
720 C  CB  . ALA A 95 ? 0.2020 0.1992 0.2768 0.0046  0.0332  0.0018  95  ALA A CB  
721 O  OXT . ALA A 95 ? 0.1595 0.1581 0.2197 -0.0125 0.0420  0.0165  95  ALA A OXT 
722 CL CL  . CL  B .  ? 0.1296 0.1667 0.1495 -0.0016 -0.0262 0.0279  96  CL  A CL  
723 CL CL  . CL  C .  ? 0.1929 0.2131 0.2040 -0.0653 0.0251  -0.0191 97  CL  A CL  
724 CL CL  . CL  D .  ? 0.3028 0.4875 0.3848 0.0685  0.1667  0.0314  98  CL  A CL  
725 C  C1  . GOL E .  ? 0.2214 0.2403 0.2413 -0.0158 0.0247  -0.0214 99  GOL A C1  
726 O  O1  . GOL E .  ? 0.2256 0.1859 0.2194 -0.0093 -0.0187 -0.0093 99  GOL A O1  
727 C  C2  . GOL E .  ? 0.2639 0.2817 0.2679 -0.0108 0.0221  0.0050  99  GOL A C2  
728 O  O2  . GOL E .  ? 0.3085 0.2869 0.3065 -0.0028 0.0125  0.0313  99  GOL A O2  
729 C  C3  . GOL E .  ? 0.2839 0.3281 0.3021 -0.0075 0.0124  -0.0047 99  GOL A C3  
730 O  O3  . GOL E .  ? 0.3164 0.3826 0.3067 0.0019  0.0011  0.0060  99  GOL A O3  
731 O  O   . HOH F .  ? 0.1144 0.1283 0.1230 -0.0247 0.0015  -0.0291 100 HOH A O   
732 O  O   . HOH F .  ? 0.1714 0.1439 0.1527 0.0366  0.0441  0.0294  101 HOH A O   
733 O  O   . HOH F .  ? 0.1650 0.1576 0.2552 -0.0106 0.0167  0.0231  102 HOH A O   
734 O  O   . HOH F .  ? 0.1535 0.1221 0.1629 -0.0244 0.0112  0.0069  103 HOH A O   
735 O  O   . HOH F .  ? 0.1150 0.1523 0.1046 -0.0245 0.0072  0.0150  104 HOH A O   
736 O  O   A HOH F .  ? 0.0766 0.0997 0.0866 -0.0012 -0.0065 -0.0004 105 HOH A O   
737 O  O   . HOH F .  ? 0.1644 0.1845 0.2083 -0.0285 0.0187  -0.0185 106 HOH A O   
738 O  O   . HOH F .  ? 0.1212 0.1605 0.2214 0.0229  0.0231  0.0408  107 HOH A O   
739 O  O   . HOH F .  ? 0.1270 0.1665 0.1476 0.0084  -0.0017 0.0392  108 HOH A O   
740 O  O   A HOH F .  ? 0.1881 0.3756 0.3045 0.0270  0.0221  0.0153  109 HOH A O   
741 O  O   B HOH F .  ? 0.3252 0.4082 0.4164 -0.0574 -0.0026 -0.0197 110 HOH A O   
742 O  O   . HOH F .  ? 0.0325 0.3045 0.3581 -0.0211 -0.0381 -0.0561 111 HOH A O   
743 O  O   . HOH F .  ? 0.1110 0.1479 0.1130 -0.0109 -0.0076 0.0166  112 HOH A O   
744 O  O   . HOH F .  ? 0.3174 0.2257 0.1952 0.0433  0.0535  0.0550  113 HOH A O   
745 O  O   . HOH F .  ? 0.1964 0.2079 0.1975 0.0208  0.0211  -0.0108 114 HOH A O   
746 O  O   . HOH F .  ? 0.1762 0.2288 0.2801 -0.0183 0.0191  -0.0318 115 HOH A O   
747 O  O   . HOH F .  ? 0.1811 0.2566 0.3224 -0.0257 0.1227  -0.0280 116 HOH A O   
748 O  O   . HOH F .  ? 0.1664 0.1285 0.4180 -0.0251 0.0157  0.0269  117 HOH A O   
749 O  O   . HOH F .  ? 0.2488 0.1588 0.3877 -0.0240 0.0431  -0.0403 118 HOH A O   
750 O  O   . HOH F .  ? 0.2349 0.2614 0.2403 0.0259  -0.0012 0.0141  119 HOH A O   
751 O  O   . HOH F .  ? 0.1986 0.3581 0.2557 0.0079  0.0395  0.0339  120 HOH A O   
752 O  O   . HOH F .  ? 0.2281 0.2653 0.2087 -0.0409 0.0244  0.0639  121 HOH A O   
753 O  O   . HOH F .  ? 0.2986 0.2019 0.3485 -0.0768 -0.0966 -0.0015 122 HOH A O   
754 O  O   . HOH F .  ? 0.1615 0.3431 0.2065 -0.0220 -0.0209 0.1145  123 HOH A O   
755 O  O   . HOH F .  ? 0.1733 0.2962 0.2043 -0.0078 0.0503  0.0197  124 HOH A O   
756 O  O   . HOH F .  ? 0.2235 0.2489 0.1884 -0.0163 0.0126  -0.0115 125 HOH A O   
757 O  O   . HOH F .  ? 0.1683 0.2120 0.2110 0.0410  -0.0076 0.0221  126 HOH A O   
758 O  O   . HOH F .  ? 0.2615 0.3520 0.2000 -0.0539 -0.0399 0.0472  127 HOH A O   
759 O  O   . HOH F .  ? 0.1676 0.2001 0.2801 0.0199  -0.0696 0.0232  128 HOH A O   
760 O  O   . HOH F .  ? 0.2428 0.2082 0.2585 0.0098  0.0387  0.0335  129 HOH A O   
761 O  O   . HOH F .  ? 0.2078 0.1987 0.1465 -0.0142 -0.0116 0.0107  130 HOH A O   
762 O  O   . HOH F .  ? 0.1820 0.2540 0.2391 0.0044  0.0478  -0.0006 131 HOH A O   
763 O  O   A HOH F .  ? 0.0907 0.2450 0.2904 -0.0235 0.0457  -0.0055 132 HOH A O   
764 O  O   . HOH F .  ? 0.1969 0.4380 0.3341 0.0577  0.0396  -0.0436 133 HOH A O   
765 O  O   A HOH F .  ? 0.1363 0.1721 0.1462 0.0170  0.0090  0.0130  134 HOH A O   
766 O  O   A HOH F .  ? 0.0996 0.1488 0.1575 -0.0233 -0.0295 0.0057  135 HOH A O   
767 O  O   . HOH F .  ? 0.2229 0.4047 0.1370 -0.0553 0.0383  -0.0032 136 HOH A O   
768 O  O   . HOH F .  ? 0.2675 0.2530 0.3648 -0.0623 0.0280  0.0167  137 HOH A O   
769 O  O   . HOH F .  ? 0.3161 0.2276 0.1778 -0.0425 0.0113  0.0147  138 HOH A O   
770 O  O   . HOH F .  ? 0.4127 0.3436 0.2819 0.0560  -0.0332 -0.1606 139 HOH A O   
771 O  O   . HOH F .  ? 0.3092 0.3742 0.4418 -0.0221 -0.0052 0.0607  140 HOH A O   
772 O  O   . HOH F .  ? 0.1715 0.3197 0.1620 0.0136  -0.0140 0.0087  141 HOH A O   
773 O  O   . HOH F .  ? 0.3470 0.2570 0.2198 -0.1198 0.0260  -0.0441 142 HOH A O   
774 O  O   B HOH F .  ? 0.1818 0.2609 0.1625 -0.0259 -0.0001 0.0338  143 HOH A O   
775 O  O   . HOH F .  ? 0.1786 0.2314 0.1876 0.0270  -0.0140 0.0454  144 HOH A O   
776 O  O   . HOH F .  ? 0.2675 0.2731 0.3191 -0.0285 -0.0181 0.0721  145 HOH A O   
777 O  O   . HOH F .  ? 0.1683 0.2821 0.2598 -0.0075 -0.0115 0.0151  146 HOH A O   
778 O  O   . HOH F .  ? 0.4471 0.3219 0.3176 0.0127  0.0674  -0.0744 147 HOH A O   
779 O  O   . HOH F .  ? 0.3446 0.2190 0.4353 -0.0346 0.0557  -0.0068 148 HOH A O   
780 O  O   . HOH F .  ? 0.3760 0.3923 0.3593 -0.0241 -0.0254 0.0322  149 HOH A O   
781 O  O   . HOH F .  ? 0.1565 0.2282 0.2186 -0.0011 0.0260  0.0088  150 HOH A O   
782 O  O   . HOH F .  ? 0.3560 0.1418 0.2012 -0.0263 -0.0328 0.0802  151 HOH A O   
783 O  O   . HOH F .  ? 0.2175 0.3842 0.2676 0.0494  0.0186  0.0643  152 HOH A O   
784 O  O   . HOH F .  ? 0.3611 0.4462 0.4210 -0.0086 0.0432  0.0291  153 HOH A O   
785 O  O   . HOH F .  ? 0.1959 0.2679 0.1436 -0.0294 0.0142  0.0166  154 HOH A O   
786 O  O   . HOH F .  ? 0.1360 0.2909 0.2832 0.0124  0.0370  0.0740  155 HOH A O   
787 O  O   . HOH F .  ? 0.1345 0.1856 0.1634 0.0174  -0.0253 -0.0049 156 HOH A O   
788 O  O   . HOH F .  ? 0.2358 0.4278 0.2433 -0.0025 0.0210  0.0714  157 HOH A O   
789 O  O   . HOH F .  ? 0.2484 0.3201 0.4557 0.0046  0.0018  0.0283  158 HOH A O   
790 O  O   . HOH F .  ? 0.2820 0.2652 0.3228 0.0026  0.0360  0.0402  159 HOH A O   
791 O  O   . HOH F .  ? 0.3593 0.4104 0.3406 0.0161  -0.1105 0.0084  160 HOH A O   
792 O  O   . HOH F .  ? 0.3895 0.3026 0.4469 -0.0248 0.0558  -0.0273 161 HOH A O   
793 O  O   . HOH F .  ? 0.3429 0.2376 0.4355 -0.0649 0.1367  0.0327  162 HOH A O   
794 O  O   . HOH F .  ? 0.4211 0.3151 0.3816 0.0284  -0.0690 0.0971  163 HOH A O   
795 O  O   . HOH F .  ? 0.3153 0.3084 0.3095 -0.1075 -0.0375 0.0141  164 HOH A O   
796 O  O   . HOH F .  ? 0.1706 0.4705 0.2308 -0.0898 0.0211  -0.0412 165 HOH A O   
797 O  O   . HOH F .  ? 0.3580 0.3819 0.4033 0.0514  -0.1312 0.0251  166 HOH A O   
798 O  O   . HOH F .  ? 0.2017 0.4126 0.2850 -0.0713 0.0205  -0.0256 167 HOH A O   
799 O  O   . HOH F .  ? 0.2478 0.3056 0.1601 -0.0661 -0.0369 -0.0089 168 HOH A O   
800 O  O   . HOH F .  ? 0.3811 0.3426 0.3442 0.0835  0.0676  0.0061  169 HOH A O   
801 O  O   . HOH F .  ? 0.1850 0.4388 0.1999 -0.0787 0.0102  0.0596  170 HOH A O   
802 O  O   . HOH F .  ? 0.2145 0.2675 0.3142 -0.0467 -0.0057 0.0019  171 HOH A O   
803 O  O   . HOH F .  ? 0.3639 0.2578 0.4499 -0.0953 -0.0912 -0.0460 172 HOH A O   
804 O  O   . HOH F .  ? 0.2566 0.3749 0.3989 0.1127  -0.0552 -0.1176 173 HOH A O   
805 O  O   . HOH F .  ? 0.3754 0.3203 0.3939 -0.0024 -0.0749 -0.0297 174 HOH A O   
806 O  O   A HOH F .  ? 0.3153 0.1454 0.2148 0.0337  0.0229  0.0328  175 HOH A O   
807 O  O   . HOH F .  ? 0.2605 0.2477 0.3437 0.0564  0.0191  0.0299  176 HOH A O   
808 O  O   . HOH F .  ? 0.5953 0.5878 0.5824 0.0029  0.0006  0.0108  177 HOH A O   
809 O  O   . HOH F .  ? 0.3281 0.3487 0.3031 0.0531  0.0461  -0.0002 178 HOH A O   
810 O  O   . HOH F .  ? 0.4000 0.2747 0.4399 0.0621  0.0617  -0.0819 179 HOH A O   
811 O  O   B HOH F .  ? 0.2136 0.2238 0.2841 0.0087  0.0067  0.0606  180 HOH A O   
812 O  O   . HOH F .  ? 0.4614 0.4165 0.3922 -0.0152 -0.0287 -0.0396 181 HOH A O   
813 O  O   . HOH F .  ? 0.3349 0.2641 0.2059 0.0634  -0.0327 0.0162  182 HOH A O   
814 O  O   . HOH F .  ? 0.3304 0.4830 0.3105 0.0509  0.0188  0.0170  183 HOH A O   
815 O  O   . HOH F .  ? 0.4357 0.4656 0.5099 0.0225  0.0171  -0.0377 184 HOH A O   
816 O  O   . HOH F .  ? 0.4432 0.4775 0.3423 0.0373  0.0580  -0.0080 185 HOH A O   
817 O  O   . HOH F .  ? 0.4194 0.3938 0.3362 -0.0190 0.0995  0.0893  186 HOH A O   
818 O  O   . HOH F .  ? 0.2921 0.2632 0.5740 0.0255  0.0802  -0.0556 187 HOH A O   
819 O  O   B HOH F .  ? 0.2246 0.3598 0.3589 -0.0554 0.0379  0.0260  188 HOH A O   
820 O  O   . HOH F .  ? 0.3986 0.3609 0.3678 0.0674  0.0166  0.0112  189 HOH A O   
821 O  O   . HOH F .  ? 0.3142 0.3323 0.2442 -0.0152 0.0158  0.0247  190 HOH A O   
822 O  O   . HOH F .  ? 0.2843 0.3050 0.3112 0.0332  -0.0969 0.0339  191 HOH A O   
823 O  O   . HOH F .  ? 0.2633 0.3170 0.1719 -0.0628 0.0225  -0.0780 192 HOH A O   
824 O  O   . HOH F .  ? 0.4485 0.2278 0.4199 0.0362  -0.0373 0.0332  193 HOH A O   
825 O  O   . HOH F .  ? 0.2666 0.3986 0.3608 0.0117  0.0879  0.0471  194 HOH A O   
826 O  O   . HOH F .  ? 0.2210 0.4295 0.3501 -0.0591 -0.0076 -0.0613 195 HOH A O   
827 O  O   . HOH F .  ? 0.2482 0.4020 0.3662 -0.0054 0.0574  -0.0359 196 HOH A O   
828 O  O   . HOH F .  ? 0.3594 0.3964 0.3042 0.0623  -0.0989 0.0631  197 HOH A O   
829 O  O   . HOH F .  ? 0.4151 0.3332 0.4235 0.0041  -0.0268 0.0376  198 HOH A O   
830 O  O   . HOH F .  ? 0.2866 0.5102 0.3932 0.0007  0.0736  -0.0145 199 HOH A O   
831 O  O   . HOH F .  ? 0.4992 0.2211 0.4385 -0.0262 -0.0235 -0.0249 200 HOH A O   
832 O  O   . HOH F .  ? 0.2536 0.2952 0.2296 -0.0450 0.0175  0.0233  201 HOH A O   
833 O  O   . HOH F .  ? 0.3115 0.4100 0.3088 0.0778  0.0551  0.0403  202 HOH A O   
834 O  O   . HOH F .  ? 0.3313 0.3895 0.3508 -0.0500 -0.0342 0.0690  203 HOH A O   
835 O  O   . HOH F .  ? 0.4563 0.2843 0.4680 0.0816  -0.0100 -0.0298 204 HOH A O   
836 O  O   . HOH F .  ? 0.4417 0.4304 0.3208 0.0600  -0.1057 -0.0411 205 HOH A O   
837 O  O   . HOH F .  ? 0.4141 0.4533 0.2538 -0.0636 0.0530  -0.0207 206 HOH A O   
838 O  O   . HOH F .  ? 0.4597 0.3105 0.4598 0.0136  0.0660  0.0119  207 HOH A O   
839 O  O   . HOH F .  ? 0.3752 0.3948 0.4281 -0.0003 -0.0117 0.0205  208 HOH A O   
840 O  O   . HOH F .  ? 0.1933 0.2450 0.2183 -0.0007 -0.0024 -0.0737 209 HOH A O   
841 O  O   . HOH F .  ? 0.3436 0.5224 0.4337 0.0135  0.0339  0.0377  210 HOH A O   
842 O  O   . HOH F .  ? 0.3171 0.3483 0.3136 0.0003  0.0407  0.0354  211 HOH A O   
843 O  O   . HOH F .  ? 0.1500 0.1818 0.1513 -0.0288 -0.0006 0.0075  212 HOH A O   
844 O  O   . HOH F .  ? 0.4194 0.4598 0.4324 -0.0453 -0.0080 -0.0244 213 HOH A O   
845 O  O   . HOH F .  ? 0.3541 0.5093 0.2763 0.0312  -0.0421 0.0033  214 HOH A O   
846 O  O   . HOH F .  ? 0.3423 0.5029 0.4620 -0.0211 0.0047  0.0437  215 HOH A O   
847 O  O   . HOH F .  ? 0.4636 0.4357 0.4180 -0.0029 0.0324  0.0032  216 HOH A O   
848 O  O   . HOH F .  ? 0.4817 0.3289 0.4049 0.0606  -0.0425 -0.0004 217 HOH A O   
849 O  O   . HOH F .  ? 0.4269 0.3577 0.3002 0.0335  -0.0070 0.0359  218 HOH A O   
850 O  O   B HOH F .  ? 0.2295 0.1423 0.1233 -0.0394 0.0015  0.0013  219 HOH A O   
851 O  O   B HOH F .  ? 0.1163 0.2603 0.1668 -0.0588 0.0013  -0.0134 220 HOH A O   
852 O  O   . HOH F .  ? 0.3919 0.4257 0.4575 -0.0808 0.0149  0.0243  221 HOH A O   
853 O  O   . HOH F .  ? 0.3109 0.2825 0.2542 -0.0866 0.0477  0.0222  222 HOH A O   
854 O  O   . HOH F .  ? 0.3508 0.3217 0.4503 -0.0236 0.1711  -0.0271 223 HOH A O   
855 O  O   . HOH F .  ? 0.4761 0.4070 0.2901 -0.0527 0.0078  0.1068  224 HOH A O   
856 O  O   . HOH F .  ? 0.4069 0.4311 0.4939 -0.0856 0.0481  0.0116  225 HOH A O   
857 O  O   . HOH F .  ? 0.3845 0.3333 0.3485 -0.1017 0.0889  0.0989  226 HOH A O   
858 O  O   . HOH F .  ? 0.3833 0.3847 0.4004 -0.0290 0.0410  0.0377  227 HOH A O   
859 O  O   . HOH F .  ? 0.4596 0.4838 0.4735 -0.0082 0.0387  -0.0156 228 HOH A O   
# 
